data_7ZKD
#
_entry.id   7ZKD
#
_entity_poly.entity_id   1
_entity_poly.type   'polypeptide(L)'
_entity_poly.pdbx_seq_one_letter_code
;GPHMNNVMASSSSDTDSDSSPDRGLSRMCCVYKIHPGGNIWSTKKGEQAWFRRRFSKYEVMAYDRCNLEWGFSGKPRGLT
FEFLWDKEAAADGTC
;
_entity_poly.pdbx_strand_id   A
#
# COMPACT_ATOMS: atom_id res chain seq x y z
N ASN A 5 -1.12 18.82 37.24
CA ASN A 5 -0.62 17.44 37.13
C ASN A 5 0.71 17.40 36.37
N ASN A 6 0.65 17.68 35.09
CA ASN A 6 1.81 17.69 34.20
C ASN A 6 1.39 18.41 32.94
N VAL A 7 2.31 19.00 32.23
CA VAL A 7 1.95 19.74 31.03
C VAL A 7 1.53 18.80 29.91
N MET A 8 0.25 18.73 29.69
CA MET A 8 -0.30 17.88 28.68
C MET A 8 -0.73 18.71 27.50
N ALA A 9 -0.28 18.32 26.36
CA ALA A 9 -0.58 19.01 25.13
C ALA A 9 -1.74 18.32 24.42
N SER A 10 -2.27 18.96 23.42
CA SER A 10 -3.40 18.43 22.69
C SER A 10 -2.95 17.33 21.73
N SER A 11 -3.43 16.13 21.93
CA SER A 11 -3.06 15.04 21.08
C SER A 11 -4.04 14.93 19.89
N SER A 12 -3.72 15.69 18.86
CA SER A 12 -4.50 15.75 17.65
C SER A 12 -4.36 14.45 16.86
N SER A 13 -5.31 14.17 16.02
CA SER A 13 -5.21 13.01 15.17
C SER A 13 -4.66 13.42 13.79
N ASP A 14 -3.38 13.12 13.58
CA ASP A 14 -2.67 13.49 12.34
C ASP A 14 -3.23 12.71 11.18
N THR A 15 -3.36 11.43 11.36
CA THR A 15 -3.81 10.55 10.34
C THR A 15 -5.32 10.42 10.42
N ASP A 16 -5.96 11.24 9.68
CA ASP A 16 -7.37 11.24 9.61
C ASP A 16 -7.76 10.81 8.24
N SER A 17 -8.84 10.11 8.12
CA SER A 17 -9.17 9.53 6.86
C SER A 17 -10.41 10.13 6.24
N ASP A 18 -10.21 11.06 5.36
CA ASP A 18 -11.27 11.57 4.52
C ASP A 18 -10.96 11.10 3.15
N SER A 19 -11.36 9.91 2.87
CA SER A 19 -11.06 9.28 1.62
C SER A 19 -12.15 8.30 1.30
N SER A 20 -12.51 8.22 0.05
CA SER A 20 -13.41 7.21 -0.37
C SER A 20 -12.62 5.91 -0.45
N PRO A 21 -13.18 4.78 0.03
CA PRO A 21 -12.49 3.46 0.04
C PRO A 21 -11.89 3.13 -1.31
N ASP A 22 -12.68 3.34 -2.34
CA ASP A 22 -12.30 3.11 -3.71
C ASP A 22 -13.33 3.82 -4.54
N ARG A 23 -12.91 4.42 -5.62
CA ARG A 23 -13.80 5.14 -6.47
C ARG A 23 -14.00 4.46 -7.80
N GLY A 24 -13.37 3.30 -7.98
CA GLY A 24 -13.53 2.51 -9.18
C GLY A 24 -12.69 3.03 -10.33
N LEU A 25 -12.94 4.26 -10.70
CA LEU A 25 -12.17 4.93 -11.75
C LEU A 25 -10.80 5.26 -11.20
N SER A 26 -10.78 5.57 -9.93
CA SER A 26 -9.59 5.85 -9.22
C SER A 26 -9.48 4.86 -8.07
N ARG A 27 -8.84 3.77 -8.38
CA ARG A 27 -8.64 2.69 -7.43
C ARG A 27 -7.47 3.06 -6.52
N MET A 28 -7.75 3.73 -5.44
CA MET A 28 -6.71 4.18 -4.53
C MET A 28 -6.08 3.10 -3.69
N CYS A 29 -4.78 3.16 -3.64
CA CYS A 29 -3.96 2.25 -2.92
C CYS A 29 -3.05 3.01 -1.96
N CYS A 30 -2.57 2.33 -0.96
CA CYS A 30 -1.64 2.89 0.00
C CYS A 30 -0.23 2.55 -0.41
N VAL A 31 0.60 3.54 -0.53
CA VAL A 31 1.98 3.35 -0.89
C VAL A 31 2.85 3.58 0.33
N TYR A 32 3.55 2.53 0.73
CA TYR A 32 4.44 2.54 1.89
C TYR A 32 5.89 2.34 1.46
N LYS A 33 6.76 2.63 2.37
CA LYS A 33 8.18 2.43 2.23
C LYS A 33 8.57 1.47 3.35
N ILE A 34 9.07 0.32 2.98
CA ILE A 34 9.38 -0.71 3.94
C ILE A 34 10.84 -0.66 4.34
N HIS A 35 11.07 -0.58 5.61
CA HIS A 35 12.39 -0.57 6.18
C HIS A 35 12.53 -1.63 7.26
N PRO A 36 13.74 -2.21 7.44
CA PRO A 36 14.92 -1.90 6.65
C PRO A 36 14.83 -2.46 5.23
N GLY A 37 15.71 -2.01 4.39
CA GLY A 37 15.70 -2.45 3.02
C GLY A 37 15.44 -1.32 2.08
N GLY A 38 14.42 -0.54 2.36
CA GLY A 38 14.08 0.58 1.50
C GLY A 38 13.32 0.08 0.31
N ASN A 39 12.31 -0.69 0.56
CA ASN A 39 11.52 -1.30 -0.48
C ASN A 39 10.24 -0.49 -0.60
N ILE A 40 9.95 -0.01 -1.78
CA ILE A 40 8.72 0.71 -2.01
C ILE A 40 7.65 -0.32 -2.29
N TRP A 41 6.64 -0.34 -1.51
CA TRP A 41 5.62 -1.33 -1.64
C TRP A 41 4.25 -0.69 -1.50
N SER A 42 3.36 -1.04 -2.36
CA SER A 42 2.05 -0.47 -2.35
C SER A 42 1.00 -1.57 -2.17
N THR A 43 -0.12 -1.22 -1.59
CA THR A 43 -1.20 -2.15 -1.39
C THR A 43 -2.55 -1.46 -1.73
N LYS A 44 -3.31 -2.09 -2.60
CA LYS A 44 -4.57 -1.52 -3.06
C LYS A 44 -5.71 -1.78 -2.07
N LYS A 45 -6.17 -0.68 -1.48
CA LYS A 45 -7.21 -0.68 -0.45
C LYS A 45 -8.45 -1.39 -0.92
N GLY A 46 -8.88 -2.34 -0.13
CA GLY A 46 -10.06 -3.09 -0.44
C GLY A 46 -9.75 -4.47 -0.93
N GLU A 47 -8.52 -4.67 -1.38
CA GLU A 47 -8.11 -5.95 -1.87
C GLU A 47 -6.91 -6.46 -1.09
N GLN A 48 -6.61 -7.70 -1.29
CA GLN A 48 -5.52 -8.32 -0.65
C GLN A 48 -4.28 -8.21 -1.52
N ALA A 49 -3.18 -8.02 -0.90
CA ALA A 49 -1.93 -7.94 -1.56
C ALA A 49 -0.99 -8.91 -0.90
N TRP A 50 0.09 -9.15 -1.52
CA TRP A 50 1.08 -10.01 -0.99
C TRP A 50 2.37 -9.28 -0.94
N PHE A 51 2.93 -9.23 0.22
CA PHE A 51 4.17 -8.58 0.40
C PHE A 51 5.28 -9.52 0.00
N ARG A 52 5.85 -9.24 -1.15
CA ARG A 52 6.91 -10.07 -1.69
C ARG A 52 8.21 -9.67 -1.03
N ARG A 53 8.76 -10.55 -0.26
CA ARG A 53 10.00 -10.30 0.41
C ARG A 53 11.02 -11.36 -0.03
N ARG A 54 12.28 -11.17 0.35
CA ARG A 54 13.43 -12.04 0.02
C ARG A 54 13.14 -13.54 -0.08
N PHE A 55 12.50 -14.11 0.91
CA PHE A 55 12.22 -15.54 0.89
C PHE A 55 10.78 -15.81 1.23
N SER A 56 9.94 -14.82 1.14
CA SER A 56 8.58 -15.02 1.57
C SER A 56 7.61 -14.08 0.88
N LYS A 57 6.38 -14.47 0.86
CA LYS A 57 5.30 -13.62 0.46
C LYS A 57 4.33 -13.60 1.62
N TYR A 58 3.86 -12.46 1.95
CA TYR A 58 2.99 -12.35 3.09
C TYR A 58 1.63 -11.84 2.67
N GLU A 59 0.61 -12.62 2.96
CA GLU A 59 -0.76 -12.24 2.70
C GLU A 59 -1.18 -11.10 3.61
N VAL A 60 -1.62 -10.01 3.03
CA VAL A 60 -2.07 -8.88 3.78
C VAL A 60 -3.13 -8.10 2.99
N MET A 61 -4.15 -7.66 3.64
CA MET A 61 -5.16 -6.88 2.96
C MET A 61 -5.19 -5.46 3.51
N ALA A 62 -5.31 -4.50 2.62
CA ALA A 62 -5.34 -3.10 2.99
C ALA A 62 -6.77 -2.63 3.18
N TYR A 63 -7.01 -1.99 4.30
CA TYR A 63 -8.31 -1.45 4.63
C TYR A 63 -8.55 -0.12 3.94
N ASP A 64 -9.80 0.27 3.87
CA ASP A 64 -10.26 1.48 3.17
C ASP A 64 -9.66 2.75 3.76
N ARG A 65 -9.52 2.79 5.09
CA ARG A 65 -8.98 3.97 5.78
C ARG A 65 -7.46 3.99 5.75
N CYS A 66 -6.90 3.02 5.05
CA CYS A 66 -5.47 2.84 4.88
C CYS A 66 -4.82 2.33 6.17
N ASN A 67 -4.75 1.02 6.26
CA ASN A 67 -4.16 0.29 7.37
C ASN A 67 -4.15 -1.15 6.92
N LEU A 68 -3.23 -1.95 7.38
CA LEU A 68 -3.15 -3.29 6.88
C LEU A 68 -3.58 -4.36 7.87
N GLU A 69 -3.93 -5.50 7.32
CA GLU A 69 -4.35 -6.66 8.07
C GLU A 69 -3.55 -7.84 7.57
N TRP A 70 -2.53 -8.20 8.30
CA TRP A 70 -1.68 -9.31 7.93
C TRP A 70 -2.33 -10.60 8.37
N GLY A 71 -2.46 -11.50 7.44
CA GLY A 71 -3.07 -12.78 7.69
C GLY A 71 -2.16 -13.74 8.44
N PHE A 72 -2.30 -15.01 8.13
CA PHE A 72 -1.55 -16.11 8.74
C PHE A 72 -0.07 -16.05 8.35
N SER A 73 0.22 -15.13 7.47
CA SER A 73 1.56 -14.85 7.00
C SER A 73 2.53 -14.67 8.16
N GLY A 74 2.12 -13.92 9.17
CA GLY A 74 2.95 -13.77 10.36
C GLY A 74 4.22 -13.00 10.10
N LYS A 75 4.13 -11.89 9.32
CA LYS A 75 5.30 -11.12 8.91
C LYS A 75 6.17 -10.70 10.12
N PRO A 76 7.47 -10.54 9.90
CA PRO A 76 8.40 -10.17 10.96
C PRO A 76 8.09 -8.85 11.66
N ARG A 77 8.27 -8.86 12.95
CA ARG A 77 8.24 -7.66 13.75
C ARG A 77 9.56 -6.95 13.65
N GLY A 78 9.56 -5.68 13.87
CA GLY A 78 10.80 -4.94 13.79
C GLY A 78 10.95 -4.26 12.46
N LEU A 79 9.97 -4.41 11.61
CA LEU A 79 9.97 -3.74 10.35
C LEU A 79 9.25 -2.44 10.52
N THR A 80 9.66 -1.49 9.78
CA THR A 80 9.12 -0.18 9.85
C THR A 80 8.34 0.10 8.58
N PHE A 81 7.10 0.45 8.75
CA PHE A 81 6.23 0.76 7.64
C PHE A 81 6.01 2.24 7.60
N GLU A 82 6.66 2.90 6.68
CA GLU A 82 6.52 4.31 6.56
C GLU A 82 5.50 4.60 5.48
N PHE A 83 4.43 5.25 5.85
CA PHE A 83 3.39 5.57 4.90
C PHE A 83 3.85 6.72 4.02
N LEU A 84 4.00 6.44 2.76
CA LEU A 84 4.43 7.46 1.84
C LEU A 84 3.27 8.30 1.39
N TRP A 85 2.35 7.67 0.71
CA TRP A 85 1.23 8.41 0.14
C TRP A 85 0.10 7.50 -0.31
N ASP A 86 -1.03 8.11 -0.56
CA ASP A 86 -2.20 7.46 -1.09
C ASP A 86 -2.22 7.82 -2.56
N LYS A 87 -2.35 6.85 -3.43
CA LYS A 87 -2.26 7.08 -4.87
C LYS A 87 -3.24 6.14 -5.54
N GLU A 88 -3.43 6.27 -6.82
CA GLU A 88 -4.31 5.38 -7.52
C GLU A 88 -3.49 4.34 -8.25
N ALA A 89 -4.09 3.20 -8.46
CA ALA A 89 -3.49 2.09 -9.17
C ALA A 89 -3.19 2.48 -10.62
N ALA A 90 -2.49 1.61 -11.30
CA ALA A 90 -2.12 1.83 -12.68
C ALA A 90 -3.33 1.58 -13.58
N ALA A 91 -3.13 1.74 -14.86
CA ALA A 91 -4.21 1.66 -15.84
C ALA A 91 -4.84 0.27 -15.92
N ASP A 92 -4.11 -0.73 -15.50
CA ASP A 92 -4.59 -2.11 -15.52
C ASP A 92 -5.36 -2.39 -14.24
N GLY A 93 -5.24 -1.49 -13.30
CA GLY A 93 -5.95 -1.61 -12.07
C GLY A 93 -5.12 -2.18 -10.94
N THR A 94 -3.82 -2.29 -11.12
CA THR A 94 -3.00 -2.80 -10.04
C THR A 94 -2.12 -1.71 -9.46
N CYS A 95 -1.77 -1.85 -8.22
CA CYS A 95 -0.91 -0.91 -7.58
C CYS A 95 0.25 -1.70 -7.02
N ASN A 5 -26.45 20.86 -5.68
CA ASN A 5 -26.50 21.04 -7.14
C ASN A 5 -26.17 22.48 -7.53
N ASN A 6 -26.96 23.40 -7.06
CA ASN A 6 -26.86 24.80 -7.48
C ASN A 6 -25.64 25.52 -6.89
N VAL A 7 -25.34 25.22 -5.65
CA VAL A 7 -24.29 25.93 -4.95
C VAL A 7 -22.92 25.29 -5.16
N MET A 8 -22.16 25.88 -6.05
CA MET A 8 -20.77 25.54 -6.32
C MET A 8 -20.11 26.80 -6.81
N ALA A 9 -18.88 27.00 -6.46
CA ALA A 9 -18.16 28.17 -6.90
C ALA A 9 -17.64 27.97 -8.32
N SER A 10 -18.47 28.31 -9.28
CA SER A 10 -18.12 28.19 -10.68
C SER A 10 -17.24 29.36 -11.09
N SER A 11 -17.23 30.39 -10.25
CA SER A 11 -16.44 31.57 -10.46
C SER A 11 -14.97 31.32 -10.09
N SER A 12 -14.72 30.22 -9.40
CA SER A 12 -13.40 29.89 -8.96
C SER A 12 -13.16 28.39 -9.08
N SER A 13 -12.54 27.99 -10.14
CA SER A 13 -12.13 26.63 -10.31
C SER A 13 -10.87 26.41 -9.48
N ASP A 14 -11.10 26.07 -8.23
CA ASP A 14 -10.06 25.88 -7.25
C ASP A 14 -9.56 24.45 -7.30
N THR A 15 -8.26 24.28 -7.26
CA THR A 15 -7.65 22.97 -7.43
C THR A 15 -7.59 22.21 -6.11
N ASP A 16 -6.84 22.75 -5.20
CA ASP A 16 -6.61 22.15 -3.92
C ASP A 16 -7.59 22.73 -2.97
N SER A 17 -8.76 22.28 -3.14
CA SER A 17 -9.92 22.75 -2.44
C SER A 17 -9.94 22.42 -0.97
N ASP A 18 -10.10 23.47 -0.17
CA ASP A 18 -10.29 23.31 1.26
C ASP A 18 -11.73 22.93 1.51
N SER A 19 -11.96 21.69 1.31
CA SER A 19 -13.22 21.03 1.42
C SER A 19 -12.82 19.59 1.68
N SER A 20 -13.45 18.65 1.06
CA SER A 20 -12.94 17.30 1.09
C SER A 20 -11.55 17.31 0.39
N PRO A 21 -10.46 17.00 1.13
CA PRO A 21 -9.09 17.02 0.58
C PRO A 21 -8.77 15.71 -0.11
N ASP A 22 -9.73 14.85 -0.10
CA ASP A 22 -9.66 13.57 -0.75
C ASP A 22 -9.75 13.82 -2.23
N ARG A 23 -8.63 13.76 -2.90
CA ARG A 23 -8.57 14.12 -4.27
C ARG A 23 -8.79 12.91 -5.16
N GLY A 24 -8.38 11.76 -4.70
CA GLY A 24 -8.52 10.56 -5.48
C GLY A 24 -8.90 9.36 -4.66
N LEU A 25 -10.19 9.18 -4.43
CA LEU A 25 -10.71 8.04 -3.67
C LEU A 25 -11.14 6.92 -4.59
N SER A 26 -10.62 6.91 -5.77
CA SER A 26 -10.90 5.88 -6.73
C SER A 26 -9.94 4.72 -6.47
N ARG A 27 -10.21 4.04 -5.36
CA ARG A 27 -9.43 2.97 -4.83
C ARG A 27 -8.00 3.39 -4.54
N MET A 28 -7.81 3.90 -3.35
CA MET A 28 -6.52 4.36 -2.90
C MET A 28 -5.53 3.21 -2.82
N CYS A 29 -4.41 3.42 -3.39
CA CYS A 29 -3.36 2.53 -3.26
C CYS A 29 -2.36 3.13 -2.32
N CYS A 30 -2.29 2.49 -1.21
CA CYS A 30 -1.41 2.85 -0.15
C CYS A 30 0.00 2.47 -0.47
N VAL A 31 0.84 3.46 -0.61
CA VAL A 31 2.22 3.26 -0.91
C VAL A 31 3.03 3.43 0.35
N TYR A 32 3.64 2.35 0.78
CA TYR A 32 4.47 2.29 1.95
C TYR A 32 5.93 2.08 1.59
N LYS A 33 6.78 2.34 2.54
CA LYS A 33 8.20 2.15 2.43
C LYS A 33 8.64 1.26 3.58
N ILE A 34 9.29 0.18 3.26
CA ILE A 34 9.69 -0.81 4.21
C ILE A 34 11.11 -0.57 4.64
N HIS A 35 11.28 -0.40 5.91
CA HIS A 35 12.57 -0.27 6.51
C HIS A 35 12.77 -1.45 7.45
N PRO A 36 13.95 -2.06 7.49
CA PRO A 36 15.08 -1.69 6.65
C PRO A 36 15.02 -2.33 5.25
N GLY A 37 15.84 -1.85 4.38
CA GLY A 37 15.88 -2.34 3.04
C GLY A 37 15.56 -1.22 2.07
N GLY A 38 14.60 -0.39 2.45
CA GLY A 38 14.19 0.69 1.59
C GLY A 38 13.35 0.16 0.48
N ASN A 39 12.45 -0.73 0.82
CA ASN A 39 11.62 -1.39 -0.14
C ASN A 39 10.28 -0.68 -0.26
N ILE A 40 9.97 -0.16 -1.40
CA ILE A 40 8.71 0.51 -1.59
C ILE A 40 7.65 -0.53 -1.92
N TRP A 41 6.60 -0.54 -1.15
CA TRP A 41 5.57 -1.52 -1.29
C TRP A 41 4.21 -0.84 -1.35
N SER A 42 3.51 -1.04 -2.42
CA SER A 42 2.22 -0.47 -2.62
C SER A 42 1.14 -1.54 -2.61
N THR A 43 0.01 -1.23 -2.03
CA THR A 43 -1.13 -2.12 -2.02
C THR A 43 -2.38 -1.27 -2.19
N LYS A 44 -3.46 -1.85 -2.61
CA LYS A 44 -4.67 -1.11 -2.85
C LYS A 44 -5.74 -1.43 -1.79
N LYS A 45 -6.36 -0.38 -1.28
CA LYS A 45 -7.54 -0.55 -0.40
C LYS A 45 -8.55 -1.52 -1.04
N GLY A 46 -8.85 -2.57 -0.32
CA GLY A 46 -9.84 -3.49 -0.79
C GLY A 46 -9.25 -4.79 -1.30
N GLU A 47 -7.99 -4.79 -1.67
CA GLU A 47 -7.43 -6.01 -2.22
C GLU A 47 -6.74 -6.80 -1.12
N GLN A 48 -6.69 -8.09 -1.28
CA GLN A 48 -5.84 -8.87 -0.47
C GLN A 48 -4.55 -8.97 -1.22
N ALA A 49 -3.53 -8.50 -0.63
CA ALA A 49 -2.27 -8.39 -1.27
C ALA A 49 -1.26 -9.21 -0.57
N TRP A 50 -0.14 -9.32 -1.18
CA TRP A 50 0.92 -10.05 -0.61
C TRP A 50 2.12 -9.18 -0.50
N PHE A 51 2.61 -9.10 0.68
CA PHE A 51 3.80 -8.40 0.93
C PHE A 51 4.93 -9.30 0.55
N ARG A 52 5.43 -9.06 -0.62
CA ARG A 52 6.53 -9.80 -1.12
C ARG A 52 7.77 -9.20 -0.52
N ARG A 53 8.28 -9.85 0.46
CA ARG A 53 9.50 -9.44 1.04
C ARG A 53 10.58 -10.15 0.27
N ARG A 54 11.81 -9.70 0.39
CA ARG A 54 12.98 -10.24 -0.32
C ARG A 54 12.89 -11.73 -0.76
N PHE A 55 12.57 -12.62 0.15
CA PHE A 55 12.43 -14.05 -0.20
C PHE A 55 11.17 -14.68 0.43
N SER A 56 10.22 -13.86 0.84
CA SER A 56 9.04 -14.37 1.53
C SER A 56 7.78 -13.62 1.10
N LYS A 57 6.61 -14.20 1.30
CA LYS A 57 5.37 -13.53 0.99
C LYS A 57 4.48 -13.50 2.21
N TYR A 58 3.77 -12.43 2.39
CA TYR A 58 2.88 -12.31 3.52
C TYR A 58 1.54 -11.78 3.06
N GLU A 59 0.53 -12.60 3.14
CA GLU A 59 -0.81 -12.18 2.81
C GLU A 59 -1.38 -11.19 3.79
N VAL A 60 -1.83 -10.10 3.26
CA VAL A 60 -2.38 -9.02 4.03
C VAL A 60 -3.41 -8.26 3.19
N MET A 61 -4.49 -7.87 3.78
CA MET A 61 -5.47 -7.10 3.06
C MET A 61 -5.53 -5.69 3.60
N ALA A 62 -5.57 -4.74 2.71
CA ALA A 62 -5.57 -3.33 3.08
C ALA A 62 -6.98 -2.78 3.10
N TYR A 63 -7.32 -2.09 4.14
CA TYR A 63 -8.60 -1.42 4.26
C TYR A 63 -8.46 0.04 3.91
N ASP A 64 -9.59 0.74 3.92
CA ASP A 64 -9.63 2.17 3.63
C ASP A 64 -8.75 2.93 4.59
N ARG A 65 -8.04 3.90 4.05
CA ARG A 65 -7.15 4.77 4.80
C ARG A 65 -5.91 3.99 5.27
N CYS A 66 -5.59 2.95 4.51
CA CYS A 66 -4.31 2.25 4.59
C CYS A 66 -4.09 1.42 5.85
N ASN A 67 -5.15 1.01 6.48
CA ASN A 67 -5.01 0.13 7.65
C ASN A 67 -4.94 -1.31 7.15
N LEU A 68 -3.92 -2.03 7.52
CA LEU A 68 -3.74 -3.38 7.00
C LEU A 68 -4.08 -4.47 7.98
N GLU A 69 -4.55 -5.56 7.43
CA GLU A 69 -4.96 -6.72 8.19
C GLU A 69 -4.16 -7.91 7.69
N TRP A 70 -3.16 -8.27 8.44
CA TRP A 70 -2.28 -9.36 8.10
C TRP A 70 -2.94 -10.69 8.38
N GLY A 71 -2.96 -11.53 7.38
CA GLY A 71 -3.54 -12.85 7.48
C GLY A 71 -2.68 -13.83 8.28
N PHE A 72 -2.73 -15.09 7.89
CA PHE A 72 -2.02 -16.18 8.57
C PHE A 72 -0.52 -16.10 8.30
N SER A 73 -0.17 -15.17 7.45
CA SER A 73 1.18 -14.86 7.04
C SER A 73 2.15 -14.78 8.23
N GLY A 74 1.73 -14.11 9.29
CA GLY A 74 2.57 -14.06 10.47
C GLY A 74 3.78 -13.17 10.30
N LYS A 75 3.60 -12.00 9.68
CA LYS A 75 4.70 -11.09 9.36
C LYS A 75 5.56 -10.73 10.58
N PRO A 76 6.89 -10.76 10.39
CA PRO A 76 7.88 -10.52 11.44
C PRO A 76 7.86 -9.12 12.03
N ARG A 77 8.19 -9.03 13.30
CA ARG A 77 8.35 -7.77 13.97
C ARG A 77 9.72 -7.23 13.63
N GLY A 78 9.88 -5.96 13.73
CA GLY A 78 11.17 -5.38 13.46
C GLY A 78 11.14 -4.63 12.17
N LEU A 79 10.09 -4.82 11.42
CA LEU A 79 9.96 -4.14 10.18
C LEU A 79 9.19 -2.88 10.39
N THR A 80 9.54 -1.90 9.67
CA THR A 80 8.93 -0.63 9.80
C THR A 80 8.24 -0.26 8.50
N PHE A 81 6.94 -0.16 8.57
CA PHE A 81 6.15 0.21 7.44
C PHE A 81 5.86 1.69 7.55
N GLU A 82 6.55 2.46 6.76
CA GLU A 82 6.36 3.88 6.76
C GLU A 82 5.42 4.22 5.64
N PHE A 83 4.39 4.94 5.97
CA PHE A 83 3.43 5.32 5.00
C PHE A 83 3.97 6.46 4.18
N LEU A 84 4.19 6.21 2.92
CA LEU A 84 4.66 7.25 2.06
C LEU A 84 3.52 8.12 1.65
N TRP A 85 2.60 7.54 0.93
CA TRP A 85 1.47 8.29 0.42
C TRP A 85 0.38 7.39 -0.07
N ASP A 86 -0.76 7.96 -0.26
CA ASP A 86 -1.86 7.29 -0.87
C ASP A 86 -2.02 7.91 -2.22
N LYS A 87 -2.24 7.11 -3.18
CA LYS A 87 -2.40 7.58 -4.52
C LYS A 87 -3.52 6.74 -5.09
N GLU A 88 -4.17 7.16 -6.12
CA GLU A 88 -5.29 6.38 -6.60
C GLU A 88 -4.84 5.31 -7.59
N ALA A 89 -5.55 4.23 -7.61
CA ALA A 89 -5.27 3.19 -8.55
C ALA A 89 -5.97 3.49 -9.84
N ALA A 90 -5.62 2.78 -10.87
CA ALA A 90 -6.25 2.92 -12.14
C ALA A 90 -7.62 2.29 -12.07
N ALA A 91 -8.46 2.55 -13.05
CA ALA A 91 -9.84 2.06 -13.05
C ALA A 91 -9.92 0.54 -13.06
N ASP A 92 -8.84 -0.09 -13.48
CA ASP A 92 -8.78 -1.54 -13.54
C ASP A 92 -8.40 -2.11 -12.17
N GLY A 93 -7.97 -1.24 -11.28
CA GLY A 93 -7.65 -1.66 -9.95
C GLY A 93 -6.17 -1.82 -9.70
N THR A 94 -5.33 -1.35 -10.61
CA THR A 94 -3.90 -1.50 -10.41
C THR A 94 -3.24 -0.18 -10.03
N CYS A 95 -2.20 -0.25 -9.25
CA CYS A 95 -1.46 0.91 -8.84
C CYS A 95 -0.08 0.85 -9.47
N ASN A 5 -10.35 -7.32 -15.66
CA ASN A 5 -11.36 -7.23 -16.72
C ASN A 5 -10.64 -7.08 -18.04
N ASN A 6 -10.99 -7.92 -19.00
CA ASN A 6 -10.32 -7.93 -20.30
C ASN A 6 -10.87 -6.85 -21.22
N VAL A 7 -12.13 -6.52 -21.02
CA VAL A 7 -12.78 -5.55 -21.84
C VAL A 7 -12.50 -4.16 -21.28
N MET A 8 -11.43 -3.58 -21.75
CA MET A 8 -10.99 -2.27 -21.32
C MET A 8 -10.05 -1.75 -22.39
N ALA A 9 -9.52 -0.58 -22.19
CA ALA A 9 -8.57 -0.02 -23.10
C ALA A 9 -7.24 0.10 -22.41
N SER A 10 -6.20 -0.28 -23.08
CA SER A 10 -4.86 -0.21 -22.55
C SER A 10 -4.29 1.18 -22.81
N SER A 11 -3.59 1.74 -21.81
CA SER A 11 -2.97 3.07 -21.89
C SER A 11 -4.04 4.18 -22.00
N SER A 12 -5.21 3.91 -21.46
CA SER A 12 -6.31 4.85 -21.46
C SER A 12 -6.17 5.83 -20.27
N SER A 13 -5.01 6.41 -20.15
CA SER A 13 -4.73 7.33 -19.09
C SER A 13 -3.74 8.36 -19.55
N ASP A 14 -4.26 9.49 -19.96
CA ASP A 14 -3.43 10.61 -20.35
C ASP A 14 -2.87 11.22 -19.09
N THR A 15 -1.70 11.78 -19.17
CA THR A 15 -1.09 12.33 -17.99
C THR A 15 -1.63 13.71 -17.64
N ASP A 16 -2.79 13.69 -17.05
CA ASP A 16 -3.50 14.86 -16.61
C ASP A 16 -4.40 14.46 -15.48
N SER A 17 -4.57 15.33 -14.54
CA SER A 17 -5.37 15.04 -13.40
C SER A 17 -6.75 15.69 -13.51
N ASP A 18 -7.71 14.93 -13.98
CA ASP A 18 -9.07 15.40 -14.04
C ASP A 18 -9.76 14.97 -12.81
N SER A 19 -9.87 13.70 -12.73
CA SER A 19 -10.45 13.01 -11.63
C SER A 19 -9.74 11.68 -11.55
N SER A 20 -9.57 11.15 -10.36
CA SER A 20 -9.00 9.83 -10.22
C SER A 20 -9.97 8.81 -10.83
N PRO A 21 -9.46 7.77 -11.51
CA PRO A 21 -10.28 6.74 -12.20
C PRO A 21 -10.98 5.76 -11.25
N ASP A 22 -11.13 6.20 -10.04
CA ASP A 22 -11.79 5.45 -8.98
C ASP A 22 -13.19 5.06 -9.36
N ARG A 23 -13.36 3.81 -9.56
CA ARG A 23 -14.64 3.25 -9.92
C ARG A 23 -14.59 1.76 -9.63
N GLY A 24 -14.30 1.44 -8.39
CA GLY A 24 -14.25 0.07 -7.93
C GLY A 24 -12.97 -0.65 -8.31
N LEU A 25 -12.66 -0.68 -9.58
CA LEU A 25 -11.45 -1.33 -10.07
C LEU A 25 -10.22 -0.53 -9.67
N SER A 26 -10.17 0.69 -10.12
CA SER A 26 -9.06 1.56 -9.85
C SER A 26 -9.30 2.37 -8.57
N ARG A 27 -9.33 1.67 -7.44
CA ARG A 27 -9.49 2.29 -6.12
C ARG A 27 -8.22 3.03 -5.71
N MET A 28 -8.29 3.70 -4.58
CA MET A 28 -7.15 4.39 -4.04
C MET A 28 -6.26 3.39 -3.31
N CYS A 29 -5.01 3.59 -3.39
CA CYS A 29 -4.07 2.72 -2.79
C CYS A 29 -3.23 3.43 -1.78
N CYS A 30 -2.78 2.68 -0.83
CA CYS A 30 -1.90 3.15 0.19
C CYS A 30 -0.48 2.73 -0.17
N VAL A 31 0.36 3.70 -0.45
CA VAL A 31 1.73 3.45 -0.83
C VAL A 31 2.64 3.70 0.38
N TYR A 32 3.36 2.66 0.75
CA TYR A 32 4.24 2.67 1.90
C TYR A 32 5.68 2.43 1.50
N LYS A 33 6.54 2.77 2.39
CA LYS A 33 7.94 2.54 2.27
C LYS A 33 8.33 1.69 3.47
N ILE A 34 8.70 0.48 3.19
CA ILE A 34 8.97 -0.49 4.23
C ILE A 34 10.40 -0.44 4.67
N HIS A 35 10.58 -0.22 5.93
CA HIS A 35 11.88 -0.20 6.53
C HIS A 35 11.94 -1.25 7.63
N PRO A 36 13.13 -1.81 7.88
CA PRO A 36 14.34 -1.47 7.16
C PRO A 36 14.40 -2.10 5.75
N GLY A 37 15.30 -1.62 4.95
CA GLY A 37 15.42 -2.09 3.61
C GLY A 37 15.12 -1.01 2.61
N GLY A 38 14.05 -0.29 2.84
CA GLY A 38 13.66 0.79 1.94
C GLY A 38 12.87 0.26 0.78
N ASN A 39 12.01 -0.67 1.06
CA ASN A 39 11.20 -1.33 0.04
C ASN A 39 9.90 -0.59 -0.14
N ILE A 40 9.72 0.04 -1.27
CA ILE A 40 8.48 0.75 -1.52
C ILE A 40 7.43 -0.22 -2.05
N TRP A 41 6.38 -0.37 -1.29
CA TRP A 41 5.36 -1.34 -1.54
C TRP A 41 4.00 -0.65 -1.47
N SER A 42 3.18 -0.91 -2.46
CA SER A 42 1.91 -0.29 -2.57
C SER A 42 0.78 -1.32 -2.54
N THR A 43 -0.24 -1.02 -1.80
CA THR A 43 -1.38 -1.88 -1.71
C THR A 43 -2.64 -1.06 -1.92
N LYS A 44 -3.48 -1.51 -2.80
CA LYS A 44 -4.71 -0.82 -3.07
C LYS A 44 -5.72 -1.19 -2.02
N LYS A 45 -6.36 -0.22 -1.41
CA LYS A 45 -7.40 -0.51 -0.46
C LYS A 45 -8.47 -1.37 -1.13
N GLY A 46 -8.79 -2.46 -0.51
CA GLY A 46 -9.79 -3.33 -1.04
C GLY A 46 -9.22 -4.57 -1.67
N GLU A 47 -7.93 -4.56 -2.00
CA GLU A 47 -7.33 -5.74 -2.58
C GLU A 47 -6.65 -6.53 -1.51
N GLN A 48 -6.51 -7.79 -1.73
CA GLN A 48 -5.66 -8.53 -0.90
C GLN A 48 -4.32 -8.52 -1.58
N ALA A 49 -3.35 -8.05 -0.91
CA ALA A 49 -2.05 -7.92 -1.47
C ALA A 49 -1.11 -8.88 -0.83
N TRP A 50 0.01 -9.02 -1.41
CA TRP A 50 1.02 -9.87 -0.92
C TRP A 50 2.29 -9.11 -0.75
N PHE A 51 2.83 -9.17 0.40
CA PHE A 51 4.07 -8.56 0.65
C PHE A 51 5.14 -9.54 0.26
N ARG A 52 5.74 -9.28 -0.86
CA ARG A 52 6.76 -10.13 -1.38
C ARG A 52 8.09 -9.85 -0.75
N ARG A 53 8.61 -10.83 -0.10
CA ARG A 53 9.91 -10.79 0.48
C ARG A 53 10.78 -11.74 -0.33
N ARG A 54 12.09 -11.62 -0.19
CA ARG A 54 13.08 -12.45 -0.90
C ARG A 54 12.73 -13.96 -0.92
N PHE A 55 12.46 -14.55 0.23
CA PHE A 55 12.13 -15.97 0.29
C PHE A 55 10.80 -16.20 0.99
N SER A 56 9.99 -15.17 1.06
CA SER A 56 8.75 -15.27 1.80
C SER A 56 7.66 -14.39 1.18
N LYS A 57 6.43 -14.69 1.47
CA LYS A 57 5.32 -13.86 1.07
C LYS A 57 4.40 -13.69 2.24
N TYR A 58 3.81 -12.56 2.36
CA TYR A 58 2.91 -12.32 3.45
C TYR A 58 1.60 -11.75 2.93
N GLU A 59 0.53 -12.49 3.12
CA GLU A 59 -0.79 -12.06 2.69
C GLU A 59 -1.38 -11.02 3.61
N VAL A 60 -1.77 -9.92 3.04
CA VAL A 60 -2.30 -8.84 3.81
C VAL A 60 -3.37 -8.09 3.01
N MET A 61 -4.37 -7.60 3.68
CA MET A 61 -5.40 -6.83 3.02
C MET A 61 -5.46 -5.41 3.60
N ALA A 62 -5.63 -4.42 2.74
CA ALA A 62 -5.63 -3.01 3.14
C ALA A 62 -7.04 -2.43 3.28
N TYR A 63 -7.29 -1.78 4.43
CA TYR A 63 -8.55 -1.13 4.77
C TYR A 63 -8.50 0.38 4.52
N ASP A 64 -9.68 0.99 4.37
CA ASP A 64 -9.82 2.42 4.03
C ASP A 64 -9.52 3.31 5.21
N ARG A 65 -8.29 3.81 5.19
CA ARG A 65 -7.67 4.67 6.21
C ARG A 65 -6.19 4.45 6.07
N CYS A 66 -5.85 3.34 5.43
CA CYS A 66 -4.52 2.84 5.27
C CYS A 66 -4.11 2.17 6.55
N ASN A 67 -4.65 0.99 6.68
CA ASN A 67 -4.47 0.11 7.79
C ASN A 67 -4.48 -1.27 7.20
N LEU A 68 -3.65 -2.14 7.68
CA LEU A 68 -3.55 -3.42 7.08
C LEU A 68 -3.89 -4.53 8.02
N GLU A 69 -4.26 -5.65 7.45
CA GLU A 69 -4.59 -6.83 8.20
C GLU A 69 -3.80 -7.98 7.64
N TRP A 70 -2.80 -8.37 8.34
CA TRP A 70 -1.96 -9.46 7.94
C TRP A 70 -2.57 -10.77 8.36
N GLY A 71 -2.58 -11.71 7.47
CA GLY A 71 -3.07 -13.02 7.76
C GLY A 71 -2.13 -13.85 8.65
N PHE A 72 -2.12 -15.14 8.41
CA PHE A 72 -1.33 -16.13 9.15
C PHE A 72 0.17 -15.96 8.86
N SER A 73 0.44 -15.05 7.98
CA SER A 73 1.75 -14.66 7.53
C SER A 73 2.75 -14.53 8.71
N GLY A 74 2.35 -13.85 9.78
CA GLY A 74 3.26 -13.67 10.91
C GLY A 74 4.43 -12.80 10.52
N LYS A 75 4.12 -11.73 9.78
CA LYS A 75 5.12 -10.89 9.17
C LYS A 75 6.16 -10.36 10.20
N PRO A 76 7.39 -10.10 9.72
CA PRO A 76 8.52 -9.68 10.55
C PRO A 76 8.20 -8.60 11.58
N ARG A 77 8.71 -8.82 12.76
CA ARG A 77 8.60 -7.88 13.85
C ARG A 77 9.68 -6.84 13.68
N GLY A 78 9.45 -5.64 14.17
CA GLY A 78 10.46 -4.64 14.07
C GLY A 78 10.42 -3.89 12.76
N LEU A 79 9.32 -4.00 12.05
CA LEU A 79 9.22 -3.33 10.77
C LEU A 79 8.62 -1.96 10.92
N THR A 80 9.03 -1.09 10.07
CA THR A 80 8.59 0.26 10.07
C THR A 80 7.89 0.53 8.76
N PHE A 81 6.63 0.80 8.82
CA PHE A 81 5.86 1.08 7.67
C PHE A 81 5.69 2.58 7.56
N GLU A 82 6.43 3.18 6.67
CA GLU A 82 6.32 4.60 6.48
C GLU A 82 5.31 4.84 5.41
N PHE A 83 4.22 5.44 5.76
CA PHE A 83 3.20 5.75 4.80
C PHE A 83 3.69 6.89 3.94
N LEU A 84 3.88 6.61 2.68
CA LEU A 84 4.36 7.60 1.76
C LEU A 84 3.21 8.45 1.32
N TRP A 85 2.28 7.84 0.63
CA TRP A 85 1.18 8.60 0.07
C TRP A 85 0.06 7.72 -0.36
N ASP A 86 -1.03 8.33 -0.69
CA ASP A 86 -2.16 7.66 -1.26
C ASP A 86 -2.13 7.95 -2.75
N LYS A 87 -2.61 7.06 -3.53
CA LYS A 87 -2.56 7.23 -4.97
C LYS A 87 -3.73 6.50 -5.59
N GLU A 88 -4.10 6.86 -6.78
CA GLU A 88 -5.09 6.12 -7.49
C GLU A 88 -4.42 5.02 -8.29
N ALA A 89 -5.07 3.91 -8.39
CA ALA A 89 -4.55 2.79 -9.14
C ALA A 89 -4.78 3.02 -10.61
N ALA A 90 -4.04 2.31 -11.44
CA ALA A 90 -4.20 2.42 -12.87
C ALA A 90 -5.45 1.67 -13.30
N ALA A 91 -5.76 1.66 -14.58
CA ALA A 91 -6.96 1.01 -15.11
C ALA A 91 -6.96 -0.50 -14.89
N ASP A 92 -5.78 -1.06 -14.64
CA ASP A 92 -5.66 -2.50 -14.40
C ASP A 92 -5.95 -2.78 -12.94
N GLY A 93 -5.94 -1.73 -12.15
CA GLY A 93 -6.25 -1.83 -10.78
C GLY A 93 -5.03 -1.89 -9.87
N THR A 94 -3.84 -1.59 -10.39
CA THR A 94 -2.68 -1.63 -9.51
C THR A 94 -1.99 -0.27 -9.41
N CYS A 95 -1.24 -0.09 -8.37
CA CYS A 95 -0.45 1.09 -8.22
C CYS A 95 1.02 0.75 -8.41
N ASN A 5 -0.08 -6.62 20.93
CA ASN A 5 0.65 -5.64 21.73
C ASN A 5 1.77 -5.04 20.92
N ASN A 6 1.74 -3.74 20.76
CA ASN A 6 2.77 -3.05 20.01
C ASN A 6 3.57 -2.16 20.94
N VAL A 7 4.75 -2.62 21.32
CA VAL A 7 5.59 -1.84 22.19
C VAL A 7 6.50 -0.95 21.37
N MET A 8 5.86 0.03 20.76
CA MET A 8 6.43 1.06 19.91
C MET A 8 5.39 2.13 19.84
N ALA A 9 5.76 3.31 19.49
CA ALA A 9 4.80 4.36 19.32
C ALA A 9 4.30 4.30 17.91
N SER A 10 3.01 4.09 17.75
CA SER A 10 2.43 4.03 16.44
C SER A 10 2.36 5.42 15.83
N SER A 11 3.34 5.72 15.03
CA SER A 11 3.45 6.96 14.39
C SER A 11 2.50 7.00 13.20
N SER A 12 1.34 7.56 13.44
CA SER A 12 0.33 7.71 12.45
C SER A 12 0.82 8.67 11.38
N SER A 13 0.85 8.20 10.16
CA SER A 13 1.30 8.99 9.07
C SER A 13 0.23 9.97 8.66
N ASP A 14 0.33 11.18 9.18
CA ASP A 14 -0.60 12.23 8.85
C ASP A 14 0.10 13.15 7.84
N THR A 15 -0.22 14.44 7.87
CA THR A 15 0.26 15.52 6.97
C THR A 15 -0.44 15.50 5.63
N ASP A 16 -1.31 14.49 5.45
CA ASP A 16 -2.15 14.40 4.29
C ASP A 16 -3.04 15.57 4.25
N SER A 17 -2.95 16.28 3.21
CA SER A 17 -3.74 17.41 3.00
C SER A 17 -4.70 17.08 1.89
N ASP A 18 -5.91 16.76 2.26
CA ASP A 18 -6.91 16.34 1.31
C ASP A 18 -7.32 17.50 0.44
N SER A 19 -6.96 17.43 -0.79
CA SER A 19 -7.31 18.36 -1.78
C SER A 19 -7.67 17.56 -3.00
N SER A 20 -8.78 16.91 -2.92
CA SER A 20 -9.20 15.99 -3.94
C SER A 20 -10.37 16.57 -4.73
N PRO A 21 -10.13 17.00 -5.98
CA PRO A 21 -11.17 17.53 -6.87
C PRO A 21 -12.31 16.53 -7.09
N ASP A 22 -11.96 15.25 -7.13
CA ASP A 22 -12.95 14.21 -7.38
C ASP A 22 -12.70 13.03 -6.46
N ARG A 23 -13.75 12.58 -5.80
CA ARG A 23 -13.62 11.48 -4.84
C ARG A 23 -14.07 10.15 -5.42
N GLY A 24 -14.22 10.10 -6.73
CA GLY A 24 -14.64 8.87 -7.38
C GLY A 24 -13.44 8.07 -7.81
N LEU A 25 -12.31 8.41 -7.26
CA LEU A 25 -11.08 7.74 -7.54
C LEU A 25 -10.86 6.70 -6.46
N SER A 26 -11.34 5.50 -6.68
CA SER A 26 -11.24 4.45 -5.68
C SER A 26 -10.18 3.40 -6.05
N ARG A 27 -9.44 3.68 -7.08
CA ARG A 27 -8.38 2.77 -7.56
C ARG A 27 -7.02 3.18 -6.98
N MET A 28 -7.08 4.00 -5.96
CA MET A 28 -5.92 4.49 -5.25
C MET A 28 -5.48 3.57 -4.13
N CYS A 29 -4.21 3.24 -4.14
CA CYS A 29 -3.64 2.35 -3.17
C CYS A 29 -2.70 3.11 -2.26
N CYS A 30 -2.48 2.56 -1.10
CA CYS A 30 -1.60 3.13 -0.14
C CYS A 30 -0.18 2.70 -0.43
N VAL A 31 0.63 3.65 -0.77
CA VAL A 31 2.01 3.42 -1.08
C VAL A 31 2.84 3.70 0.16
N TYR A 32 3.50 2.67 0.62
CA TYR A 32 4.33 2.69 1.80
C TYR A 32 5.79 2.46 1.45
N LYS A 33 6.64 2.87 2.32
CA LYS A 33 8.03 2.61 2.23
C LYS A 33 8.37 1.71 3.40
N ILE A 34 8.84 0.55 3.10
CA ILE A 34 9.09 -0.46 4.07
C ILE A 34 10.52 -0.39 4.56
N HIS A 35 10.66 -0.26 5.84
CA HIS A 35 11.94 -0.29 6.49
C HIS A 35 12.00 -1.48 7.43
N PRO A 36 13.15 -2.16 7.52
CA PRO A 36 14.36 -1.78 6.81
C PRO A 36 14.35 -2.25 5.36
N GLY A 37 15.26 -1.73 4.60
CA GLY A 37 15.38 -2.11 3.23
C GLY A 37 15.09 -0.97 2.30
N GLY A 38 14.12 -0.16 2.67
CA GLY A 38 13.76 0.98 1.85
C GLY A 38 13.01 0.52 0.63
N ASN A 39 12.08 -0.38 0.83
CA ASN A 39 11.33 -0.94 -0.28
C ASN A 39 10.00 -0.25 -0.42
N ILE A 40 9.71 0.22 -1.60
CA ILE A 40 8.44 0.87 -1.84
C ILE A 40 7.40 -0.19 -2.15
N TRP A 41 6.39 -0.27 -1.34
CA TRP A 41 5.38 -1.29 -1.46
C TRP A 41 4.01 -0.63 -1.42
N SER A 42 3.15 -1.00 -2.33
CA SER A 42 1.84 -0.41 -2.40
C SER A 42 0.76 -1.46 -2.12
N THR A 43 -0.28 -1.07 -1.42
CA THR A 43 -1.38 -1.96 -1.11
C THR A 43 -2.72 -1.25 -1.43
N LYS A 44 -3.53 -1.88 -2.25
CA LYS A 44 -4.78 -1.32 -2.68
C LYS A 44 -5.87 -1.56 -1.63
N LYS A 45 -6.30 -0.47 -1.01
CA LYS A 45 -7.35 -0.52 -0.01
C LYS A 45 -8.60 -1.17 -0.55
N GLY A 46 -9.04 -2.19 0.15
CA GLY A 46 -10.21 -2.89 -0.25
C GLY A 46 -9.91 -4.25 -0.85
N GLU A 47 -8.64 -4.55 -1.08
CA GLU A 47 -8.30 -5.87 -1.57
C GLU A 47 -7.12 -6.43 -0.79
N GLN A 48 -6.84 -7.68 -1.02
CA GLN A 48 -5.76 -8.34 -0.35
C GLN A 48 -4.50 -8.21 -1.19
N ALA A 49 -3.41 -7.95 -0.56
CA ALA A 49 -2.16 -7.76 -1.22
C ALA A 49 -1.14 -8.70 -0.62
N TRP A 50 -0.02 -8.81 -1.26
CA TRP A 50 1.04 -9.64 -0.77
C TRP A 50 2.30 -8.86 -0.64
N PHE A 51 2.87 -8.93 0.51
CA PHE A 51 4.12 -8.31 0.77
C PHE A 51 5.24 -9.25 0.39
N ARG A 52 6.04 -8.81 -0.53
CA ARG A 52 7.17 -9.58 -0.96
C ARG A 52 8.42 -9.16 -0.24
N ARG A 53 8.91 -10.03 0.56
CA ARG A 53 10.15 -9.86 1.26
C ARG A 53 11.13 -10.76 0.52
N ARG A 54 12.45 -10.59 0.77
CA ARG A 54 13.57 -11.38 0.17
C ARG A 54 13.16 -12.65 -0.61
N PHE A 55 12.64 -13.64 0.09
CA PHE A 55 12.21 -14.89 -0.53
C PHE A 55 10.93 -15.33 0.12
N SER A 56 10.18 -14.39 0.62
CA SER A 56 9.01 -14.72 1.39
C SER A 56 7.82 -13.89 0.92
N LYS A 57 6.63 -14.42 1.09
CA LYS A 57 5.42 -13.70 0.72
C LYS A 57 4.51 -13.62 1.91
N TYR A 58 3.91 -12.49 2.11
CA TYR A 58 3.03 -12.33 3.25
C TYR A 58 1.68 -11.77 2.82
N GLU A 59 0.65 -12.56 3.04
CA GLU A 59 -0.73 -12.17 2.75
C GLU A 59 -1.19 -11.09 3.73
N VAL A 60 -1.67 -10.00 3.21
CA VAL A 60 -2.16 -8.93 4.04
C VAL A 60 -3.24 -8.15 3.30
N MET A 61 -4.22 -7.67 4.01
CA MET A 61 -5.24 -6.88 3.39
C MET A 61 -5.36 -5.51 4.06
N ALA A 62 -5.38 -4.46 3.24
CA ALA A 62 -5.44 -3.08 3.71
C ALA A 62 -6.88 -2.57 3.68
N TYR A 63 -7.43 -2.26 4.84
CA TYR A 63 -8.79 -1.71 4.91
C TYR A 63 -8.75 -0.18 4.86
N ASP A 64 -9.39 0.41 3.85
CA ASP A 64 -9.56 1.91 3.66
C ASP A 64 -8.36 2.79 3.95
N ARG A 65 -8.14 3.14 5.22
CA ARG A 65 -6.98 3.98 5.58
C ARG A 65 -5.69 3.15 5.56
N CYS A 66 -5.90 1.92 5.18
CA CYS A 66 -4.93 0.91 5.00
C CYS A 66 -4.48 0.30 6.28
N ASN A 67 -5.48 -0.15 7.01
CA ASN A 67 -5.30 -0.95 8.18
C ASN A 67 -4.93 -2.31 7.67
N LEU A 68 -3.73 -2.68 7.88
CA LEU A 68 -3.21 -3.88 7.32
C LEU A 68 -3.34 -5.05 8.23
N GLU A 69 -4.16 -5.97 7.81
CA GLU A 69 -4.43 -7.16 8.56
C GLU A 69 -3.66 -8.28 7.92
N TRP A 70 -2.63 -8.68 8.58
CA TRP A 70 -1.79 -9.74 8.10
C TRP A 70 -2.43 -11.08 8.40
N GLY A 71 -2.47 -11.90 7.39
CA GLY A 71 -3.06 -13.21 7.47
C GLY A 71 -2.21 -14.22 8.24
N PHE A 72 -2.29 -15.46 7.82
CA PHE A 72 -1.59 -16.60 8.41
C PHE A 72 -0.09 -16.55 8.10
N SER A 73 0.26 -15.59 7.30
CA SER A 73 1.61 -15.32 6.85
C SER A 73 2.63 -15.27 7.99
N GLY A 74 2.24 -14.66 9.09
CA GLY A 74 3.12 -14.61 10.25
C GLY A 74 4.27 -13.65 10.04
N LYS A 75 3.97 -12.50 9.43
CA LYS A 75 5.00 -11.52 9.11
C LYS A 75 5.85 -11.08 10.31
N PRO A 76 7.17 -10.95 10.10
CA PRO A 76 8.12 -10.62 11.15
C PRO A 76 7.94 -9.23 11.77
N ARG A 77 8.27 -9.17 13.04
CA ARG A 77 8.33 -7.91 13.77
C ARG A 77 9.66 -7.25 13.48
N GLY A 78 9.74 -5.97 13.65
CA GLY A 78 10.98 -5.27 13.37
C GLY A 78 10.89 -4.48 12.09
N LEU A 79 9.71 -4.41 11.56
CA LEU A 79 9.46 -3.67 10.35
C LEU A 79 8.85 -2.32 10.69
N THR A 80 8.97 -1.42 9.80
CA THR A 80 8.41 -0.10 9.92
C THR A 80 7.76 0.25 8.59
N PHE A 81 6.52 0.66 8.66
CA PHE A 81 5.76 0.98 7.48
C PHE A 81 5.57 2.48 7.41
N GLU A 82 6.31 3.13 6.55
CA GLU A 82 6.17 4.55 6.40
C GLU A 82 5.23 4.82 5.27
N PHE A 83 4.06 5.31 5.58
CA PHE A 83 3.09 5.63 4.57
C PHE A 83 3.56 6.84 3.79
N LEU A 84 3.83 6.64 2.54
CA LEU A 84 4.33 7.70 1.71
C LEU A 84 3.18 8.51 1.19
N TRP A 85 2.27 7.84 0.51
CA TRP A 85 1.13 8.50 -0.10
C TRP A 85 0.13 7.49 -0.55
N ASP A 86 -1.01 7.94 -0.96
CA ASP A 86 -2.05 7.09 -1.49
C ASP A 86 -2.34 7.61 -2.89
N LYS A 87 -2.31 6.74 -3.87
CA LYS A 87 -2.38 7.17 -5.26
C LYS A 87 -2.88 6.02 -6.16
N GLU A 88 -3.55 6.36 -7.25
CA GLU A 88 -4.18 5.39 -8.18
C GLU A 88 -3.24 4.44 -8.89
N ALA A 89 -3.79 3.31 -9.23
CA ALA A 89 -3.12 2.33 -10.05
C ALA A 89 -3.28 2.71 -11.50
N ALA A 90 -2.64 1.99 -12.37
CA ALA A 90 -2.81 2.17 -13.78
C ALA A 90 -4.07 1.44 -14.22
N ALA A 91 -4.48 1.61 -15.47
CA ALA A 91 -5.69 0.99 -15.99
C ALA A 91 -5.61 -0.53 -15.94
N ASP A 92 -4.39 -1.03 -15.99
CA ASP A 92 -4.11 -2.46 -15.97
C ASP A 92 -4.20 -3.03 -14.55
N GLY A 93 -4.30 -2.15 -13.57
CA GLY A 93 -4.46 -2.59 -12.23
C GLY A 93 -3.15 -2.69 -11.48
N THR A 94 -2.11 -2.15 -12.04
CA THR A 94 -0.86 -2.14 -11.36
C THR A 94 -0.73 -0.88 -10.58
N CYS A 95 -0.44 -1.01 -9.34
CA CYS A 95 -0.38 0.14 -8.50
C CYS A 95 1.04 0.30 -8.06
N ASN A 5 18.30 -5.86 -29.76
CA ASN A 5 17.87 -4.57 -29.25
C ASN A 5 18.98 -3.98 -28.42
N ASN A 6 19.01 -2.67 -28.31
CA ASN A 6 20.04 -1.98 -27.54
C ASN A 6 19.49 -1.41 -26.25
N VAL A 7 18.19 -1.19 -26.23
CA VAL A 7 17.53 -0.64 -25.07
C VAL A 7 17.44 -1.68 -23.94
N MET A 8 17.97 -1.33 -22.81
CA MET A 8 17.95 -2.15 -21.60
C MET A 8 17.99 -1.22 -20.40
N ALA A 9 17.83 -1.79 -19.20
CA ALA A 9 17.94 -1.04 -17.94
C ALA A 9 16.86 0.03 -17.80
N SER A 10 15.78 -0.16 -18.52
CA SER A 10 14.69 0.76 -18.53
C SER A 10 13.87 0.56 -17.27
N SER A 11 14.06 1.45 -16.34
CA SER A 11 13.41 1.37 -15.08
C SER A 11 11.98 1.85 -15.21
N SER A 12 11.08 1.08 -14.71
CA SER A 12 9.72 1.47 -14.69
C SER A 12 9.46 2.21 -13.39
N SER A 13 9.66 3.49 -13.43
CA SER A 13 9.47 4.33 -12.29
C SER A 13 8.51 5.43 -12.66
N ASP A 14 7.24 5.13 -12.59
CA ASP A 14 6.25 6.13 -12.92
C ASP A 14 5.95 6.93 -11.69
N THR A 15 6.47 8.13 -11.66
CA THR A 15 6.34 9.00 -10.54
C THR A 15 5.15 9.94 -10.72
N ASP A 16 4.52 9.82 -11.88
CA ASP A 16 3.33 10.60 -12.22
C ASP A 16 2.29 10.41 -11.16
N SER A 17 1.74 11.48 -10.73
CA SER A 17 0.81 11.44 -9.66
C SER A 17 -0.34 12.39 -9.87
N ASP A 18 -1.41 12.11 -9.19
CA ASP A 18 -2.61 12.89 -9.16
C ASP A 18 -3.29 12.39 -7.90
N SER A 19 -4.50 12.76 -7.64
CA SER A 19 -5.15 12.30 -6.44
C SER A 19 -6.66 12.24 -6.61
N SER A 20 -7.21 11.07 -6.37
CA SER A 20 -8.62 10.90 -6.35
C SER A 20 -9.21 11.71 -5.16
N PRO A 21 -10.31 12.46 -5.39
CA PRO A 21 -10.84 13.41 -4.39
C PRO A 21 -11.57 12.80 -3.19
N ASP A 22 -12.08 11.61 -3.35
CA ASP A 22 -12.84 11.01 -2.24
C ASP A 22 -11.98 10.03 -1.46
N ARG A 23 -12.31 9.84 -0.19
CA ARG A 23 -11.55 8.98 0.70
C ARG A 23 -12.10 7.55 0.79
N GLY A 24 -13.25 7.30 0.18
CA GLY A 24 -13.83 5.99 0.23
C GLY A 24 -13.73 5.30 -1.10
N LEU A 25 -12.58 5.41 -1.71
CA LEU A 25 -12.37 4.83 -2.98
C LEU A 25 -11.48 3.63 -2.84
N SER A 26 -12.08 2.49 -2.84
CA SER A 26 -11.41 1.22 -2.65
C SER A 26 -10.78 0.72 -3.98
N ARG A 27 -10.44 1.64 -4.84
CA ARG A 27 -9.75 1.33 -6.08
C ARG A 27 -8.39 2.02 -6.03
N MET A 28 -8.22 2.80 -5.00
CA MET A 28 -7.05 3.59 -4.75
C MET A 28 -6.03 2.75 -3.97
N CYS A 29 -4.77 3.04 -4.08
CA CYS A 29 -3.74 2.24 -3.45
C CYS A 29 -2.92 3.03 -2.42
N CYS A 30 -2.63 2.39 -1.30
CA CYS A 30 -1.75 2.96 -0.30
C CYS A 30 -0.32 2.49 -0.58
N VAL A 31 0.54 3.42 -0.84
CA VAL A 31 1.93 3.13 -1.15
C VAL A 31 2.79 3.39 0.07
N TYR A 32 3.51 2.38 0.47
CA TYR A 32 4.36 2.41 1.63
C TYR A 32 5.81 2.13 1.23
N LYS A 33 6.66 2.41 2.13
CA LYS A 33 8.06 2.17 2.03
C LYS A 33 8.41 1.30 3.22
N ILE A 34 8.90 0.14 2.94
CA ILE A 34 9.14 -0.84 3.96
C ILE A 34 10.56 -0.80 4.43
N HIS A 35 10.70 -0.62 5.72
CA HIS A 35 11.97 -0.63 6.39
C HIS A 35 12.04 -1.85 7.31
N PRO A 36 13.21 -2.46 7.49
CA PRO A 36 14.44 -2.04 6.82
C PRO A 36 14.48 -2.45 5.35
N GLY A 37 15.41 -1.90 4.63
CA GLY A 37 15.53 -2.19 3.24
C GLY A 37 15.26 -0.97 2.42
N GLY A 38 14.09 -0.42 2.60
CA GLY A 38 13.69 0.71 1.82
C GLY A 38 13.01 0.25 0.57
N ASN A 39 12.15 -0.73 0.71
CA ASN A 39 11.44 -1.30 -0.41
C ASN A 39 10.12 -0.60 -0.59
N ILE A 40 9.87 -0.11 -1.77
CA ILE A 40 8.64 0.58 -2.03
C ILE A 40 7.60 -0.47 -2.37
N TRP A 41 6.58 -0.56 -1.57
CA TRP A 41 5.57 -1.56 -1.73
C TRP A 41 4.20 -0.90 -1.66
N SER A 42 3.31 -1.31 -2.49
CA SER A 42 2.02 -0.71 -2.56
C SER A 42 0.95 -1.77 -2.30
N THR A 43 -0.12 -1.37 -1.67
CA THR A 43 -1.21 -2.26 -1.43
C THR A 43 -2.50 -1.54 -1.84
N LYS A 44 -3.42 -2.27 -2.41
CA LYS A 44 -4.63 -1.68 -2.90
C LYS A 44 -5.72 -1.76 -1.85
N LYS A 45 -6.25 -0.61 -1.49
CA LYS A 45 -7.26 -0.45 -0.46
C LYS A 45 -8.51 -1.27 -0.78
N GLY A 46 -8.79 -2.24 0.05
CA GLY A 46 -9.94 -3.07 -0.13
C GLY A 46 -9.57 -4.45 -0.65
N GLU A 47 -8.41 -4.56 -1.23
CA GLU A 47 -7.93 -5.80 -1.79
C GLU A 47 -6.91 -6.45 -0.87
N GLN A 48 -6.78 -7.75 -0.97
CA GLN A 48 -5.75 -8.45 -0.26
C GLN A 48 -4.54 -8.55 -1.14
N ALA A 49 -3.43 -8.17 -0.62
CA ALA A 49 -2.20 -8.12 -1.34
C ALA A 49 -1.19 -9.01 -0.67
N TRP A 50 -0.10 -9.23 -1.31
CA TRP A 50 0.95 -10.01 -0.75
C TRP A 50 2.22 -9.22 -0.68
N PHE A 51 2.78 -9.17 0.49
CA PHE A 51 4.00 -8.48 0.72
C PHE A 51 5.16 -9.37 0.34
N ARG A 52 5.94 -8.91 -0.61
CA ARG A 52 7.11 -9.63 -1.01
C ARG A 52 8.30 -9.22 -0.19
N ARG A 53 8.78 -10.14 0.58
CA ARG A 53 9.98 -9.98 1.36
C ARG A 53 11.10 -10.66 0.59
N ARG A 54 12.33 -10.52 1.05
CA ARG A 54 13.51 -11.11 0.40
C ARG A 54 13.34 -12.58 -0.04
N PHE A 55 12.86 -13.44 0.83
CA PHE A 55 12.69 -14.86 0.49
C PHE A 55 11.29 -15.36 0.82
N SER A 56 10.35 -14.46 1.02
CA SER A 56 9.03 -14.87 1.46
C SER A 56 7.96 -13.90 0.99
N LYS A 57 6.71 -14.32 1.06
CA LYS A 57 5.60 -13.47 0.78
C LYS A 57 4.61 -13.53 1.94
N TYR A 58 3.92 -12.46 2.19
CA TYR A 58 3.00 -12.41 3.31
C TYR A 58 1.66 -11.85 2.91
N GLU A 59 0.63 -12.65 3.12
CA GLU A 59 -0.75 -12.25 2.88
C GLU A 59 -1.19 -11.12 3.82
N VAL A 60 -1.64 -10.05 3.24
CA VAL A 60 -2.10 -8.91 4.00
C VAL A 60 -3.17 -8.14 3.24
N MET A 61 -4.18 -7.69 3.92
CA MET A 61 -5.25 -6.95 3.29
C MET A 61 -5.25 -5.52 3.75
N ALA A 62 -5.39 -4.61 2.82
CA ALA A 62 -5.45 -3.20 3.11
C ALA A 62 -6.90 -2.77 3.23
N TYR A 63 -7.17 -1.98 4.21
CA TYR A 63 -8.50 -1.43 4.42
C TYR A 63 -8.61 -0.05 3.80
N ASP A 64 -9.84 0.42 3.55
CA ASP A 64 -10.09 1.74 2.92
C ASP A 64 -9.63 2.88 3.80
N ARG A 65 -9.49 2.59 5.09
CA ARG A 65 -8.98 3.54 6.08
C ARG A 65 -7.44 3.68 5.96
N CYS A 66 -6.87 2.88 5.07
CA CYS A 66 -5.44 2.82 4.80
C CYS A 66 -4.72 2.25 6.01
N ASN A 67 -5.04 1.00 6.28
CA ASN A 67 -4.50 0.25 7.39
C ASN A 67 -4.42 -1.17 6.91
N LEU A 68 -3.45 -1.93 7.37
CA LEU A 68 -3.30 -3.27 6.90
C LEU A 68 -3.58 -4.29 7.97
N GLU A 69 -3.99 -5.44 7.53
CA GLU A 69 -4.25 -6.56 8.40
C GLU A 69 -3.66 -7.79 7.81
N TRP A 70 -2.75 -8.33 8.54
CA TRP A 70 -1.98 -9.46 8.12
C TRP A 70 -2.69 -10.75 8.43
N GLY A 71 -2.63 -11.66 7.50
CA GLY A 71 -3.25 -12.95 7.64
C GLY A 71 -2.39 -13.93 8.41
N PHE A 72 -2.48 -15.19 8.03
CA PHE A 72 -1.77 -16.31 8.67
C PHE A 72 -0.26 -16.20 8.39
N SER A 73 0.09 -15.22 7.60
CA SER A 73 1.43 -14.87 7.24
C SER A 73 2.32 -14.71 8.46
N GLY A 74 1.79 -14.00 9.47
CA GLY A 74 2.53 -13.82 10.71
C GLY A 74 3.86 -13.12 10.47
N LYS A 75 3.83 -12.09 9.60
CA LYS A 75 5.04 -11.44 9.12
C LYS A 75 5.97 -10.98 10.26
N PRO A 76 7.28 -10.91 10.01
CA PRO A 76 8.27 -10.56 11.00
C PRO A 76 8.03 -9.20 11.67
N ARG A 77 8.20 -9.20 12.95
CA ARG A 77 8.13 -8.01 13.75
C ARG A 77 9.46 -7.29 13.61
N GLY A 78 9.47 -6.01 13.83
CA GLY A 78 10.71 -5.30 13.70
C GLY A 78 10.78 -4.53 12.41
N LEU A 79 9.68 -4.52 11.70
CA LEU A 79 9.59 -3.80 10.46
C LEU A 79 9.02 -2.42 10.73
N THR A 80 9.17 -1.55 9.81
CA THR A 80 8.63 -0.23 9.93
C THR A 80 8.03 0.16 8.60
N PHE A 81 6.79 0.51 8.64
CA PHE A 81 6.06 0.86 7.47
C PHE A 81 5.98 2.37 7.37
N GLU A 82 6.75 2.93 6.48
CA GLU A 82 6.75 4.35 6.26
C GLU A 82 5.77 4.62 5.15
N PHE A 83 4.67 5.25 5.46
CA PHE A 83 3.67 5.57 4.48
C PHE A 83 4.18 6.63 3.54
N LEU A 84 4.17 6.33 2.28
CA LEU A 84 4.61 7.27 1.30
C LEU A 84 3.47 8.13 0.85
N TRP A 85 2.49 7.51 0.23
CA TRP A 85 1.36 8.24 -0.32
C TRP A 85 0.22 7.34 -0.67
N ASP A 86 -0.94 7.92 -0.72
CA ASP A 86 -2.15 7.24 -1.13
C ASP A 86 -2.50 7.81 -2.49
N LYS A 87 -2.71 6.96 -3.47
CA LYS A 87 -2.89 7.41 -4.84
C LYS A 87 -3.54 6.28 -5.64
N GLU A 88 -4.10 6.59 -6.78
CA GLU A 88 -4.75 5.59 -7.61
C GLU A 88 -3.74 4.81 -8.45
N ALA A 89 -4.17 3.65 -8.94
CA ALA A 89 -3.30 2.76 -9.68
C ALA A 89 -3.11 3.21 -11.11
N ALA A 90 -2.22 2.54 -11.80
CA ALA A 90 -1.89 2.84 -13.18
C ALA A 90 -3.02 2.41 -14.11
N ALA A 91 -2.86 2.70 -15.39
CA ALA A 91 -3.85 2.38 -16.44
C ALA A 91 -4.03 0.87 -16.62
N ASP A 92 -3.15 0.10 -16.03
CA ASP A 92 -3.22 -1.35 -16.08
C ASP A 92 -3.85 -1.91 -14.79
N GLY A 93 -4.10 -1.02 -13.85
CA GLY A 93 -4.71 -1.40 -12.62
C GLY A 93 -3.71 -1.81 -11.56
N THR A 94 -2.44 -1.58 -11.80
CA THR A 94 -1.45 -1.93 -10.82
C THR A 94 -1.02 -0.69 -10.09
N CYS A 95 -0.87 -0.80 -8.81
CA CYS A 95 -0.53 0.33 -7.97
C CYS A 95 0.88 0.82 -8.30
N ASN A 5 9.77 -18.63 13.60
CA ASN A 5 9.37 -17.74 14.69
C ASN A 5 10.58 -17.04 15.20
N ASN A 6 10.40 -16.05 16.02
CA ASN A 6 11.49 -15.27 16.52
C ASN A 6 10.97 -14.48 17.69
N VAL A 7 11.77 -14.30 18.71
CA VAL A 7 11.40 -13.47 19.82
C VAL A 7 11.58 -12.04 19.36
N MET A 8 10.52 -11.48 18.90
CA MET A 8 10.55 -10.18 18.30
C MET A 8 10.56 -9.10 19.35
N ALA A 9 11.35 -8.09 19.12
CA ALA A 9 11.52 -7.03 20.06
C ALA A 9 10.38 -6.05 19.95
N SER A 10 10.02 -5.46 21.08
CA SER A 10 8.96 -4.50 21.14
C SER A 10 9.31 -3.31 20.25
N SER A 11 8.48 -3.07 19.27
CA SER A 11 8.73 -2.02 18.32
C SER A 11 8.26 -0.67 18.83
N SER A 12 8.83 0.38 18.29
CA SER A 12 8.45 1.72 18.65
C SER A 12 7.05 2.00 18.13
N SER A 13 6.25 2.59 18.95
CA SER A 13 4.91 2.89 18.61
C SER A 13 4.87 4.05 17.63
N ASP A 14 4.18 3.87 16.55
CA ASP A 14 4.02 4.93 15.59
C ASP A 14 2.70 5.58 15.81
N THR A 15 2.71 6.61 16.58
CA THR A 15 1.53 7.32 16.91
C THR A 15 1.82 8.78 16.84
N ASP A 16 1.51 9.34 15.73
CA ASP A 16 1.69 10.74 15.51
C ASP A 16 0.44 11.43 16.03
N SER A 17 0.45 12.73 16.12
CA SER A 17 -0.69 13.45 16.63
C SER A 17 -1.82 13.40 15.61
N ASP A 18 -1.46 13.30 14.35
CA ASP A 18 -2.42 13.24 13.29
C ASP A 18 -2.04 12.20 12.26
N SER A 19 -3.02 11.48 11.78
CA SER A 19 -2.83 10.45 10.79
C SER A 19 -3.63 10.82 9.52
N SER A 20 -3.74 12.13 9.25
CA SER A 20 -4.49 12.71 8.14
C SER A 20 -6.02 12.67 8.38
N PRO A 21 -6.64 13.82 8.72
CA PRO A 21 -8.08 13.91 8.93
C PRO A 21 -8.79 14.26 7.62
N ASP A 22 -8.00 14.33 6.59
CA ASP A 22 -8.42 14.62 5.25
C ASP A 22 -9.32 13.50 4.74
N ARG A 23 -10.27 13.84 3.90
CA ARG A 23 -11.22 12.87 3.37
C ARG A 23 -10.54 11.89 2.37
N GLY A 24 -9.32 12.20 2.00
CA GLY A 24 -8.56 11.38 1.09
C GLY A 24 -7.94 10.16 1.74
N LEU A 25 -8.75 9.43 2.43
CA LEU A 25 -8.42 8.16 3.02
C LEU A 25 -9.63 7.31 2.82
N SER A 26 -9.94 7.10 1.58
CA SER A 26 -11.06 6.38 1.13
C SER A 26 -10.77 5.93 -0.28
N ARG A 27 -10.75 4.63 -0.43
CA ARG A 27 -10.53 3.91 -1.71
C ARG A 27 -9.17 4.18 -2.35
N MET A 28 -8.27 4.75 -1.61
CA MET A 28 -6.96 5.05 -2.12
C MET A 28 -6.04 3.86 -1.91
N CYS A 29 -5.05 3.75 -2.74
CA CYS A 29 -4.06 2.73 -2.62
C CYS A 29 -2.96 3.28 -1.75
N CYS A 30 -2.69 2.60 -0.70
CA CYS A 30 -1.73 3.05 0.27
C CYS A 30 -0.33 2.58 -0.11
N VAL A 31 0.55 3.53 -0.41
CA VAL A 31 1.90 3.22 -0.82
C VAL A 31 2.87 3.49 0.32
N TYR A 32 3.62 2.47 0.66
CA TYR A 32 4.55 2.47 1.76
C TYR A 32 5.96 2.16 1.29
N LYS A 33 6.87 2.42 2.17
CA LYS A 33 8.26 2.17 2.02
C LYS A 33 8.64 1.29 3.20
N ILE A 34 9.05 0.09 2.93
CA ILE A 34 9.28 -0.88 3.95
C ILE A 34 10.71 -0.90 4.37
N HIS A 35 10.91 -0.70 5.64
CA HIS A 35 12.20 -0.79 6.27
C HIS A 35 12.15 -1.96 7.25
N PRO A 36 13.16 -2.81 7.27
CA PRO A 36 14.31 -2.70 6.39
C PRO A 36 14.05 -3.34 5.02
N GLY A 37 14.90 -3.07 4.09
CA GLY A 37 14.78 -3.61 2.76
C GLY A 37 14.69 -2.52 1.72
N GLY A 38 14.17 -1.36 2.14
CA GLY A 38 14.02 -0.23 1.25
C GLY A 38 13.03 -0.54 0.17
N ASN A 39 12.02 -1.26 0.53
CA ASN A 39 11.07 -1.77 -0.42
C ASN A 39 9.93 -0.81 -0.62
N ILE A 40 9.77 -0.33 -1.82
CA ILE A 40 8.64 0.52 -2.12
C ILE A 40 7.51 -0.43 -2.44
N TRP A 41 6.48 -0.38 -1.67
CA TRP A 41 5.45 -1.37 -1.75
C TRP A 41 4.06 -0.71 -1.66
N SER A 42 3.20 -1.06 -2.58
CA SER A 42 1.87 -0.50 -2.62
C SER A 42 0.81 -1.55 -2.27
N THR A 43 -0.17 -1.16 -1.49
CA THR A 43 -1.24 -2.03 -1.13
C THR A 43 -2.57 -1.32 -1.41
N LYS A 44 -3.56 -2.04 -1.84
CA LYS A 44 -4.77 -1.44 -2.33
C LYS A 44 -5.94 -1.67 -1.35
N LYS A 45 -6.56 -0.56 -0.89
CA LYS A 45 -7.75 -0.60 0.02
C LYS A 45 -8.74 -1.71 -0.33
N GLY A 46 -9.01 -2.55 0.64
CA GLY A 46 -10.04 -3.55 0.55
C GLY A 46 -9.60 -4.79 -0.16
N GLU A 47 -8.52 -4.71 -0.86
CA GLU A 47 -8.04 -5.77 -1.67
C GLU A 47 -6.80 -6.38 -1.07
N GLN A 48 -6.66 -7.65 -1.31
CA GLN A 48 -5.58 -8.39 -0.75
C GLN A 48 -4.33 -8.21 -1.59
N ALA A 49 -3.24 -8.03 -0.93
CA ALA A 49 -1.98 -7.86 -1.52
C ALA A 49 -1.01 -8.76 -0.82
N TRP A 50 0.14 -8.91 -1.36
CA TRP A 50 1.15 -9.70 -0.75
C TRP A 50 2.38 -8.90 -0.60
N PHE A 51 2.92 -8.94 0.56
CA PHE A 51 4.15 -8.29 0.83
C PHE A 51 5.24 -9.18 0.34
N ARG A 52 6.01 -8.70 -0.57
CA ARG A 52 7.02 -9.48 -1.17
C ARG A 52 8.31 -9.22 -0.43
N ARG A 53 8.78 -10.19 0.27
CA ARG A 53 10.01 -10.11 0.96
C ARG A 53 11.02 -10.90 0.13
N ARG A 54 12.29 -10.60 0.30
CA ARG A 54 13.38 -11.25 -0.42
C ARG A 54 13.28 -12.79 -0.51
N PHE A 55 12.87 -13.44 0.56
CA PHE A 55 12.75 -14.91 0.54
C PHE A 55 11.38 -15.39 1.05
N SER A 56 10.37 -14.53 1.02
CA SER A 56 9.04 -14.89 1.54
C SER A 56 7.97 -13.93 1.00
N LYS A 57 6.74 -14.34 1.03
CA LYS A 57 5.64 -13.47 0.71
C LYS A 57 4.60 -13.55 1.82
N TYR A 58 4.02 -12.44 2.15
CA TYR A 58 3.09 -12.38 3.26
C TYR A 58 1.76 -11.84 2.77
N GLU A 59 0.71 -12.59 2.98
CA GLU A 59 -0.64 -12.15 2.59
C GLU A 59 -1.17 -11.11 3.54
N VAL A 60 -1.64 -10.02 2.98
CA VAL A 60 -2.16 -8.93 3.76
C VAL A 60 -3.24 -8.15 2.98
N MET A 61 -4.19 -7.63 3.67
CA MET A 61 -5.20 -6.82 3.05
C MET A 61 -5.22 -5.46 3.71
N ALA A 62 -5.23 -4.43 2.93
CA ALA A 62 -5.22 -3.07 3.42
C ALA A 62 -6.62 -2.58 3.57
N TYR A 63 -6.86 -1.77 4.53
CA TYR A 63 -8.15 -1.20 4.71
C TYR A 63 -8.21 0.26 4.29
N ASP A 64 -9.38 0.85 4.43
CA ASP A 64 -9.69 2.18 3.86
C ASP A 64 -8.89 3.32 4.50
N ARG A 65 -8.34 3.08 5.67
CA ARG A 65 -7.54 4.09 6.38
C ARG A 65 -6.06 3.72 6.34
N CYS A 66 -5.69 2.87 5.37
CA CYS A 66 -4.30 2.49 5.12
C CYS A 66 -3.71 1.56 6.17
N ASN A 67 -4.54 1.03 7.04
CA ASN A 67 -4.09 0.07 8.02
C ASN A 67 -4.08 -1.29 7.36
N LEU A 68 -3.20 -2.17 7.76
CA LEU A 68 -3.11 -3.44 7.12
C LEU A 68 -3.41 -4.58 8.03
N GLU A 69 -4.00 -5.59 7.46
CA GLU A 69 -4.38 -6.78 8.14
C GLU A 69 -3.78 -7.95 7.52
N TRP A 70 -2.87 -8.47 8.23
CA TRP A 70 -2.08 -9.60 7.82
C TRP A 70 -2.80 -10.88 8.15
N GLY A 71 -2.71 -11.83 7.27
CA GLY A 71 -3.31 -13.14 7.51
C GLY A 71 -2.44 -13.98 8.44
N PHE A 72 -2.45 -15.28 8.22
CA PHE A 72 -1.65 -16.24 8.99
C PHE A 72 -0.15 -16.05 8.69
N SER A 73 0.12 -15.19 7.72
CA SER A 73 1.44 -14.80 7.31
C SER A 73 2.27 -14.37 8.53
N GLY A 74 1.66 -13.60 9.43
CA GLY A 74 2.30 -13.29 10.69
C GLY A 74 3.58 -12.50 10.56
N LYS A 75 3.59 -11.50 9.67
CA LYS A 75 4.82 -10.79 9.34
C LYS A 75 5.56 -10.27 10.59
N PRO A 76 6.90 -10.29 10.53
CA PRO A 76 7.76 -9.90 11.62
C PRO A 76 7.43 -8.53 12.23
N ARG A 77 7.47 -8.48 13.55
CA ARG A 77 7.30 -7.26 14.28
C ARG A 77 8.64 -6.56 14.25
N GLY A 78 8.63 -5.26 14.22
CA GLY A 78 9.88 -4.55 14.16
C GLY A 78 10.16 -4.07 12.78
N LEU A 79 9.17 -4.16 11.92
CA LEU A 79 9.27 -3.62 10.59
C LEU A 79 8.72 -2.24 10.64
N THR A 80 9.27 -1.39 9.87
CA THR A 80 8.87 -0.04 9.89
C THR A 80 8.27 0.30 8.55
N PHE A 81 6.99 0.51 8.55
CA PHE A 81 6.30 0.87 7.35
C PHE A 81 6.24 2.37 7.27
N GLU A 82 7.06 2.91 6.43
CA GLU A 82 7.13 4.33 6.25
C GLU A 82 6.13 4.70 5.17
N PHE A 83 5.13 5.44 5.54
CA PHE A 83 4.08 5.80 4.64
C PHE A 83 4.57 6.81 3.64
N LEU A 84 4.53 6.45 2.40
CA LEU A 84 4.97 7.32 1.36
C LEU A 84 3.85 8.22 0.96
N TRP A 85 2.79 7.63 0.45
CA TRP A 85 1.69 8.41 -0.05
C TRP A 85 0.50 7.55 -0.35
N ASP A 86 -0.59 8.21 -0.58
CA ASP A 86 -1.78 7.57 -1.05
C ASP A 86 -1.88 7.89 -2.52
N LYS A 87 -2.24 6.94 -3.30
CA LYS A 87 -2.36 7.13 -4.71
C LYS A 87 -3.45 6.23 -5.22
N GLU A 88 -4.03 6.58 -6.32
CA GLU A 88 -5.02 5.75 -6.93
C GLU A 88 -4.34 4.67 -7.77
N ALA A 89 -5.05 3.62 -8.09
CA ALA A 89 -4.51 2.57 -8.95
C ALA A 89 -4.61 3.04 -10.39
N ALA A 90 -3.98 2.35 -11.30
CA ALA A 90 -4.06 2.71 -12.68
C ALA A 90 -5.42 2.33 -13.25
N ALA A 91 -5.64 2.64 -14.52
CA ALA A 91 -6.94 2.40 -15.16
C ALA A 91 -7.23 0.92 -15.31
N ASP A 92 -6.19 0.12 -15.26
CA ASP A 92 -6.32 -1.33 -15.35
C ASP A 92 -6.65 -1.93 -13.99
N GLY A 93 -6.49 -1.12 -12.95
CA GLY A 93 -6.81 -1.55 -11.63
C GLY A 93 -5.61 -2.00 -10.82
N THR A 94 -4.42 -1.76 -11.30
CA THR A 94 -3.22 -2.20 -10.60
C THR A 94 -2.56 -1.02 -9.91
N CYS A 95 -1.93 -1.27 -8.81
CA CYS A 95 -1.26 -0.23 -8.08
C CYS A 95 0.14 -0.71 -7.75
N ASN A 5 11.51 8.00 -40.66
CA ASN A 5 11.43 8.87 -39.49
C ASN A 5 11.00 8.07 -38.29
N ASN A 6 11.78 8.09 -37.26
CA ASN A 6 11.43 7.39 -36.05
C ASN A 6 10.58 8.27 -35.16
N VAL A 7 9.52 7.72 -34.64
CA VAL A 7 8.60 8.44 -33.80
C VAL A 7 9.05 8.29 -32.36
N MET A 8 9.19 9.39 -31.68
CA MET A 8 9.68 9.36 -30.32
C MET A 8 8.68 9.98 -29.36
N ALA A 9 8.76 9.54 -28.12
CA ALA A 9 8.08 10.19 -27.00
C ALA A 9 9.17 10.91 -26.20
N SER A 10 10.36 10.87 -26.80
CA SER A 10 11.61 11.46 -26.34
C SER A 10 11.87 11.35 -24.83
N SER A 11 11.68 12.42 -24.09
CA SER A 11 11.93 12.46 -22.66
C SER A 11 11.18 13.63 -22.07
N SER A 12 10.99 13.62 -20.79
CA SER A 12 10.35 14.68 -20.09
C SER A 12 11.16 14.96 -18.83
N SER A 13 10.78 15.94 -18.08
CA SER A 13 11.44 16.23 -16.85
C SER A 13 10.75 15.49 -15.73
N ASP A 14 11.47 15.16 -14.68
CA ASP A 14 10.85 14.56 -13.51
C ASP A 14 10.17 15.67 -12.74
N THR A 15 9.02 15.99 -13.17
CA THR A 15 8.22 17.00 -12.61
C THR A 15 6.80 16.50 -12.51
N ASP A 16 6.50 15.88 -11.40
CA ASP A 16 5.19 15.31 -11.18
C ASP A 16 4.43 16.25 -10.30
N SER A 17 3.17 16.34 -10.51
CA SER A 17 2.34 17.23 -9.74
C SER A 17 2.00 16.59 -8.40
N ASP A 18 2.74 16.94 -7.36
CA ASP A 18 2.47 16.44 -6.02
C ASP A 18 1.16 17.05 -5.57
N SER A 19 0.11 16.28 -5.65
CA SER A 19 -1.22 16.75 -5.42
C SER A 19 -2.14 15.57 -5.16
N SER A 20 -3.41 15.83 -5.01
CA SER A 20 -4.36 14.78 -4.86
C SER A 20 -4.93 14.43 -6.25
N PRO A 21 -4.58 13.26 -6.78
CA PRO A 21 -5.03 12.82 -8.12
C PRO A 21 -6.51 12.42 -8.14
N ASP A 22 -7.12 12.46 -7.00
CA ASP A 22 -8.51 12.12 -6.88
C ASP A 22 -9.23 13.16 -6.01
N ARG A 23 -10.50 12.92 -5.77
CA ARG A 23 -11.39 13.83 -5.10
C ARG A 23 -11.59 13.37 -3.67
N GLY A 24 -11.49 12.10 -3.45
CA GLY A 24 -11.67 11.56 -2.15
C GLY A 24 -10.99 10.24 -2.03
N LEU A 25 -11.74 9.19 -2.09
CA LEU A 25 -11.20 7.87 -2.03
C LEU A 25 -11.70 7.10 -3.24
N SER A 26 -10.92 7.09 -4.28
CA SER A 26 -11.21 6.40 -5.48
C SER A 26 -9.89 6.12 -6.14
N ARG A 27 -9.61 4.85 -6.30
CA ARG A 27 -8.42 4.33 -6.98
C ARG A 27 -7.09 4.55 -6.26
N MET A 28 -7.01 5.56 -5.42
CA MET A 28 -5.78 5.85 -4.69
C MET A 28 -5.45 4.76 -3.71
N CYS A 29 -4.38 4.09 -3.99
CA CYS A 29 -3.90 3.00 -3.22
C CYS A 29 -2.82 3.47 -2.25
N CYS A 30 -2.65 2.74 -1.17
CA CYS A 30 -1.77 3.11 -0.09
C CYS A 30 -0.34 2.68 -0.41
N VAL A 31 0.53 3.65 -0.54
CA VAL A 31 1.92 3.41 -0.86
C VAL A 31 2.79 3.61 0.39
N TYR A 32 3.49 2.55 0.74
CA TYR A 32 4.36 2.49 1.89
C TYR A 32 5.78 2.20 1.46
N LYS A 33 6.69 2.36 2.35
CA LYS A 33 8.06 2.05 2.13
C LYS A 33 8.49 1.14 3.27
N ILE A 34 9.08 0.03 2.91
CA ILE A 34 9.44 -0.99 3.85
C ILE A 34 10.87 -0.83 4.27
N HIS A 35 11.05 -0.74 5.54
CA HIS A 35 12.35 -0.63 6.13
C HIS A 35 12.53 -1.75 7.15
N PRO A 36 13.75 -2.31 7.27
CA PRO A 36 14.91 -1.90 6.48
C PRO A 36 14.84 -2.42 5.03
N GLY A 37 15.68 -1.88 4.19
CA GLY A 37 15.70 -2.26 2.81
C GLY A 37 15.38 -1.11 1.91
N GLY A 38 14.34 -0.37 2.26
CA GLY A 38 13.96 0.78 1.48
C GLY A 38 13.14 0.38 0.28
N ASN A 39 12.26 -0.56 0.48
CA ASN A 39 11.45 -1.09 -0.62
C ASN A 39 10.11 -0.39 -0.66
N ILE A 40 9.78 0.21 -1.77
CA ILE A 40 8.50 0.87 -1.88
C ILE A 40 7.43 -0.15 -2.27
N TRP A 41 6.47 -0.32 -1.42
CA TRP A 41 5.46 -1.32 -1.57
C TRP A 41 4.09 -0.66 -1.45
N SER A 42 3.27 -0.87 -2.42
CA SER A 42 1.98 -0.26 -2.43
C SER A 42 0.87 -1.31 -2.44
N THR A 43 -0.18 -1.02 -1.72
CA THR A 43 -1.30 -1.91 -1.64
C THR A 43 -2.60 -1.12 -1.89
N LYS A 44 -3.44 -1.66 -2.73
CA LYS A 44 -4.69 -1.03 -3.03
C LYS A 44 -5.73 -1.45 -2.01
N LYS A 45 -6.14 -0.48 -1.19
CA LYS A 45 -7.03 -0.74 -0.10
C LYS A 45 -8.35 -1.31 -0.58
N GLY A 46 -8.78 -2.33 0.08
CA GLY A 46 -9.96 -3.01 -0.30
C GLY A 46 -9.63 -4.33 -0.97
N GLU A 47 -8.38 -4.49 -1.37
CA GLU A 47 -7.94 -5.72 -1.98
C GLU A 47 -7.00 -6.44 -1.03
N GLN A 48 -6.88 -7.74 -1.17
CA GLN A 48 -5.90 -8.46 -0.40
C GLN A 48 -4.63 -8.54 -1.19
N ALA A 49 -3.57 -8.13 -0.59
CA ALA A 49 -2.31 -8.14 -1.21
C ALA A 49 -1.40 -9.11 -0.51
N TRP A 50 -0.28 -9.35 -1.07
CA TRP A 50 0.71 -10.18 -0.48
C TRP A 50 2.00 -9.40 -0.46
N PHE A 51 2.56 -9.25 0.68
CA PHE A 51 3.80 -8.55 0.83
C PHE A 51 4.94 -9.47 0.51
N ARG A 52 5.62 -9.19 -0.57
CA ARG A 52 6.77 -9.96 -0.96
C ARG A 52 7.97 -9.43 -0.23
N ARG A 53 8.55 -10.28 0.53
CA ARG A 53 9.73 -9.98 1.24
C ARG A 53 10.84 -10.73 0.53
N ARG A 54 12.08 -10.36 0.82
CA ARG A 54 13.28 -10.95 0.20
C ARG A 54 13.22 -12.47 0.00
N PHE A 55 12.78 -13.20 1.00
CA PHE A 55 12.72 -14.65 0.88
C PHE A 55 11.34 -15.22 1.29
N SER A 56 10.32 -14.38 1.32
CA SER A 56 9.00 -14.83 1.78
C SER A 56 7.90 -13.97 1.18
N LYS A 57 6.66 -14.32 1.43
CA LYS A 57 5.54 -13.52 1.03
C LYS A 57 4.51 -13.60 2.13
N TYR A 58 3.86 -12.50 2.44
CA TYR A 58 2.94 -12.45 3.55
C TYR A 58 1.58 -11.92 3.13
N GLU A 59 0.55 -12.68 3.44
CA GLU A 59 -0.83 -12.31 3.16
C GLU A 59 -1.21 -11.07 3.96
N VAL A 60 -1.66 -10.04 3.29
CA VAL A 60 -2.10 -8.87 3.99
C VAL A 60 -3.17 -8.09 3.22
N MET A 61 -4.27 -7.83 3.86
CA MET A 61 -5.33 -7.07 3.25
C MET A 61 -5.28 -5.65 3.76
N ALA A 62 -5.35 -4.71 2.88
CA ALA A 62 -5.36 -3.32 3.26
C ALA A 62 -6.79 -2.87 3.44
N TYR A 63 -7.09 -2.35 4.60
CA TYR A 63 -8.39 -1.78 4.86
C TYR A 63 -8.45 -0.43 4.21
N ASP A 64 -9.65 0.10 4.03
CA ASP A 64 -9.86 1.36 3.29
C ASP A 64 -9.03 2.54 3.82
N ARG A 65 -8.77 2.55 5.11
CA ARG A 65 -8.03 3.65 5.74
C ARG A 65 -6.51 3.35 5.77
N CYS A 66 -6.10 2.44 4.90
CA CYS A 66 -4.70 2.06 4.68
C CYS A 66 -4.12 1.23 5.81
N ASN A 67 -4.95 0.85 6.76
CA ASN A 67 -4.48 0.01 7.85
C ASN A 67 -4.48 -1.39 7.35
N LEU A 68 -3.46 -2.13 7.66
CA LEU A 68 -3.36 -3.45 7.12
C LEU A 68 -3.70 -4.53 8.10
N GLU A 69 -4.16 -5.61 7.56
CA GLU A 69 -4.49 -6.79 8.31
C GLU A 69 -3.74 -7.94 7.75
N TRP A 70 -2.87 -8.46 8.52
CA TRP A 70 -2.07 -9.56 8.11
C TRP A 70 -2.81 -10.85 8.36
N GLY A 71 -2.77 -11.72 7.37
CA GLY A 71 -3.36 -13.03 7.46
C GLY A 71 -2.60 -13.96 8.40
N PHE A 72 -2.59 -15.23 8.07
CA PHE A 72 -1.93 -16.25 8.88
C PHE A 72 -0.41 -16.18 8.67
N SER A 73 -0.05 -15.32 7.75
CA SER A 73 1.30 -15.03 7.34
C SER A 73 2.30 -14.88 8.51
N GLY A 74 1.89 -14.17 9.55
CA GLY A 74 2.77 -14.06 10.71
C GLY A 74 3.97 -13.16 10.45
N LYS A 75 3.74 -12.04 9.77
CA LYS A 75 4.83 -11.13 9.37
C LYS A 75 5.73 -10.68 10.54
N PRO A 76 7.06 -10.76 10.32
CA PRO A 76 8.07 -10.46 11.32
C PRO A 76 7.96 -9.06 11.92
N ARG A 77 8.26 -9.00 13.19
CA ARG A 77 8.29 -7.77 13.91
C ARG A 77 9.65 -7.13 13.65
N GLY A 78 9.73 -5.85 13.81
CA GLY A 78 10.99 -5.17 13.61
C GLY A 78 11.04 -4.47 12.29
N LEU A 79 10.00 -4.65 11.51
CA LEU A 79 9.92 -4.01 10.23
C LEU A 79 9.17 -2.73 10.39
N THR A 80 9.53 -1.79 9.61
CA THR A 80 8.95 -0.50 9.70
C THR A 80 8.28 -0.17 8.38
N PHE A 81 6.99 -0.05 8.42
CA PHE A 81 6.23 0.31 7.27
C PHE A 81 5.97 1.78 7.34
N GLU A 82 6.69 2.52 6.56
CA GLU A 82 6.58 3.95 6.56
C GLU A 82 5.59 4.32 5.49
N PHE A 83 4.56 5.04 5.86
CA PHE A 83 3.57 5.44 4.89
C PHE A 83 4.11 6.59 4.07
N LEU A 84 4.10 6.42 2.78
CA LEU A 84 4.59 7.44 1.90
C LEU A 84 3.43 8.31 1.47
N TRP A 85 2.47 7.72 0.80
CA TRP A 85 1.34 8.48 0.24
C TRP A 85 0.28 7.53 -0.24
N ASP A 86 -0.82 8.08 -0.64
CA ASP A 86 -1.85 7.31 -1.30
C ASP A 86 -2.08 7.97 -2.64
N LYS A 87 -2.04 7.18 -3.67
CA LYS A 87 -2.12 7.69 -5.02
C LYS A 87 -2.68 6.59 -5.86
N GLU A 88 -3.31 6.91 -6.96
CA GLU A 88 -3.88 5.86 -7.79
C GLU A 88 -2.84 5.17 -8.63
N ALA A 89 -3.20 4.00 -9.07
CA ALA A 89 -2.38 3.17 -9.90
C ALA A 89 -2.29 3.75 -11.29
N ALA A 90 -1.25 3.40 -11.99
CA ALA A 90 -1.05 3.84 -13.35
C ALA A 90 -2.06 3.16 -14.28
N ALA A 91 -1.97 3.44 -15.57
CA ALA A 91 -2.91 2.91 -16.57
C ALA A 91 -2.88 1.37 -16.59
N ASP A 92 -1.73 0.81 -16.28
CA ASP A 92 -1.56 -0.63 -16.25
C ASP A 92 -2.10 -1.25 -14.96
N GLY A 93 -2.32 -0.44 -13.96
CA GLY A 93 -2.85 -0.93 -12.71
C GLY A 93 -1.81 -1.06 -11.62
N THR A 94 -0.59 -0.59 -11.87
CA THR A 94 0.44 -0.67 -10.85
C THR A 94 0.49 0.61 -10.03
N CYS A 95 0.57 0.46 -8.73
CA CYS A 95 0.57 1.59 -7.82
C CYS A 95 1.98 2.13 -7.64
N ASN A 5 -31.79 4.04 2.96
CA ASN A 5 -30.93 3.69 4.10
C ASN A 5 -30.14 2.43 3.79
N ASN A 6 -30.84 1.31 3.69
CA ASN A 6 -30.21 0.03 3.44
C ASN A 6 -29.97 -0.10 1.95
N VAL A 7 -28.75 0.11 1.53
CA VAL A 7 -28.42 -0.02 0.13
C VAL A 7 -28.16 -1.48 -0.17
N MET A 8 -29.19 -2.11 -0.67
CA MET A 8 -29.19 -3.52 -0.99
C MET A 8 -28.36 -3.76 -2.23
N ALA A 9 -27.78 -4.92 -2.32
CA ALA A 9 -27.01 -5.27 -3.49
C ALA A 9 -27.98 -5.71 -4.58
N SER A 10 -28.31 -4.80 -5.45
CA SER A 10 -29.26 -5.06 -6.49
C SER A 10 -28.66 -5.96 -7.54
N SER A 11 -29.21 -7.14 -7.65
CA SER A 11 -28.79 -8.06 -8.64
C SER A 11 -29.27 -7.59 -9.99
N SER A 12 -28.39 -7.04 -10.76
CA SER A 12 -28.67 -6.62 -12.09
C SER A 12 -29.05 -7.86 -12.90
N SER A 13 -30.28 -7.89 -13.39
CA SER A 13 -30.78 -9.02 -14.14
C SER A 13 -30.00 -9.14 -15.42
N ASP A 14 -29.80 -8.01 -16.05
CA ASP A 14 -29.00 -7.90 -17.22
C ASP A 14 -27.77 -7.12 -16.85
N THR A 15 -26.68 -7.46 -17.41
CA THR A 15 -25.46 -6.83 -17.09
C THR A 15 -25.09 -5.87 -18.17
N ASP A 16 -25.58 -4.70 -18.01
CA ASP A 16 -25.36 -3.68 -18.96
C ASP A 16 -24.06 -3.00 -18.65
N SER A 17 -23.36 -2.66 -19.69
CA SER A 17 -22.02 -2.14 -19.61
C SER A 17 -21.97 -0.84 -18.80
N ASP A 18 -21.17 -0.86 -17.75
CA ASP A 18 -21.01 0.28 -16.89
C ASP A 18 -20.13 1.28 -17.58
N SER A 19 -20.74 2.26 -18.17
CA SER A 19 -20.01 3.28 -18.82
C SER A 19 -19.62 4.31 -17.77
N SER A 20 -18.45 4.15 -17.23
CA SER A 20 -17.94 4.99 -16.19
C SER A 20 -17.52 6.35 -16.76
N PRO A 21 -18.19 7.45 -16.35
CA PRO A 21 -17.85 8.80 -16.81
C PRO A 21 -16.48 9.19 -16.26
N ASP A 22 -16.22 8.81 -15.03
CA ASP A 22 -14.92 9.01 -14.47
C ASP A 22 -14.15 7.74 -14.70
N ARG A 23 -12.97 7.85 -15.26
CA ARG A 23 -12.23 6.68 -15.66
C ARG A 23 -11.23 6.23 -14.57
N GLY A 24 -11.41 6.69 -13.35
CA GLY A 24 -10.52 6.30 -12.27
C GLY A 24 -10.89 4.95 -11.68
N LEU A 25 -10.88 3.91 -12.51
CA LEU A 25 -11.20 2.56 -12.08
C LEU A 25 -9.99 1.89 -11.49
N SER A 26 -9.64 2.33 -10.31
CA SER A 26 -8.55 1.83 -9.54
C SER A 26 -8.69 2.37 -8.15
N ARG A 27 -8.92 1.48 -7.22
CA ARG A 27 -8.98 1.85 -5.82
C ARG A 27 -7.62 2.43 -5.44
N MET A 28 -7.62 3.53 -4.74
CA MET A 28 -6.36 4.18 -4.38
C MET A 28 -5.55 3.30 -3.46
N CYS A 29 -4.35 3.02 -3.86
CA CYS A 29 -3.50 2.11 -3.18
C CYS A 29 -2.58 2.86 -2.25
N CYS A 30 -2.36 2.32 -1.08
CA CYS A 30 -1.43 2.88 -0.15
C CYS A 30 -0.03 2.44 -0.50
N VAL A 31 0.81 3.37 -0.84
CA VAL A 31 2.17 3.13 -1.18
C VAL A 31 3.04 3.37 0.05
N TYR A 32 3.68 2.32 0.49
CA TYR A 32 4.51 2.31 1.66
C TYR A 32 5.97 2.05 1.31
N LYS A 33 6.79 2.42 2.20
CA LYS A 33 8.21 2.23 2.14
C LYS A 33 8.56 1.30 3.27
N ILE A 34 9.11 0.17 2.93
CA ILE A 34 9.36 -0.86 3.89
C ILE A 34 10.79 -0.82 4.38
N HIS A 35 10.92 -0.64 5.65
CA HIS A 35 12.19 -0.70 6.33
C HIS A 35 12.22 -2.02 7.11
N PRO A 36 13.36 -2.68 7.24
CA PRO A 36 14.62 -2.26 6.66
C PRO A 36 14.76 -2.69 5.21
N GLY A 37 15.73 -2.14 4.56
CA GLY A 37 15.97 -2.44 3.18
C GLY A 37 15.71 -1.23 2.33
N GLY A 38 14.48 -0.74 2.39
CA GLY A 38 14.10 0.40 1.59
C GLY A 38 13.31 -0.06 0.39
N ASN A 39 12.37 -0.94 0.65
CA ASN A 39 11.57 -1.54 -0.41
C ASN A 39 10.26 -0.80 -0.54
N ILE A 40 9.99 -0.25 -1.69
CA ILE A 40 8.75 0.44 -1.89
C ILE A 40 7.69 -0.57 -2.28
N TRP A 41 6.66 -0.66 -1.49
CA TRP A 41 5.64 -1.64 -1.68
C TRP A 41 4.26 -1.00 -1.51
N SER A 42 3.35 -1.33 -2.37
CA SER A 42 2.05 -0.77 -2.30
C SER A 42 1.03 -1.85 -1.94
N THR A 43 -0.04 -1.46 -1.33
CA THR A 43 -1.13 -2.35 -1.06
C THR A 43 -2.39 -1.62 -1.49
N LYS A 44 -3.32 -2.30 -2.07
CA LYS A 44 -4.49 -1.64 -2.53
C LYS A 44 -5.61 -1.86 -1.57
N LYS A 45 -6.05 -0.81 -0.93
CA LYS A 45 -7.11 -0.94 0.02
C LYS A 45 -8.40 -1.34 -0.65
N GLY A 46 -9.00 -2.34 -0.10
CA GLY A 46 -10.20 -2.88 -0.67
C GLY A 46 -9.91 -4.20 -1.36
N GLU A 47 -8.64 -4.47 -1.63
CA GLU A 47 -8.24 -5.72 -2.23
C GLU A 47 -7.17 -6.38 -1.36
N GLN A 48 -6.90 -7.64 -1.61
CA GLN A 48 -5.85 -8.32 -0.90
C GLN A 48 -4.56 -8.19 -1.71
N ALA A 49 -3.49 -7.97 -1.04
CA ALA A 49 -2.21 -7.83 -1.67
C ALA A 49 -1.24 -8.78 -1.02
N TRP A 50 -0.11 -8.94 -1.61
CA TRP A 50 0.90 -9.79 -1.08
C TRP A 50 2.18 -9.07 -0.94
N PHE A 51 2.74 -9.16 0.21
CA PHE A 51 4.00 -8.56 0.48
C PHE A 51 5.08 -9.55 0.18
N ARG A 52 5.79 -9.33 -0.89
CA ARG A 52 6.88 -10.18 -1.25
C ARG A 52 8.13 -9.65 -0.60
N ARG A 53 8.55 -10.29 0.45
CA ARG A 53 9.77 -9.92 1.08
C ARG A 53 10.84 -10.85 0.52
N ARG A 54 12.07 -10.42 0.59
CA ARG A 54 13.25 -11.12 0.07
C ARG A 54 13.23 -12.65 0.17
N PHE A 55 12.80 -13.20 1.27
CA PHE A 55 12.78 -14.66 1.41
C PHE A 55 11.39 -15.18 1.80
N SER A 56 10.37 -14.33 1.78
CA SER A 56 9.04 -14.74 2.25
C SER A 56 7.93 -13.86 1.68
N LYS A 57 6.77 -14.43 1.41
CA LYS A 57 5.64 -13.67 0.93
C LYS A 57 4.56 -13.67 2.00
N TYR A 58 3.86 -12.59 2.13
CA TYR A 58 2.86 -12.46 3.16
C TYR A 58 1.57 -11.98 2.57
N GLU A 59 0.48 -12.59 2.98
CA GLU A 59 -0.84 -12.21 2.52
C GLU A 59 -1.37 -11.09 3.40
N VAL A 60 -1.84 -10.04 2.81
CA VAL A 60 -2.34 -8.96 3.59
C VAL A 60 -3.43 -8.18 2.85
N MET A 61 -4.43 -7.79 3.55
CA MET A 61 -5.47 -6.97 2.96
C MET A 61 -5.46 -5.63 3.63
N ALA A 62 -5.60 -4.59 2.87
CA ALA A 62 -5.64 -3.27 3.42
C ALA A 62 -7.07 -2.77 3.48
N TYR A 63 -7.42 -2.19 4.61
CA TYR A 63 -8.74 -1.58 4.80
C TYR A 63 -8.69 -0.15 4.28
N ASP A 64 -9.86 0.45 4.04
CA ASP A 64 -9.95 1.82 3.45
C ASP A 64 -9.27 2.87 4.31
N ARG A 65 -9.13 2.59 5.59
CA ARG A 65 -8.48 3.53 6.50
C ARG A 65 -6.93 3.41 6.38
N CYS A 66 -6.48 2.60 5.41
CA CYS A 66 -5.07 2.42 5.02
C CYS A 66 -4.30 1.63 6.09
N ASN A 67 -5.03 0.87 6.86
CA ASN A 67 -4.46 0.01 7.87
C ASN A 67 -4.53 -1.41 7.34
N LEU A 68 -3.49 -2.18 7.57
CA LEU A 68 -3.42 -3.50 6.97
C LEU A 68 -3.75 -4.62 7.93
N GLU A 69 -4.12 -5.73 7.38
CA GLU A 69 -4.44 -6.91 8.12
C GLU A 69 -3.71 -8.08 7.49
N TRP A 70 -2.69 -8.53 8.15
CA TRP A 70 -1.87 -9.61 7.67
C TRP A 70 -2.45 -10.93 8.08
N GLY A 71 -2.57 -11.84 7.14
CA GLY A 71 -3.13 -13.13 7.41
C GLY A 71 -2.20 -14.08 8.16
N PHE A 72 -2.42 -15.37 7.96
CA PHE A 72 -1.74 -16.49 8.63
C PHE A 72 -0.25 -16.57 8.24
N SER A 73 0.12 -15.74 7.29
CA SER A 73 1.46 -15.68 6.77
C SER A 73 2.49 -15.48 7.87
N GLY A 74 2.15 -14.69 8.88
CA GLY A 74 3.05 -14.58 9.98
C GLY A 74 4.04 -13.45 9.84
N LYS A 75 3.57 -12.29 9.38
CA LYS A 75 4.46 -11.15 9.15
C LYS A 75 5.28 -10.80 10.40
N PRO A 76 6.57 -10.54 10.20
CA PRO A 76 7.51 -10.33 11.28
C PRO A 76 7.55 -8.92 11.85
N ARG A 77 7.96 -8.86 13.10
CA ARG A 77 8.31 -7.62 13.75
C ARG A 77 9.74 -7.28 13.33
N GLY A 78 10.10 -6.04 13.41
CA GLY A 78 11.41 -5.63 12.99
C GLY A 78 11.34 -4.86 11.71
N LEU A 79 10.14 -4.65 11.25
CA LEU A 79 9.90 -3.91 10.05
C LEU A 79 9.29 -2.59 10.43
N THR A 80 9.39 -1.66 9.56
CA THR A 80 8.79 -0.37 9.76
C THR A 80 8.15 0.07 8.47
N PHE A 81 6.86 0.26 8.54
CA PHE A 81 6.08 0.65 7.40
C PHE A 81 5.90 2.13 7.39
N GLU A 82 6.62 2.79 6.54
CA GLU A 82 6.54 4.22 6.41
C GLU A 82 5.63 4.53 5.24
N PHE A 83 4.55 5.23 5.50
CA PHE A 83 3.60 5.55 4.48
C PHE A 83 4.14 6.63 3.60
N LEU A 84 4.25 6.34 2.33
CA LEU A 84 4.71 7.32 1.40
C LEU A 84 3.55 8.15 0.96
N TRP A 85 2.60 7.52 0.31
CA TRP A 85 1.45 8.23 -0.23
C TRP A 85 0.44 7.25 -0.73
N ASP A 86 -0.72 7.72 -1.06
CA ASP A 86 -1.70 6.87 -1.69
C ASP A 86 -1.80 7.31 -3.12
N LYS A 87 -1.86 6.39 -4.00
CA LYS A 87 -1.88 6.67 -5.41
C LYS A 87 -2.66 5.57 -6.07
N GLU A 88 -3.25 5.85 -7.19
CA GLU A 88 -3.99 4.85 -7.89
C GLU A 88 -3.04 3.96 -8.68
N ALA A 89 -3.53 2.80 -9.07
CA ALA A 89 -2.76 1.88 -9.85
C ALA A 89 -2.56 2.43 -11.25
N ALA A 90 -1.53 1.95 -11.90
CA ALA A 90 -1.21 2.37 -13.24
C ALA A 90 -2.15 1.69 -14.24
N ALA A 91 -1.94 1.95 -15.53
CA ALA A 91 -2.80 1.43 -16.59
C ALA A 91 -2.78 -0.10 -16.67
N ASP A 92 -1.79 -0.70 -16.05
CA ASP A 92 -1.64 -2.15 -16.04
C ASP A 92 -2.31 -2.74 -14.81
N GLY A 93 -2.66 -1.89 -13.88
CA GLY A 93 -3.34 -2.33 -12.70
C GLY A 93 -2.42 -2.49 -11.50
N THR A 94 -1.16 -2.12 -11.62
CA THR A 94 -0.26 -2.26 -10.51
C THR A 94 -0.07 -0.94 -9.78
N CYS A 95 -0.04 -1.00 -8.48
CA CYS A 95 0.08 0.17 -7.64
C CYS A 95 1.55 0.51 -7.41
N ASN A 5 -2.62 -7.46 -17.52
CA ASN A 5 -1.72 -7.29 -18.68
C ASN A 5 -1.98 -5.98 -19.36
N ASN A 6 -0.93 -5.20 -19.50
CA ASN A 6 -0.97 -3.93 -20.22
C ASN A 6 0.43 -3.37 -20.28
N VAL A 7 1.04 -3.46 -21.43
CA VAL A 7 2.39 -2.95 -21.61
C VAL A 7 2.33 -1.54 -22.22
N MET A 8 1.13 -1.08 -22.41
CA MET A 8 0.88 0.23 -22.98
C MET A 8 0.75 1.25 -21.88
N ALA A 9 1.77 1.37 -21.15
CA ALA A 9 1.83 2.29 -20.04
C ALA A 9 2.62 3.52 -20.46
N SER A 10 1.92 4.50 -20.93
CA SER A 10 2.53 5.74 -21.36
C SER A 10 2.38 6.81 -20.28
N SER A 11 2.42 6.37 -19.03
CA SER A 11 2.32 7.23 -17.88
C SER A 11 3.53 8.17 -17.81
N SER A 12 3.33 9.42 -18.16
CA SER A 12 4.39 10.39 -18.22
C SER A 12 4.54 11.21 -16.93
N SER A 13 5.56 12.05 -16.89
CA SER A 13 5.93 12.83 -15.71
C SER A 13 5.05 14.10 -15.52
N ASP A 14 3.82 14.03 -15.94
CA ASP A 14 2.88 15.12 -15.74
C ASP A 14 1.82 14.63 -14.77
N THR A 15 1.37 15.48 -13.89
CA THR A 15 0.40 15.09 -12.92
C THR A 15 -0.98 15.57 -13.27
N ASP A 16 -1.90 14.66 -13.24
CA ASP A 16 -3.28 14.88 -13.56
C ASP A 16 -4.03 13.74 -12.99
N SER A 17 -5.22 13.97 -12.58
CA SER A 17 -6.02 12.93 -12.02
C SER A 17 -6.73 12.16 -13.15
N ASP A 18 -6.24 10.97 -13.47
CA ASP A 18 -6.82 10.14 -14.54
C ASP A 18 -8.28 9.88 -14.33
N SER A 19 -9.05 10.19 -15.33
CA SER A 19 -10.48 10.03 -15.28
C SER A 19 -10.85 8.57 -15.55
N SER A 20 -11.03 7.80 -14.49
CA SER A 20 -11.41 6.42 -14.61
C SER A 20 -12.84 6.30 -15.14
N PRO A 21 -13.04 5.51 -16.21
CA PRO A 21 -14.38 5.34 -16.83
C PRO A 21 -15.31 4.47 -15.98
N ASP A 22 -14.77 3.88 -14.94
CA ASP A 22 -15.54 3.05 -14.05
C ASP A 22 -14.98 3.17 -12.65
N ARG A 23 -15.86 3.12 -11.68
CA ARG A 23 -15.54 3.23 -10.25
C ARG A 23 -14.55 2.15 -9.79
N GLY A 24 -14.64 0.96 -10.39
CA GLY A 24 -13.78 -0.14 -10.01
C GLY A 24 -12.38 0.01 -10.54
N LEU A 25 -12.22 0.93 -11.45
CA LEU A 25 -10.93 1.20 -12.07
C LEU A 25 -10.29 2.42 -11.41
N SER A 26 -10.92 2.88 -10.35
CA SER A 26 -10.50 4.04 -9.62
C SER A 26 -10.05 3.57 -8.21
N ARG A 27 -9.51 2.37 -8.13
CA ARG A 27 -9.08 1.84 -6.87
C ARG A 27 -7.76 2.46 -6.44
N MET A 28 -7.78 3.01 -5.26
CA MET A 28 -6.65 3.71 -4.70
C MET A 28 -5.73 2.79 -3.94
N CYS A 29 -4.49 3.15 -3.88
CA CYS A 29 -3.49 2.39 -3.20
C CYS A 29 -2.89 3.16 -2.07
N CYS A 30 -2.48 2.43 -1.07
CA CYS A 30 -1.65 2.95 -0.02
C CYS A 30 -0.23 2.56 -0.39
N VAL A 31 0.59 3.54 -0.69
CA VAL A 31 1.96 3.30 -1.09
C VAL A 31 2.87 3.53 0.09
N TYR A 32 3.62 2.50 0.44
CA TYR A 32 4.51 2.50 1.58
C TYR A 32 5.95 2.25 1.17
N LYS A 33 6.86 2.57 2.06
CA LYS A 33 8.24 2.27 1.94
C LYS A 33 8.54 1.34 3.11
N ILE A 34 9.04 0.18 2.82
CA ILE A 34 9.27 -0.83 3.83
C ILE A 34 10.70 -0.78 4.30
N HIS A 35 10.86 -0.62 5.58
CA HIS A 35 12.16 -0.59 6.22
C HIS A 35 12.29 -1.85 7.07
N PRO A 36 13.47 -2.48 7.14
CA PRO A 36 14.69 -2.02 6.46
C PRO A 36 14.69 -2.34 4.97
N GLY A 37 15.61 -1.76 4.27
CA GLY A 37 15.72 -1.97 2.86
C GLY A 37 15.30 -0.75 2.11
N GLY A 38 14.09 -0.35 2.30
CA GLY A 38 13.55 0.78 1.58
C GLY A 38 12.81 0.29 0.36
N ASN A 39 12.04 -0.74 0.54
CA ASN A 39 11.29 -1.34 -0.56
C ASN A 39 10.00 -0.61 -0.74
N ILE A 40 9.71 -0.17 -1.94
CA ILE A 40 8.49 0.54 -2.19
C ILE A 40 7.38 -0.47 -2.44
N TRP A 41 6.47 -0.56 -1.52
CA TRP A 41 5.43 -1.53 -1.60
C TRP A 41 4.09 -0.83 -1.60
N SER A 42 3.34 -1.04 -2.62
CA SER A 42 2.05 -0.46 -2.75
C SER A 42 1.01 -1.54 -2.62
N THR A 43 -0.02 -1.24 -1.89
CA THR A 43 -1.10 -2.15 -1.68
C THR A 43 -2.38 -1.43 -2.04
N LYS A 44 -3.30 -2.11 -2.68
CA LYS A 44 -4.47 -1.44 -3.14
C LYS A 44 -5.61 -1.59 -2.14
N LYS A 45 -6.08 -0.44 -1.66
CA LYS A 45 -7.10 -0.30 -0.61
C LYS A 45 -8.37 -1.06 -0.96
N GLY A 46 -8.69 -2.02 -0.13
CA GLY A 46 -9.88 -2.78 -0.32
C GLY A 46 -9.60 -4.15 -0.87
N GLU A 47 -8.39 -4.37 -1.32
CA GLU A 47 -8.03 -5.64 -1.85
C GLU A 47 -7.16 -6.41 -0.90
N GLN A 48 -6.95 -7.65 -1.24
CA GLN A 48 -6.02 -8.47 -0.55
C GLN A 48 -4.69 -8.25 -1.24
N ALA A 49 -3.62 -8.37 -0.53
CA ALA A 49 -2.33 -8.14 -1.09
C ALA A 49 -1.35 -9.07 -0.46
N TRP A 50 -0.21 -9.12 -1.02
CA TRP A 50 0.83 -9.93 -0.52
C TRP A 50 2.09 -9.13 -0.49
N PHE A 51 2.81 -9.26 0.56
CA PHE A 51 4.04 -8.60 0.71
C PHE A 51 5.15 -9.55 0.37
N ARG A 52 5.92 -9.21 -0.63
CA ARG A 52 7.05 -10.01 -1.02
C ARG A 52 8.30 -9.45 -0.39
N ARG A 53 8.86 -10.19 0.52
CA ARG A 53 10.08 -9.82 1.16
C ARG A 53 11.17 -10.69 0.52
N ARG A 54 12.43 -10.44 0.87
CA ARG A 54 13.61 -11.16 0.36
C ARG A 54 13.41 -12.66 0.05
N PHE A 55 12.89 -13.43 0.98
CA PHE A 55 12.73 -14.85 0.75
C PHE A 55 11.32 -15.32 1.09
N SER A 56 10.39 -14.41 1.27
CA SER A 56 9.08 -14.83 1.70
C SER A 56 7.97 -13.90 1.22
N LYS A 57 6.80 -14.43 1.15
CA LYS A 57 5.62 -13.74 0.80
C LYS A 57 4.64 -13.83 1.97
N TYR A 58 4.04 -12.72 2.28
CA TYR A 58 3.14 -12.62 3.41
C TYR A 58 1.79 -12.08 2.97
N GLU A 59 0.74 -12.73 3.39
CA GLU A 59 -0.62 -12.35 3.04
C GLU A 59 -1.12 -11.27 3.99
N VAL A 60 -1.59 -10.18 3.42
CA VAL A 60 -2.10 -9.06 4.19
C VAL A 60 -3.16 -8.31 3.38
N MET A 61 -4.07 -7.66 4.02
CA MET A 61 -5.04 -6.84 3.31
C MET A 61 -5.00 -5.43 3.82
N ALA A 62 -5.11 -4.48 2.92
CA ALA A 62 -5.09 -3.08 3.26
C ALA A 62 -6.51 -2.53 3.25
N TYR A 63 -6.95 -2.03 4.35
CA TYR A 63 -8.25 -1.40 4.45
C TYR A 63 -8.20 0.03 3.93
N ASP A 64 -9.33 0.71 3.97
CA ASP A 64 -9.46 2.07 3.43
C ASP A 64 -8.58 3.06 4.20
N ARG A 65 -8.37 2.80 5.50
CA ARG A 65 -7.46 3.63 6.34
C ARG A 65 -6.01 3.17 6.18
N CYS A 66 -5.77 2.28 5.22
CA CYS A 66 -4.45 1.67 4.99
C CYS A 66 -4.10 0.71 6.13
N ASN A 67 -5.12 0.29 6.88
CA ASN A 67 -4.93 -0.66 7.96
C ASN A 67 -4.58 -1.98 7.35
N LEU A 68 -3.51 -2.53 7.76
CA LEU A 68 -3.03 -3.76 7.19
C LEU A 68 -3.21 -4.91 8.13
N GLU A 69 -4.05 -5.83 7.72
CA GLU A 69 -4.33 -6.99 8.51
C GLU A 69 -3.57 -8.15 7.95
N TRP A 70 -2.54 -8.53 8.65
CA TRP A 70 -1.71 -9.62 8.28
C TRP A 70 -2.37 -10.92 8.71
N GLY A 71 -2.46 -11.83 7.77
CA GLY A 71 -3.05 -13.12 8.00
C GLY A 71 -2.16 -14.06 8.81
N PHE A 72 -2.26 -15.34 8.51
CA PHE A 72 -1.52 -16.40 9.19
C PHE A 72 -0.01 -16.34 8.83
N SER A 73 0.29 -15.45 7.93
CA SER A 73 1.62 -15.15 7.50
C SER A 73 2.55 -14.92 8.70
N GLY A 74 2.08 -14.12 9.66
CA GLY A 74 2.85 -13.90 10.87
C GLY A 74 4.16 -13.19 10.58
N LYS A 75 4.10 -12.18 9.70
CA LYS A 75 5.27 -11.49 9.22
C LYS A 75 6.18 -10.97 10.37
N PRO A 76 7.49 -10.83 10.09
CA PRO A 76 8.47 -10.31 11.03
C PRO A 76 8.03 -9.04 11.75
N ARG A 77 8.10 -9.09 13.06
CA ARG A 77 7.77 -7.94 13.88
C ARG A 77 8.98 -7.05 13.91
N GLY A 78 8.79 -5.77 13.74
CA GLY A 78 9.92 -4.89 13.73
C GLY A 78 10.16 -4.32 12.36
N LEU A 79 9.23 -4.53 11.46
CA LEU A 79 9.35 -3.92 10.15
C LEU A 79 8.60 -2.63 10.19
N THR A 80 9.11 -1.67 9.50
CA THR A 80 8.50 -0.37 9.52
C THR A 80 7.89 -0.06 8.19
N PHE A 81 6.64 0.25 8.23
CA PHE A 81 5.89 0.58 7.06
C PHE A 81 5.71 2.08 7.06
N GLU A 82 6.44 2.76 6.22
CA GLU A 82 6.35 4.18 6.16
C GLU A 82 5.41 4.55 5.05
N PHE A 83 4.32 5.15 5.39
CA PHE A 83 3.33 5.52 4.44
C PHE A 83 3.81 6.69 3.60
N LEU A 84 3.97 6.45 2.35
CA LEU A 84 4.42 7.44 1.45
C LEU A 84 3.25 8.25 0.97
N TRP A 85 2.35 7.61 0.25
CA TRP A 85 1.23 8.35 -0.33
C TRP A 85 0.07 7.45 -0.70
N ASP A 86 -1.02 8.09 -1.01
CA ASP A 86 -2.24 7.46 -1.46
C ASP A 86 -2.41 7.82 -2.92
N LYS A 87 -2.62 6.85 -3.78
CA LYS A 87 -2.72 7.13 -5.23
C LYS A 87 -3.44 6.01 -5.94
N GLU A 88 -4.20 6.35 -6.95
CA GLU A 88 -4.97 5.40 -7.76
C GLU A 88 -4.06 4.50 -8.57
N ALA A 89 -4.58 3.34 -8.90
CA ALA A 89 -3.92 2.44 -9.81
C ALA A 89 -4.46 2.74 -11.19
N ALA A 90 -3.84 2.19 -12.18
CA ALA A 90 -4.29 2.38 -13.53
C ALA A 90 -5.54 1.52 -13.81
N ALA A 91 -6.14 1.72 -14.98
CA ALA A 91 -7.34 1.00 -15.39
C ALA A 91 -7.08 -0.50 -15.51
N ASP A 92 -5.84 -0.84 -15.79
CA ASP A 92 -5.39 -2.22 -15.86
C ASP A 92 -5.27 -2.85 -14.46
N GLY A 93 -5.25 -2.00 -13.45
CA GLY A 93 -5.19 -2.45 -12.07
C GLY A 93 -3.78 -2.44 -11.51
N THR A 94 -2.85 -1.84 -12.22
CA THR A 94 -1.48 -1.84 -11.79
C THR A 94 -1.21 -0.66 -10.91
N CYS A 95 -0.51 -0.91 -9.88
CA CYS A 95 -0.19 0.06 -8.92
C CYS A 95 1.32 0.12 -8.81
N ASN A 5 28.32 17.09 -34.30
CA ASN A 5 27.98 16.27 -33.14
C ASN A 5 27.55 17.22 -32.03
N ASN A 6 26.53 16.86 -31.29
CA ASN A 6 26.02 17.71 -30.23
C ASN A 6 25.93 17.01 -28.92
N VAL A 7 26.78 17.39 -28.02
CA VAL A 7 26.74 16.93 -26.66
C VAL A 7 26.87 18.16 -25.80
N MET A 8 25.75 18.74 -25.39
CA MET A 8 25.80 19.98 -24.64
C MET A 8 24.52 20.21 -23.84
N ALA A 9 23.39 20.26 -24.52
CA ALA A 9 22.11 20.54 -23.86
C ALA A 9 21.64 19.34 -23.04
N SER A 10 20.67 19.57 -22.19
CA SER A 10 20.12 18.54 -21.34
C SER A 10 19.40 17.46 -22.16
N SER A 11 19.46 16.25 -21.68
CA SER A 11 18.87 15.13 -22.35
C SER A 11 17.36 15.03 -22.04
N SER A 12 17.01 14.80 -20.78
CA SER A 12 15.62 14.66 -20.38
C SER A 12 15.52 14.47 -18.86
N SER A 13 14.49 15.04 -18.29
CA SER A 13 14.15 14.91 -16.88
C SER A 13 12.67 15.22 -16.76
N ASP A 14 11.88 14.21 -16.50
CA ASP A 14 10.43 14.39 -16.42
C ASP A 14 10.02 14.77 -15.01
N THR A 15 10.03 16.04 -14.77
CA THR A 15 9.70 16.57 -13.49
C THR A 15 8.33 17.22 -13.57
N ASP A 16 7.43 16.70 -12.81
CA ASP A 16 6.08 17.21 -12.80
C ASP A 16 5.64 17.33 -11.37
N SER A 17 4.88 18.33 -11.09
CA SER A 17 4.47 18.60 -9.74
C SER A 17 2.99 18.90 -9.66
N ASP A 18 2.38 18.49 -8.56
CA ASP A 18 0.98 18.74 -8.24
C ASP A 18 0.66 18.06 -6.94
N SER A 19 0.44 18.83 -5.90
CA SER A 19 0.10 18.29 -4.63
C SER A 19 -1.42 18.16 -4.55
N SER A 20 -1.89 17.05 -4.04
CA SER A 20 -3.31 16.83 -3.92
C SER A 20 -3.73 16.84 -2.44
N PRO A 21 -4.20 18.00 -1.92
CA PRO A 21 -4.63 18.12 -0.52
C PRO A 21 -5.97 17.41 -0.29
N ASP A 22 -6.83 17.43 -1.29
CA ASP A 22 -8.08 16.71 -1.19
C ASP A 22 -8.05 15.49 -2.02
N ARG A 23 -8.25 14.39 -1.36
CA ARG A 23 -8.19 13.11 -1.93
C ARG A 23 -8.81 12.15 -0.91
N GLY A 24 -10.02 11.81 -1.16
CA GLY A 24 -10.74 10.96 -0.25
C GLY A 24 -10.97 9.56 -0.75
N LEU A 25 -12.17 9.30 -1.21
CA LEU A 25 -12.61 7.94 -1.52
C LEU A 25 -12.33 7.54 -2.97
N SER A 26 -11.53 8.29 -3.68
CA SER A 26 -11.35 8.04 -5.08
C SER A 26 -10.29 6.98 -5.42
N ARG A 27 -10.63 5.74 -5.04
CA ARG A 27 -9.91 4.48 -5.39
C ARG A 27 -8.37 4.57 -5.22
N MET A 28 -7.90 5.21 -4.18
CA MET A 28 -6.47 5.35 -4.03
C MET A 28 -5.88 4.16 -3.32
N CYS A 29 -4.64 3.91 -3.57
CA CYS A 29 -3.93 2.84 -2.94
C CYS A 29 -2.87 3.43 -2.03
N CYS A 30 -2.39 2.64 -1.12
CA CYS A 30 -1.45 3.12 -0.15
C CYS A 30 -0.04 2.70 -0.51
N VAL A 31 0.83 3.67 -0.69
CA VAL A 31 2.21 3.40 -1.01
C VAL A 31 3.05 3.62 0.24
N TYR A 32 3.74 2.56 0.63
CA TYR A 32 4.59 2.52 1.80
C TYR A 32 6.04 2.29 1.41
N LYS A 33 6.91 2.56 2.32
CA LYS A 33 8.31 2.36 2.16
C LYS A 33 8.77 1.47 3.30
N ILE A 34 9.45 0.42 2.96
CA ILE A 34 9.88 -0.56 3.91
C ILE A 34 11.28 -0.26 4.36
N HIS A 35 11.38 -0.01 5.64
CA HIS A 35 12.65 0.20 6.29
C HIS A 35 12.86 -0.89 7.33
N PRO A 36 14.08 -1.36 7.53
CA PRO A 36 15.27 -0.92 6.77
C PRO A 36 15.25 -1.48 5.35
N GLY A 37 16.11 -0.97 4.52
CA GLY A 37 16.18 -1.43 3.16
C GLY A 37 15.87 -0.35 2.18
N GLY A 38 14.79 0.36 2.41
CA GLY A 38 14.38 1.41 1.52
C GLY A 38 13.62 0.86 0.35
N ASN A 39 12.80 -0.13 0.60
CA ASN A 39 12.04 -0.76 -0.44
C ASN A 39 10.72 -0.03 -0.58
N ILE A 40 10.17 -0.01 -1.75
CA ILE A 40 8.90 0.65 -1.98
C ILE A 40 7.86 -0.43 -2.15
N TRP A 41 6.82 -0.39 -1.36
CA TRP A 41 5.80 -1.40 -1.43
C TRP A 41 4.44 -0.75 -1.34
N SER A 42 3.62 -1.03 -2.30
CA SER A 42 2.32 -0.47 -2.37
C SER A 42 1.24 -1.54 -2.16
N THR A 43 0.16 -1.14 -1.54
CA THR A 43 -0.94 -2.00 -1.32
C THR A 43 -2.22 -1.30 -1.78
N LYS A 44 -3.01 -1.98 -2.55
CA LYS A 44 -4.21 -1.43 -3.07
C LYS A 44 -5.37 -1.75 -2.10
N LYS A 45 -5.86 -0.71 -1.42
CA LYS A 45 -6.87 -0.91 -0.42
C LYS A 45 -8.17 -1.41 -1.01
N GLY A 46 -8.73 -2.35 -0.33
CA GLY A 46 -9.90 -3.00 -0.78
C GLY A 46 -9.57 -4.39 -1.28
N GLU A 47 -8.31 -4.62 -1.62
CA GLU A 47 -7.94 -5.94 -2.06
C GLU A 47 -6.78 -6.47 -1.26
N GLN A 48 -6.50 -7.72 -1.41
CA GLN A 48 -5.43 -8.34 -0.70
C GLN A 48 -4.18 -8.27 -1.52
N ALA A 49 -3.14 -7.86 -0.88
CA ALA A 49 -1.87 -7.76 -1.47
C ALA A 49 -0.97 -8.71 -0.76
N TRP A 50 0.16 -8.96 -1.30
CA TRP A 50 1.09 -9.84 -0.68
C TRP A 50 2.39 -9.15 -0.51
N PHE A 51 2.96 -9.33 0.62
CA PHE A 51 4.24 -8.80 0.87
C PHE A 51 5.22 -9.91 0.62
N ARG A 52 5.85 -9.86 -0.52
CA ARG A 52 6.79 -10.87 -0.88
C ARG A 52 8.14 -10.47 -0.33
N ARG A 53 8.52 -11.07 0.76
CA ARG A 53 9.79 -10.78 1.38
C ARG A 53 10.72 -11.86 1.04
N ARG A 54 11.81 -11.51 0.43
CA ARG A 54 12.86 -12.41 -0.11
C ARG A 54 12.42 -13.79 -0.58
N PHE A 55 12.06 -14.64 0.35
CA PHE A 55 11.78 -16.04 0.06
C PHE A 55 10.40 -16.47 0.62
N SER A 56 9.67 -15.52 1.16
CA SER A 56 8.38 -15.81 1.75
C SER A 56 7.36 -14.78 1.24
N LYS A 57 6.09 -15.08 1.37
CA LYS A 57 5.06 -14.14 0.99
C LYS A 57 4.02 -14.05 2.11
N TYR A 58 3.59 -12.87 2.41
CA TYR A 58 2.68 -12.65 3.50
C TYR A 58 1.42 -12.02 2.97
N GLU A 59 0.27 -12.59 3.28
CA GLU A 59 -0.98 -12.04 2.78
C GLU A 59 -1.42 -10.91 3.66
N VAL A 60 -1.73 -9.82 3.05
CA VAL A 60 -2.17 -8.71 3.77
C VAL A 60 -3.23 -7.95 3.00
N MET A 61 -4.28 -7.64 3.64
CA MET A 61 -5.33 -6.91 3.00
C MET A 61 -5.44 -5.55 3.61
N ALA A 62 -5.30 -4.55 2.77
CA ALA A 62 -5.43 -3.20 3.18
C ALA A 62 -6.89 -2.82 3.17
N TYR A 63 -7.41 -2.54 4.33
CA TYR A 63 -8.78 -2.11 4.48
C TYR A 63 -8.93 -0.70 3.91
N ASP A 64 -10.15 -0.30 3.64
CA ASP A 64 -10.44 0.97 2.93
C ASP A 64 -9.89 2.20 3.65
N ARG A 65 -9.78 2.12 4.97
CA ARG A 65 -9.20 3.20 5.78
C ARG A 65 -7.66 3.24 5.69
N CYS A 66 -7.10 2.43 4.79
CA CYS A 66 -5.64 2.33 4.54
C CYS A 66 -4.95 1.62 5.71
N ASN A 67 -5.72 0.79 6.39
CA ASN A 67 -5.23 0.02 7.52
C ASN A 67 -5.02 -1.40 7.07
N LEU A 68 -3.83 -1.92 7.23
CA LEU A 68 -3.54 -3.26 6.77
C LEU A 68 -3.80 -4.29 7.82
N GLU A 69 -4.17 -5.44 7.37
CA GLU A 69 -4.34 -6.56 8.24
C GLU A 69 -3.70 -7.75 7.62
N TRP A 70 -2.80 -8.30 8.31
CA TRP A 70 -2.04 -9.41 7.86
C TRP A 70 -2.76 -10.68 8.23
N GLY A 71 -2.75 -11.62 7.33
CA GLY A 71 -3.35 -12.92 7.58
C GLY A 71 -2.57 -13.75 8.59
N PHE A 72 -2.61 -15.04 8.42
CA PHE A 72 -1.99 -15.95 9.36
C PHE A 72 -0.49 -16.07 9.07
N SER A 73 -0.06 -15.45 7.99
CA SER A 73 1.35 -15.43 7.59
C SER A 73 2.29 -15.04 8.74
N GLY A 74 1.87 -14.04 9.51
CA GLY A 74 2.67 -13.72 10.67
C GLY A 74 3.90 -12.90 10.34
N LYS A 75 3.76 -11.86 9.49
CA LYS A 75 4.92 -11.11 9.02
C LYS A 75 5.81 -10.61 10.20
N PRO A 76 7.11 -10.60 9.99
CA PRO A 76 8.08 -10.21 11.01
C PRO A 76 7.93 -8.78 11.53
N ARG A 77 8.12 -8.64 12.83
CA ARG A 77 8.32 -7.35 13.44
C ARG A 77 9.79 -7.02 13.24
N GLY A 78 10.13 -5.77 13.27
CA GLY A 78 11.50 -5.38 13.02
C GLY A 78 11.58 -4.62 11.75
N LEU A 79 10.44 -4.46 11.12
CA LEU A 79 10.31 -3.69 9.95
C LEU A 79 9.54 -2.46 10.28
N THR A 80 9.73 -1.46 9.51
CA THR A 80 9.07 -0.23 9.69
C THR A 80 8.40 0.15 8.39
N PHE A 81 7.10 0.22 8.43
CA PHE A 81 6.31 0.55 7.29
C PHE A 81 6.08 2.04 7.31
N GLU A 82 6.78 2.75 6.47
CA GLU A 82 6.64 4.16 6.41
C GLU A 82 5.62 4.49 5.36
N PHE A 83 4.56 5.11 5.77
CA PHE A 83 3.50 5.48 4.88
C PHE A 83 3.96 6.67 4.03
N LEU A 84 4.20 6.43 2.77
CA LEU A 84 4.66 7.46 1.88
C LEU A 84 3.52 8.32 1.45
N TRP A 85 2.60 7.71 0.76
CA TRP A 85 1.48 8.44 0.24
C TRP A 85 0.36 7.56 -0.19
N ASP A 86 -0.79 8.12 -0.20
CA ASP A 86 -1.95 7.53 -0.73
C ASP A 86 -2.21 8.23 -2.05
N LYS A 87 -2.36 7.45 -3.07
CA LYS A 87 -2.47 7.97 -4.42
C LYS A 87 -3.09 6.85 -5.24
N GLU A 88 -3.66 7.18 -6.36
CA GLU A 88 -4.26 6.17 -7.20
C GLU A 88 -3.21 5.49 -8.07
N ALA A 89 -3.58 4.32 -8.58
CA ALA A 89 -2.70 3.52 -9.40
C ALA A 89 -2.49 4.18 -10.75
N ALA A 90 -1.55 3.67 -11.51
CA ALA A 90 -1.26 4.19 -12.81
C ALA A 90 -2.30 3.68 -13.80
N ALA A 91 -2.19 4.11 -15.04
CA ALA A 91 -3.16 3.78 -16.08
C ALA A 91 -3.15 2.30 -16.45
N ASP A 92 -2.15 1.59 -16.00
CA ASP A 92 -2.06 0.16 -16.23
C ASP A 92 -2.70 -0.62 -15.08
N GLY A 93 -3.01 0.09 -14.01
CA GLY A 93 -3.67 -0.51 -12.88
C GLY A 93 -2.70 -0.95 -11.79
N THR A 94 -1.45 -0.55 -11.88
CA THR A 94 -0.53 -0.91 -10.86
C THR A 94 -0.13 0.30 -10.05
N CYS A 95 0.13 0.11 -8.79
CA CYS A 95 0.60 1.17 -7.96
C CYS A 95 2.11 1.07 -7.92
N ASN A 5 4.90 -21.70 -21.45
CA ASN A 5 4.27 -21.88 -22.75
C ASN A 5 4.10 -20.50 -23.35
N ASN A 6 4.39 -20.39 -24.63
CA ASN A 6 4.32 -19.14 -25.34
C ASN A 6 2.90 -18.59 -25.37
N VAL A 7 2.80 -17.27 -25.19
CA VAL A 7 1.55 -16.51 -25.22
C VAL A 7 0.71 -16.83 -23.94
N MET A 8 1.37 -17.38 -22.95
CA MET A 8 0.74 -17.70 -21.69
C MET A 8 1.55 -17.13 -20.57
N ALA A 9 0.89 -16.35 -19.75
CA ALA A 9 1.46 -15.64 -18.60
C ALA A 9 2.44 -14.55 -19.05
N SER A 10 2.33 -14.17 -20.31
CA SER A 10 3.14 -13.14 -20.88
C SER A 10 2.47 -11.81 -20.58
N SER A 11 3.10 -11.01 -19.77
CA SER A 11 2.55 -9.73 -19.42
C SER A 11 2.92 -8.69 -20.47
N SER A 12 1.97 -8.39 -21.31
CA SER A 12 2.13 -7.45 -22.38
C SER A 12 0.80 -6.76 -22.63
N SER A 13 0.82 -5.65 -23.31
CA SER A 13 -0.38 -4.95 -23.63
C SER A 13 -0.37 -4.62 -25.12
N ASP A 14 -0.81 -5.57 -25.93
CA ASP A 14 -0.90 -5.36 -27.37
C ASP A 14 -2.27 -4.82 -27.64
N THR A 15 -2.43 -4.06 -28.72
CA THR A 15 -3.67 -3.33 -29.06
C THR A 15 -4.06 -2.39 -27.92
N ASP A 16 -3.02 -1.88 -27.25
CA ASP A 16 -3.13 -1.03 -26.07
C ASP A 16 -3.93 0.23 -26.36
N SER A 17 -4.79 0.56 -25.48
CA SER A 17 -5.68 1.67 -25.65
C SER A 17 -5.46 2.72 -24.58
N ASP A 18 -5.14 3.93 -25.02
CA ASP A 18 -4.99 5.06 -24.11
C ASP A 18 -6.35 5.54 -23.71
N SER A 19 -6.79 5.11 -22.59
CA SER A 19 -8.05 5.48 -22.02
C SER A 19 -7.95 5.25 -20.53
N SER A 20 -8.83 5.82 -19.78
CA SER A 20 -8.84 5.61 -18.37
C SER A 20 -9.53 4.28 -18.06
N PRO A 21 -8.80 3.36 -17.39
CA PRO A 21 -9.34 2.05 -16.98
C PRO A 21 -10.64 2.20 -16.21
N ASP A 22 -10.60 3.00 -15.18
CA ASP A 22 -11.77 3.30 -14.41
C ASP A 22 -12.25 4.68 -14.80
N ARG A 23 -13.54 4.89 -14.76
CA ARG A 23 -14.16 6.11 -15.26
C ARG A 23 -13.79 7.34 -14.41
N GLY A 24 -13.76 7.17 -13.11
CA GLY A 24 -13.47 8.30 -12.24
C GLY A 24 -13.84 8.05 -10.79
N LEU A 25 -13.76 6.80 -10.39
CA LEU A 25 -14.03 6.36 -9.02
C LEU A 25 -12.87 5.46 -8.65
N SER A 26 -11.71 5.86 -9.09
CA SER A 26 -10.53 5.10 -8.99
C SER A 26 -9.90 5.30 -7.63
N ARG A 27 -10.35 4.50 -6.72
CA ARG A 27 -9.80 4.43 -5.36
C ARG A 27 -8.27 4.32 -5.40
N MET A 28 -7.64 5.15 -4.61
CA MET A 28 -6.20 5.21 -4.53
C MET A 28 -5.63 4.06 -3.70
N CYS A 29 -4.41 3.71 -3.99
CA CYS A 29 -3.72 2.65 -3.31
C CYS A 29 -2.88 3.27 -2.20
N CYS A 30 -2.58 2.48 -1.21
CA CYS A 30 -1.75 2.91 -0.12
C CYS A 30 -0.32 2.49 -0.43
N VAL A 31 0.54 3.46 -0.64
CA VAL A 31 1.92 3.21 -0.96
C VAL A 31 2.78 3.40 0.29
N TYR A 32 3.46 2.34 0.68
CA TYR A 32 4.29 2.32 1.86
C TYR A 32 5.74 2.07 1.51
N LYS A 33 6.60 2.44 2.40
CA LYS A 33 7.99 2.17 2.31
C LYS A 33 8.31 1.20 3.42
N ILE A 34 8.86 0.09 3.08
CA ILE A 34 9.09 -0.95 4.02
C ILE A 34 10.50 -0.96 4.50
N HIS A 35 10.65 -0.75 5.77
CA HIS A 35 11.94 -0.77 6.41
C HIS A 35 12.03 -2.06 7.22
N PRO A 36 13.21 -2.69 7.30
CA PRO A 36 14.43 -2.21 6.65
C PRO A 36 14.49 -2.53 5.17
N GLY A 37 15.40 -1.88 4.49
CA GLY A 37 15.56 -2.03 3.08
C GLY A 37 15.13 -0.78 2.38
N GLY A 38 13.92 -0.36 2.68
CA GLY A 38 13.38 0.80 2.03
C GLY A 38 12.68 0.41 0.76
N ASN A 39 11.98 -0.71 0.83
CA ASN A 39 11.29 -1.24 -0.34
C ASN A 39 9.98 -0.54 -0.48
N ILE A 40 9.70 -0.05 -1.65
CA ILE A 40 8.46 0.62 -1.86
C ILE A 40 7.43 -0.42 -2.22
N TRP A 41 6.45 -0.56 -1.37
CA TRP A 41 5.45 -1.58 -1.51
C TRP A 41 4.08 -0.92 -1.47
N SER A 42 3.31 -1.14 -2.48
CA SER A 42 2.01 -0.56 -2.56
C SER A 42 0.95 -1.62 -2.40
N THR A 43 -0.15 -1.24 -1.84
CA THR A 43 -1.27 -2.10 -1.71
C THR A 43 -2.54 -1.29 -1.96
N LYS A 44 -3.36 -1.72 -2.88
CA LYS A 44 -4.59 -1.04 -3.16
C LYS A 44 -5.59 -1.42 -2.10
N LYS A 45 -6.03 -0.45 -1.35
CA LYS A 45 -6.96 -0.71 -0.32
C LYS A 45 -8.24 -1.34 -0.84
N GLY A 46 -8.66 -2.37 -0.18
CA GLY A 46 -9.79 -3.11 -0.60
C GLY A 46 -9.40 -4.45 -1.21
N GLU A 47 -8.12 -4.61 -1.56
CA GLU A 47 -7.67 -5.91 -2.07
C GLU A 47 -6.84 -6.61 -1.02
N GLN A 48 -6.70 -7.89 -1.18
CA GLN A 48 -5.78 -8.61 -0.36
C GLN A 48 -4.47 -8.63 -1.10
N ALA A 49 -3.43 -8.29 -0.45
CA ALA A 49 -2.16 -8.17 -1.08
C ALA A 49 -1.18 -9.07 -0.39
N TRP A 50 -0.06 -9.21 -0.99
CA TRP A 50 0.98 -9.97 -0.43
C TRP A 50 2.20 -9.12 -0.28
N PHE A 51 2.76 -9.17 0.88
CA PHE A 51 3.94 -8.44 1.14
C PHE A 51 5.09 -9.22 0.60
N ARG A 52 5.77 -8.61 -0.30
CA ARG A 52 6.84 -9.23 -0.97
C ARG A 52 8.14 -8.89 -0.28
N ARG A 53 8.68 -9.84 0.40
CA ARG A 53 9.97 -9.71 1.00
C ARG A 53 10.89 -10.59 0.15
N ARG A 54 12.19 -10.30 0.18
CA ARG A 54 13.24 -11.01 -0.59
C ARG A 54 12.91 -12.44 -1.01
N PHE A 55 12.61 -13.31 -0.06
CA PHE A 55 12.32 -14.69 -0.40
C PHE A 55 11.05 -15.17 0.27
N SER A 56 10.20 -14.24 0.66
CA SER A 56 8.98 -14.59 1.37
C SER A 56 7.83 -13.66 0.95
N LYS A 57 6.65 -14.20 0.87
CA LYS A 57 5.48 -13.41 0.61
C LYS A 57 4.49 -13.62 1.74
N TYR A 58 3.88 -12.55 2.19
CA TYR A 58 2.98 -12.62 3.33
C TYR A 58 1.60 -12.11 2.96
N GLU A 59 0.58 -12.85 3.30
CA GLU A 59 -0.80 -12.46 3.04
C GLU A 59 -1.24 -11.32 3.98
N VAL A 60 -1.68 -10.21 3.40
CA VAL A 60 -2.16 -9.09 4.16
C VAL A 60 -3.20 -8.29 3.37
N MET A 61 -4.26 -7.92 4.01
CA MET A 61 -5.27 -7.14 3.33
C MET A 61 -5.26 -5.72 3.84
N ALA A 62 -5.26 -4.78 2.94
CA ALA A 62 -5.28 -3.39 3.28
C ALA A 62 -6.70 -2.91 3.24
N TYR A 63 -7.21 -2.50 4.36
CA TYR A 63 -8.54 -1.97 4.44
C TYR A 63 -8.58 -0.59 3.84
N ASP A 64 -9.77 -0.07 3.61
CA ASP A 64 -10.01 1.20 2.89
C ASP A 64 -9.23 2.42 3.43
N ARG A 65 -8.95 2.45 4.72
CA ARG A 65 -8.21 3.58 5.29
C ARG A 65 -6.72 3.21 5.48
N CYS A 66 -6.26 2.25 4.68
CA CYS A 66 -4.85 1.79 4.66
C CYS A 66 -4.50 0.97 5.92
N ASN A 67 -5.52 0.46 6.58
CA ASN A 67 -5.32 -0.37 7.76
C ASN A 67 -4.99 -1.76 7.31
N LEU A 68 -3.83 -2.26 7.61
CA LEU A 68 -3.48 -3.58 7.15
C LEU A 68 -3.76 -4.64 8.15
N GLU A 69 -4.24 -5.74 7.65
CA GLU A 69 -4.54 -6.86 8.48
C GLU A 69 -3.83 -8.07 7.93
N TRP A 70 -2.86 -8.51 8.67
CA TRP A 70 -2.03 -9.63 8.29
C TRP A 70 -2.72 -10.90 8.65
N GLY A 71 -2.77 -11.80 7.71
CA GLY A 71 -3.39 -13.08 7.93
C GLY A 71 -2.57 -14.01 8.82
N PHE A 72 -2.67 -15.28 8.54
CA PHE A 72 -1.97 -16.30 9.29
C PHE A 72 -0.48 -16.30 8.98
N SER A 73 -0.11 -15.45 8.03
CA SER A 73 1.27 -15.23 7.62
C SER A 73 2.19 -15.03 8.81
N GLY A 74 1.78 -14.17 9.73
CA GLY A 74 2.58 -13.97 10.91
C GLY A 74 3.85 -13.23 10.64
N LYS A 75 3.77 -12.17 9.81
CA LYS A 75 4.95 -11.43 9.39
C LYS A 75 5.82 -10.95 10.57
N PRO A 76 7.15 -10.97 10.38
CA PRO A 76 8.11 -10.61 11.42
C PRO A 76 7.94 -9.21 12.00
N ARG A 77 8.20 -9.12 13.29
CA ARG A 77 8.26 -7.86 13.97
C ARG A 77 9.63 -7.28 13.69
N GLY A 78 9.77 -6.00 13.79
CA GLY A 78 11.03 -5.39 13.48
C GLY A 78 11.00 -4.77 12.12
N LEU A 79 9.80 -4.64 11.60
CA LEU A 79 9.58 -3.99 10.35
C LEU A 79 8.93 -2.66 10.62
N THR A 80 9.11 -1.76 9.74
CA THR A 80 8.50 -0.47 9.87
C THR A 80 7.84 -0.11 8.56
N PHE A 81 6.56 0.10 8.62
CA PHE A 81 5.79 0.42 7.47
C PHE A 81 5.51 1.90 7.48
N GLU A 82 6.22 2.61 6.67
CA GLU A 82 6.09 4.04 6.61
C GLU A 82 5.20 4.38 5.45
N PHE A 83 4.12 5.06 5.73
CA PHE A 83 3.20 5.44 4.71
C PHE A 83 3.79 6.56 3.86
N LEU A 84 4.04 6.26 2.61
CA LEU A 84 4.59 7.24 1.72
C LEU A 84 3.50 8.12 1.23
N TRP A 85 2.54 7.53 0.54
CA TRP A 85 1.46 8.31 -0.06
C TRP A 85 0.36 7.43 -0.54
N ASP A 86 -0.72 8.04 -0.90
CA ASP A 86 -1.84 7.39 -1.48
C ASP A 86 -1.90 7.81 -2.93
N LYS A 87 -2.00 6.85 -3.81
CA LYS A 87 -1.99 7.13 -5.23
C LYS A 87 -2.65 5.99 -5.94
N GLU A 88 -3.40 6.29 -6.96
CA GLU A 88 -4.11 5.26 -7.71
C GLU A 88 -3.20 4.59 -8.72
N ALA A 89 -3.61 3.42 -9.16
CA ALA A 89 -2.83 2.61 -10.06
C ALA A 89 -2.83 3.15 -11.49
N ALA A 90 -1.89 2.67 -12.25
CA ALA A 90 -1.80 2.95 -13.66
C ALA A 90 -2.62 1.91 -14.43
N ALA A 91 -2.64 2.00 -15.75
CA ALA A 91 -3.41 1.06 -16.60
C ALA A 91 -3.00 -0.39 -16.39
N ASP A 92 -1.74 -0.60 -16.08
CA ASP A 92 -1.19 -1.92 -15.83
C ASP A 92 -1.61 -2.45 -14.46
N GLY A 93 -2.07 -1.56 -13.60
CA GLY A 93 -2.50 -1.95 -12.30
C GLY A 93 -1.47 -1.71 -11.23
N THR A 94 -0.41 -1.01 -11.57
CA THR A 94 0.62 -0.74 -10.58
C THR A 94 0.35 0.57 -9.89
N CYS A 95 0.48 0.59 -8.61
CA CYS A 95 0.22 1.75 -7.82
C CYS A 95 1.53 2.41 -7.48
N ASN A 5 -22.32 25.07 -9.03
CA ASN A 5 -21.89 25.08 -10.43
C ASN A 5 -20.40 24.89 -10.49
N ASN A 6 -19.95 23.99 -11.31
CA ASN A 6 -18.55 23.72 -11.41
C ASN A 6 -18.13 23.57 -12.85
N VAL A 7 -17.07 24.23 -13.19
CA VAL A 7 -16.47 24.09 -14.48
C VAL A 7 -15.31 23.14 -14.28
N MET A 8 -15.55 21.89 -14.62
CA MET A 8 -14.58 20.81 -14.42
C MET A 8 -13.24 21.18 -15.02
N ALA A 9 -12.25 21.15 -14.20
CA ALA A 9 -10.93 21.52 -14.58
C ALA A 9 -9.95 20.46 -14.14
N SER A 10 -8.97 20.22 -14.95
CA SER A 10 -7.96 19.23 -14.65
C SER A 10 -6.95 19.85 -13.70
N SER A 11 -6.28 19.01 -12.94
CA SER A 11 -5.29 19.43 -11.96
C SER A 11 -4.23 20.36 -12.57
N SER A 12 -4.19 21.57 -12.07
CA SER A 12 -3.26 22.57 -12.50
C SER A 12 -3.26 23.67 -11.44
N SER A 13 -2.68 24.80 -11.73
CA SER A 13 -2.64 25.87 -10.79
C SER A 13 -3.87 26.76 -10.95
N ASP A 14 -4.90 26.42 -10.23
CA ASP A 14 -6.15 27.17 -10.20
C ASP A 14 -6.90 26.67 -8.98
N THR A 15 -8.08 27.14 -8.78
CA THR A 15 -8.89 26.76 -7.67
C THR A 15 -10.32 26.59 -8.16
N ASP A 16 -10.57 25.45 -8.72
CA ASP A 16 -11.87 25.12 -9.28
C ASP A 16 -12.89 25.01 -8.17
N SER A 17 -14.14 25.27 -8.49
CA SER A 17 -15.19 25.32 -7.51
C SER A 17 -15.50 23.96 -6.90
N ASP A 18 -16.03 23.99 -5.68
CA ASP A 18 -16.38 22.79 -4.93
C ASP A 18 -17.28 21.88 -5.73
N SER A 19 -16.78 20.72 -6.03
CA SER A 19 -17.45 19.75 -6.83
C SER A 19 -17.74 18.50 -5.98
N SER A 20 -18.21 17.44 -6.62
CA SER A 20 -18.47 16.18 -5.97
C SER A 20 -17.17 15.59 -5.40
N PRO A 21 -17.11 15.38 -4.07
CA PRO A 21 -15.92 14.88 -3.39
C PRO A 21 -15.83 13.36 -3.47
N ASP A 22 -16.87 12.76 -4.01
CA ASP A 22 -16.98 11.32 -4.17
C ASP A 22 -16.05 10.85 -5.27
N ARG A 23 -14.83 10.63 -4.91
CA ARG A 23 -13.82 10.17 -5.83
C ARG A 23 -13.37 8.79 -5.40
N GLY A 24 -13.78 8.40 -4.20
CA GLY A 24 -13.31 7.19 -3.58
C GLY A 24 -13.99 5.93 -4.04
N LEU A 25 -14.61 5.98 -5.18
CA LEU A 25 -15.16 4.78 -5.77
C LEU A 25 -14.05 4.09 -6.55
N SER A 26 -13.05 4.87 -6.83
CA SER A 26 -11.85 4.43 -7.42
C SER A 26 -10.82 4.55 -6.31
N ARG A 27 -10.79 3.52 -5.52
CA ARG A 27 -10.01 3.46 -4.29
C ARG A 27 -8.52 3.62 -4.56
N MET A 28 -7.88 4.40 -3.73
CA MET A 28 -6.48 4.68 -3.90
C MET A 28 -5.63 3.57 -3.29
N CYS A 29 -4.46 3.46 -3.81
CA CYS A 29 -3.49 2.52 -3.40
C CYS A 29 -2.54 3.21 -2.44
N CYS A 30 -2.47 2.72 -1.23
CA CYS A 30 -1.60 3.29 -0.24
C CYS A 30 -0.18 2.80 -0.39
N VAL A 31 0.70 3.74 -0.68
CA VAL A 31 2.10 3.49 -0.94
C VAL A 31 2.91 3.76 0.31
N TYR A 32 3.57 2.72 0.77
CA TYR A 32 4.37 2.73 1.98
C TYR A 32 5.83 2.50 1.63
N LYS A 33 6.69 2.78 2.57
CA LYS A 33 8.08 2.52 2.42
C LYS A 33 8.52 1.64 3.57
N ILE A 34 9.18 0.58 3.22
CA ILE A 34 9.61 -0.43 4.13
C ILE A 34 11.05 -0.20 4.52
N HIS A 35 11.24 0.02 5.78
CA HIS A 35 12.57 0.14 6.36
C HIS A 35 12.77 -1.03 7.32
N PRO A 36 13.98 -1.61 7.38
CA PRO A 36 15.12 -1.20 6.55
C PRO A 36 15.01 -1.71 5.11
N GLY A 37 15.83 -1.17 4.26
CA GLY A 37 15.81 -1.55 2.87
C GLY A 37 15.40 -0.40 2.02
N GLY A 38 14.44 0.36 2.50
CA GLY A 38 13.97 1.51 1.78
C GLY A 38 13.15 1.11 0.59
N ASN A 39 12.43 0.01 0.74
CA ASN A 39 11.68 -0.54 -0.35
C ASN A 39 10.33 0.11 -0.41
N ILE A 40 9.87 0.43 -1.58
CA ILE A 40 8.58 1.04 -1.73
C ILE A 40 7.56 -0.06 -1.99
N TRP A 41 6.60 -0.18 -1.12
CA TRP A 41 5.60 -1.21 -1.23
C TRP A 41 4.23 -0.58 -1.21
N SER A 42 3.37 -0.99 -2.09
CA SER A 42 2.07 -0.41 -2.20
C SER A 42 0.97 -1.47 -2.09
N THR A 43 -0.10 -1.11 -1.45
CA THR A 43 -1.23 -1.98 -1.28
C THR A 43 -2.52 -1.19 -1.56
N LYS A 44 -3.48 -1.80 -2.21
CA LYS A 44 -4.69 -1.10 -2.57
C LYS A 44 -5.75 -1.33 -1.52
N LYS A 45 -6.28 -0.23 -0.98
CA LYS A 45 -7.26 -0.32 0.08
C LYS A 45 -8.50 -1.07 -0.41
N GLY A 46 -8.87 -2.07 0.33
CA GLY A 46 -10.03 -2.83 0.02
C GLY A 46 -9.67 -4.17 -0.55
N GLU A 47 -8.46 -4.30 -1.08
CA GLU A 47 -8.08 -5.53 -1.69
C GLU A 47 -6.89 -6.16 -0.97
N GLN A 48 -6.70 -7.42 -1.17
CA GLN A 48 -5.66 -8.16 -0.52
C GLN A 48 -4.40 -8.16 -1.36
N ALA A 49 -3.27 -8.15 -0.71
CA ALA A 49 -2.00 -8.11 -1.36
C ALA A 49 -1.05 -9.05 -0.64
N TRP A 50 0.07 -9.30 -1.22
CA TRP A 50 1.07 -10.13 -0.62
C TRP A 50 2.36 -9.38 -0.53
N PHE A 51 2.89 -9.33 0.64
CA PHE A 51 4.12 -8.64 0.89
C PHE A 51 5.26 -9.55 0.50
N ARG A 52 5.94 -9.21 -0.58
CA ARG A 52 7.05 -10.01 -1.03
C ARG A 52 8.28 -9.70 -0.22
N ARG A 53 8.80 -10.71 0.40
CA ARG A 53 10.02 -10.62 1.13
C ARG A 53 11.05 -11.41 0.32
N ARG A 54 12.31 -11.36 0.72
CA ARG A 54 13.40 -12.10 0.06
C ARG A 54 13.04 -13.56 -0.29
N PHE A 55 12.59 -14.35 0.68
CA PHE A 55 12.30 -15.76 0.40
C PHE A 55 10.89 -16.14 0.81
N SER A 56 10.10 -15.16 1.13
CA SER A 56 8.77 -15.40 1.64
C SER A 56 7.78 -14.40 1.06
N LYS A 57 6.51 -14.67 1.21
CA LYS A 57 5.46 -13.76 0.85
C LYS A 57 4.40 -13.81 1.93
N TYR A 58 3.94 -12.68 2.34
CA TYR A 58 3.00 -12.62 3.43
C TYR A 58 1.69 -12.02 3.01
N GLU A 59 0.63 -12.80 3.17
CA GLU A 59 -0.72 -12.39 2.84
C GLU A 59 -1.17 -11.29 3.79
N VAL A 60 -1.60 -10.18 3.22
CA VAL A 60 -2.08 -9.08 4.00
C VAL A 60 -3.12 -8.28 3.20
N MET A 61 -4.13 -7.82 3.86
CA MET A 61 -5.12 -7.02 3.19
C MET A 61 -5.13 -5.64 3.76
N ALA A 62 -5.28 -4.66 2.91
CA ALA A 62 -5.40 -3.30 3.35
C ALA A 62 -6.87 -3.01 3.44
N TYR A 63 -7.34 -2.63 4.61
CA TYR A 63 -8.74 -2.25 4.74
C TYR A 63 -8.98 -0.91 4.06
N ASP A 64 -10.22 -0.45 4.04
CA ASP A 64 -10.55 0.75 3.23
C ASP A 64 -9.99 2.06 3.83
N ARG A 65 -9.33 1.98 4.96
CA ARG A 65 -8.67 3.14 5.50
C ARG A 65 -7.16 2.91 5.54
N CYS A 66 -6.74 1.86 4.81
CA CYS A 66 -5.34 1.47 4.59
C CYS A 66 -4.63 0.82 5.80
N ASN A 67 -5.40 0.44 6.80
CA ASN A 67 -4.83 -0.34 7.90
C ASN A 67 -4.69 -1.76 7.40
N LEU A 68 -3.53 -2.34 7.56
CA LEU A 68 -3.30 -3.64 7.06
C LEU A 68 -3.60 -4.72 8.06
N GLU A 69 -4.03 -5.83 7.54
CA GLU A 69 -4.34 -6.98 8.34
C GLU A 69 -3.57 -8.13 7.80
N TRP A 70 -2.56 -8.51 8.50
CA TRP A 70 -1.72 -9.61 8.13
C TRP A 70 -2.38 -10.89 8.55
N GLY A 71 -2.39 -11.84 7.67
CA GLY A 71 -2.98 -13.12 7.96
C GLY A 71 -2.13 -13.97 8.89
N PHE A 72 -2.19 -15.26 8.71
CA PHE A 72 -1.47 -16.22 9.53
C PHE A 72 -0.02 -16.30 9.05
N SER A 73 0.24 -15.58 7.98
CA SER A 73 1.54 -15.44 7.35
C SER A 73 2.65 -15.14 8.39
N GLY A 74 2.36 -14.25 9.33
CA GLY A 74 3.32 -14.02 10.41
C GLY A 74 4.49 -13.14 10.05
N LYS A 75 4.25 -12.04 9.31
CA LYS A 75 5.34 -11.18 8.84
C LYS A 75 6.26 -10.70 9.99
N PRO A 76 7.56 -10.59 9.70
CA PRO A 76 8.57 -10.18 10.66
C PRO A 76 8.29 -8.84 11.36
N ARG A 77 8.50 -8.85 12.66
CA ARG A 77 8.46 -7.65 13.46
C ARG A 77 9.81 -6.96 13.32
N GLY A 78 9.85 -5.69 13.53
CA GLY A 78 11.11 -4.99 13.40
C GLY A 78 11.18 -4.22 12.11
N LEU A 79 10.17 -4.37 11.30
CA LEU A 79 10.09 -3.64 10.07
C LEU A 79 9.32 -2.39 10.31
N THR A 80 9.64 -1.39 9.60
CA THR A 80 9.03 -0.12 9.76
C THR A 80 8.26 0.24 8.51
N PHE A 81 6.97 0.46 8.68
CA PHE A 81 6.09 0.81 7.59
C PHE A 81 5.79 2.29 7.63
N GLU A 82 6.38 3.03 6.75
CA GLU A 82 6.13 4.45 6.69
C GLU A 82 5.20 4.73 5.53
N PHE A 83 4.11 5.39 5.79
CA PHE A 83 3.17 5.74 4.77
C PHE A 83 3.71 6.91 3.97
N LEU A 84 4.07 6.64 2.73
CA LEU A 84 4.61 7.67 1.88
C LEU A 84 3.51 8.53 1.34
N TRP A 85 2.62 7.91 0.59
CA TRP A 85 1.55 8.65 -0.07
C TRP A 85 0.50 7.71 -0.59
N ASP A 86 -0.57 8.26 -1.07
CA ASP A 86 -1.60 7.46 -1.70
C ASP A 86 -1.61 7.79 -3.18
N LYS A 87 -1.69 6.78 -3.99
CA LYS A 87 -1.70 6.94 -5.43
C LYS A 87 -2.73 6.07 -6.04
N GLU A 88 -2.90 6.26 -7.27
CA GLU A 88 -3.75 5.42 -8.06
C GLU A 88 -2.94 4.30 -8.67
N ALA A 89 -3.59 3.27 -9.09
CA ALA A 89 -2.95 2.17 -9.75
C ALA A 89 -2.57 2.57 -11.17
N ALA A 90 -1.74 1.76 -11.80
CA ALA A 90 -1.31 2.01 -13.17
C ALA A 90 -2.45 1.72 -14.14
N ALA A 91 -2.21 1.91 -15.44
CA ALA A 91 -3.22 1.67 -16.48
C ALA A 91 -3.63 0.20 -16.52
N ASP A 92 -2.74 -0.67 -16.05
CA ASP A 92 -2.99 -2.10 -15.99
C ASP A 92 -3.85 -2.47 -14.78
N GLY A 93 -3.98 -1.54 -13.84
CA GLY A 93 -4.79 -1.76 -12.68
C GLY A 93 -4.01 -2.26 -11.47
N THR A 94 -2.69 -2.30 -11.56
CA THR A 94 -1.88 -2.77 -10.47
C THR A 94 -1.12 -1.62 -9.85
N CYS A 95 -0.72 -1.79 -8.61
CA CYS A 95 0.11 -0.86 -7.94
C CYS A 95 1.55 -1.19 -8.31
N ASN A 5 -14.21 12.28 22.86
CA ASN A 5 -14.22 13.52 23.64
C ASN A 5 -12.85 13.79 24.25
N ASN A 6 -12.54 13.18 25.39
CA ASN A 6 -11.24 13.45 26.01
C ASN A 6 -10.18 12.58 25.40
N VAL A 7 -10.46 11.30 25.26
CA VAL A 7 -9.52 10.41 24.60
C VAL A 7 -9.71 10.53 23.08
N MET A 8 -9.25 11.65 22.59
CA MET A 8 -9.23 12.03 21.20
C MET A 8 -8.60 13.38 21.13
N ALA A 9 -7.50 13.43 20.52
CA ALA A 9 -6.76 14.65 20.39
C ALA A 9 -7.07 15.27 19.06
N SER A 10 -6.82 16.55 18.93
CA SER A 10 -7.07 17.25 17.72
C SER A 10 -6.04 16.86 16.65
N SER A 11 -6.31 17.23 15.41
CA SER A 11 -5.44 16.93 14.28
C SER A 11 -4.22 17.89 14.25
N SER A 12 -3.74 18.24 15.42
CA SER A 12 -2.66 19.12 15.59
C SER A 12 -1.35 18.33 15.48
N SER A 13 -0.62 18.60 14.46
CA SER A 13 0.64 17.98 14.20
C SER A 13 1.56 19.06 13.66
N ASP A 14 2.82 18.76 13.44
CA ASP A 14 3.74 19.80 12.96
C ASP A 14 3.56 20.04 11.46
N THR A 15 4.44 20.88 10.94
CA THR A 15 4.43 21.36 9.58
C THR A 15 4.38 20.22 8.57
N ASP A 16 3.23 20.05 7.96
CA ASP A 16 2.99 19.00 7.00
C ASP A 16 1.67 19.36 6.32
N SER A 17 1.18 18.54 5.43
CA SER A 17 -0.02 18.88 4.69
C SER A 17 -1.24 18.16 5.26
N ASP A 18 -2.42 18.71 4.99
CA ASP A 18 -3.69 18.14 5.45
C ASP A 18 -3.89 16.77 4.83
N SER A 19 -3.82 15.76 5.64
CA SER A 19 -3.90 14.40 5.18
C SER A 19 -4.97 13.65 5.98
N SER A 20 -5.42 12.53 5.48
CA SER A 20 -6.39 11.71 6.16
C SER A 20 -6.19 10.26 5.71
N PRO A 21 -6.33 9.28 6.63
CA PRO A 21 -6.12 7.86 6.30
C PRO A 21 -7.10 7.34 5.23
N ASP A 22 -8.30 7.88 5.23
CA ASP A 22 -9.28 7.58 4.24
C ASP A 22 -9.63 8.83 3.44
N ARG A 23 -9.07 8.95 2.25
CA ARG A 23 -9.35 10.11 1.40
C ARG A 23 -10.53 9.86 0.46
N GLY A 24 -11.05 8.64 0.46
CA GLY A 24 -12.26 8.33 -0.29
C GLY A 24 -12.03 7.67 -1.64
N LEU A 25 -11.05 6.79 -1.73
CA LEU A 25 -10.77 6.05 -2.95
C LEU A 25 -10.21 4.69 -2.58
N SER A 26 -10.86 3.65 -3.01
CA SER A 26 -10.38 2.29 -2.76
C SER A 26 -9.62 1.75 -3.99
N ARG A 27 -9.63 2.53 -5.01
CA ARG A 27 -8.86 2.24 -6.24
C ARG A 27 -7.47 2.82 -6.08
N MET A 28 -7.36 3.65 -5.08
CA MET A 28 -6.15 4.29 -4.72
C MET A 28 -5.42 3.36 -3.78
N CYS A 29 -4.19 3.08 -4.06
CA CYS A 29 -3.42 2.14 -3.29
C CYS A 29 -2.45 2.85 -2.36
N CYS A 30 -2.29 2.33 -1.14
CA CYS A 30 -1.36 2.89 -0.18
C CYS A 30 0.05 2.49 -0.56
N VAL A 31 0.89 3.48 -0.75
CA VAL A 31 2.27 3.27 -1.05
C VAL A 31 3.09 3.57 0.19
N TYR A 32 3.66 2.54 0.74
CA TYR A 32 4.49 2.60 1.92
C TYR A 32 5.93 2.27 1.59
N LYS A 33 6.82 2.74 2.42
CA LYS A 33 8.21 2.43 2.30
C LYS A 33 8.54 1.52 3.46
N ILE A 34 8.99 0.35 3.13
CA ILE A 34 9.24 -0.67 4.10
C ILE A 34 10.68 -0.63 4.56
N HIS A 35 10.84 -0.42 5.82
CA HIS A 35 12.12 -0.45 6.47
C HIS A 35 12.14 -1.69 7.36
N PRO A 36 13.28 -2.40 7.46
CA PRO A 36 14.50 -2.06 6.73
C PRO A 36 14.48 -2.57 5.29
N GLY A 37 15.41 -2.08 4.52
CA GLY A 37 15.53 -2.48 3.14
C GLY A 37 15.27 -1.33 2.23
N GLY A 38 14.29 -0.50 2.58
CA GLY A 38 13.94 0.64 1.77
C GLY A 38 13.14 0.18 0.58
N ASN A 39 12.23 -0.73 0.84
CA ASN A 39 11.45 -1.34 -0.20
C ASN A 39 10.15 -0.60 -0.33
N ILE A 40 9.89 -0.01 -1.46
CA ILE A 40 8.66 0.71 -1.68
C ILE A 40 7.60 -0.30 -2.11
N TRP A 41 6.57 -0.42 -1.33
CA TRP A 41 5.56 -1.41 -1.57
C TRP A 41 4.18 -0.76 -1.53
N SER A 42 3.34 -1.17 -2.43
CA SER A 42 2.02 -0.63 -2.56
C SER A 42 0.96 -1.71 -2.32
N THR A 43 -0.07 -1.36 -1.56
CA THR A 43 -1.17 -2.26 -1.28
C THR A 43 -2.49 -1.59 -1.67
N LYS A 44 -3.46 -2.34 -2.12
CA LYS A 44 -4.70 -1.76 -2.60
C LYS A 44 -5.74 -1.71 -1.51
N LYS A 45 -6.13 -0.50 -1.18
CA LYS A 45 -7.10 -0.21 -0.14
C LYS A 45 -8.44 -0.90 -0.39
N GLY A 46 -8.78 -1.79 0.49
CA GLY A 46 -10.01 -2.48 0.43
C GLY A 46 -9.86 -3.91 -0.04
N GLU A 47 -8.68 -4.27 -0.52
CA GLU A 47 -8.44 -5.60 -1.03
C GLU A 47 -7.22 -6.24 -0.38
N GLN A 48 -7.05 -7.52 -0.62
CA GLN A 48 -5.91 -8.24 -0.08
C GLN A 48 -4.76 -8.23 -1.06
N ALA A 49 -3.61 -7.90 -0.57
CA ALA A 49 -2.41 -7.83 -1.35
C ALA A 49 -1.39 -8.73 -0.71
N TRP A 50 -0.31 -8.94 -1.37
CA TRP A 50 0.73 -9.78 -0.86
C TRP A 50 2.01 -9.01 -0.78
N PHE A 51 2.60 -9.04 0.35
CA PHE A 51 3.84 -8.39 0.57
C PHE A 51 4.94 -9.29 0.11
N ARG A 52 5.67 -8.84 -0.86
CA ARG A 52 6.74 -9.60 -1.40
C ARG A 52 8.03 -9.20 -0.70
N ARG A 53 8.49 -10.06 0.13
CA ARG A 53 9.69 -9.83 0.88
C ARG A 53 10.79 -10.60 0.17
N ARG A 54 12.04 -10.30 0.51
CA ARG A 54 13.24 -10.92 -0.08
C ARG A 54 13.12 -12.42 -0.39
N PHE A 55 12.67 -13.21 0.56
CA PHE A 55 12.55 -14.64 0.35
C PHE A 55 11.21 -15.17 0.82
N SER A 56 10.19 -14.33 0.87
CA SER A 56 8.89 -14.74 1.38
C SER A 56 7.76 -13.84 0.87
N LYS A 57 6.54 -14.33 0.98
CA LYS A 57 5.38 -13.56 0.62
C LYS A 57 4.37 -13.62 1.75
N TYR A 58 3.75 -12.52 2.04
CA TYR A 58 2.82 -12.45 3.15
C TYR A 58 1.50 -11.88 2.69
N GLU A 59 0.43 -12.57 2.99
CA GLU A 59 -0.88 -12.11 2.62
C GLU A 59 -1.37 -11.06 3.60
N VAL A 60 -1.74 -9.95 3.09
CA VAL A 60 -2.16 -8.87 3.92
C VAL A 60 -3.22 -8.04 3.24
N MET A 61 -4.24 -7.72 3.94
CA MET A 61 -5.25 -6.89 3.37
C MET A 61 -5.23 -5.54 4.00
N ALA A 62 -5.32 -4.55 3.19
CA ALA A 62 -5.37 -3.20 3.64
C ALA A 62 -6.79 -2.75 3.54
N TYR A 63 -7.33 -2.26 4.60
CA TYR A 63 -8.69 -1.78 4.60
C TYR A 63 -8.72 -0.37 3.98
N ASP A 64 -9.90 0.17 3.78
CA ASP A 64 -10.03 1.47 3.10
C ASP A 64 -9.44 2.63 3.90
N ARG A 65 -9.32 2.45 5.20
CA ARG A 65 -8.68 3.45 6.04
C ARG A 65 -7.15 3.16 6.12
N CYS A 66 -6.70 2.25 5.25
CA CYS A 66 -5.29 1.90 5.04
C CYS A 66 -4.68 1.07 6.20
N ASN A 67 -5.56 0.52 7.02
CA ASN A 67 -5.15 -0.39 8.10
C ASN A 67 -4.85 -1.75 7.51
N LEU A 68 -3.69 -2.30 7.78
CA LEU A 68 -3.35 -3.59 7.24
C LEU A 68 -3.55 -4.71 8.24
N GLU A 69 -3.92 -5.85 7.73
CA GLU A 69 -4.09 -7.03 8.53
C GLU A 69 -3.44 -8.19 7.82
N TRP A 70 -2.47 -8.73 8.46
CA TRP A 70 -1.68 -9.81 7.93
C TRP A 70 -2.31 -11.13 8.34
N GLY A 71 -2.42 -12.05 7.41
CA GLY A 71 -2.95 -13.36 7.71
C GLY A 71 -1.93 -14.25 8.43
N PHE A 72 -2.17 -15.56 8.38
CA PHE A 72 -1.37 -16.61 9.05
C PHE A 72 0.09 -16.61 8.57
N SER A 73 0.33 -15.90 7.51
CA SER A 73 1.64 -15.69 6.91
C SER A 73 2.74 -15.47 7.98
N GLY A 74 2.44 -14.66 9.00
CA GLY A 74 3.38 -14.53 10.08
C GLY A 74 4.45 -13.50 9.85
N LYS A 75 4.07 -12.33 9.31
CA LYS A 75 5.03 -11.30 8.96
C LYS A 75 5.95 -10.91 10.13
N PRO A 76 7.26 -10.79 9.83
CA PRO A 76 8.29 -10.52 10.82
C PRO A 76 8.13 -9.20 11.54
N ARG A 77 8.40 -9.24 12.81
CA ARG A 77 8.40 -8.08 13.65
C ARG A 77 9.72 -7.34 13.47
N GLY A 78 9.73 -6.07 13.76
CA GLY A 78 10.94 -5.31 13.61
C GLY A 78 10.96 -4.56 12.30
N LEU A 79 9.81 -4.44 11.69
CA LEU A 79 9.69 -3.70 10.47
C LEU A 79 9.16 -2.32 10.79
N THR A 80 9.26 -1.43 9.87
CA THR A 80 8.75 -0.10 10.03
C THR A 80 8.11 0.32 8.71
N PHE A 81 6.88 0.74 8.78
CA PHE A 81 6.12 1.09 7.62
C PHE A 81 5.94 2.60 7.57
N GLU A 82 6.67 3.25 6.70
CA GLU A 82 6.52 4.68 6.53
C GLU A 82 5.54 4.92 5.40
N PHE A 83 4.50 5.67 5.66
CA PHE A 83 3.52 5.94 4.65
C PHE A 83 4.01 7.01 3.71
N LEU A 84 4.21 6.65 2.47
CA LEU A 84 4.69 7.59 1.51
C LEU A 84 3.52 8.39 0.95
N TRP A 85 2.62 7.71 0.27
CA TRP A 85 1.48 8.37 -0.39
C TRP A 85 0.48 7.35 -0.82
N ASP A 86 -0.63 7.79 -1.32
CA ASP A 86 -1.62 6.88 -1.85
C ASP A 86 -1.71 7.20 -3.32
N LYS A 87 -1.72 6.21 -4.15
CA LYS A 87 -1.89 6.44 -5.57
C LYS A 87 -2.59 5.29 -6.21
N GLU A 88 -3.45 5.59 -7.16
CA GLU A 88 -4.23 4.61 -7.90
C GLU A 88 -3.34 3.71 -8.71
N ALA A 89 -3.90 2.58 -9.09
CA ALA A 89 -3.20 1.63 -9.93
C ALA A 89 -2.85 2.26 -11.26
N ALA A 90 -1.80 1.80 -11.84
CA ALA A 90 -1.34 2.29 -13.10
C ALA A 90 -2.21 1.72 -14.24
N ALA A 91 -1.89 2.09 -15.47
CA ALA A 91 -2.64 1.62 -16.64
C ALA A 91 -2.42 0.12 -16.85
N ASP A 92 -1.35 -0.38 -16.28
CA ASP A 92 -1.02 -1.79 -16.29
C ASP A 92 -1.90 -2.58 -15.33
N GLY A 93 -2.57 -1.87 -14.43
CA GLY A 93 -3.49 -2.51 -13.54
C GLY A 93 -2.87 -2.91 -12.22
N THR A 94 -1.70 -2.42 -11.95
CA THR A 94 -1.06 -2.73 -10.70
C THR A 94 -0.88 -1.44 -9.93
N CYS A 95 -0.88 -1.51 -8.62
CA CYS A 95 -0.69 -0.34 -7.78
C CYS A 95 0.72 0.19 -7.94
N ASN A 5 -13.90 36.83 -4.64
CA ASN A 5 -14.11 36.20 -3.33
C ASN A 5 -15.15 35.11 -3.42
N ASN A 6 -16.33 35.44 -3.96
CA ASN A 6 -17.45 34.51 -4.15
C ASN A 6 -18.04 34.04 -2.83
N VAL A 7 -17.34 33.16 -2.15
CA VAL A 7 -17.82 32.60 -0.91
C VAL A 7 -17.39 33.47 0.26
N MET A 8 -18.22 34.42 0.60
CA MET A 8 -17.99 35.25 1.77
C MET A 8 -18.89 34.78 2.88
N ALA A 9 -19.78 33.91 2.49
CA ALA A 9 -20.72 33.24 3.32
C ALA A 9 -21.14 32.01 2.55
N SER A 10 -21.77 31.06 3.17
CA SER A 10 -22.13 29.85 2.46
C SER A 10 -23.44 30.00 1.69
N SER A 11 -23.37 30.71 0.60
CA SER A 11 -24.51 30.90 -0.25
C SER A 11 -24.40 29.92 -1.42
N SER A 12 -23.24 29.85 -2.03
CA SER A 12 -22.99 28.86 -3.03
C SER A 12 -22.51 27.58 -2.33
N SER A 13 -23.44 26.88 -1.75
CA SER A 13 -23.18 25.68 -1.02
C SER A 13 -23.97 24.51 -1.61
N ASP A 14 -25.27 24.50 -1.35
CA ASP A 14 -26.16 23.47 -1.89
C ASP A 14 -26.29 23.68 -3.39
N THR A 15 -26.18 24.92 -3.77
CA THR A 15 -26.26 25.34 -5.14
C THR A 15 -24.87 25.51 -5.78
N ASP A 16 -23.87 24.83 -5.25
CA ASP A 16 -22.54 24.85 -5.86
C ASP A 16 -22.53 23.78 -6.98
N SER A 17 -21.40 23.37 -7.44
CA SER A 17 -21.31 22.43 -8.51
C SER A 17 -20.57 21.17 -8.03
N ASP A 18 -20.24 20.27 -8.95
CA ASP A 18 -19.53 19.03 -8.65
C ASP A 18 -18.28 19.28 -7.87
N SER A 19 -18.34 18.95 -6.61
CA SER A 19 -17.22 19.14 -5.71
C SER A 19 -16.41 17.84 -5.68
N SER A 20 -16.45 17.13 -6.80
CA SER A 20 -15.79 15.86 -7.03
C SER A 20 -16.47 14.72 -6.23
N PRO A 21 -16.75 13.58 -6.88
CA PRO A 21 -17.33 12.41 -6.20
C PRO A 21 -16.24 11.68 -5.39
N ASP A 22 -15.05 12.21 -5.49
CA ASP A 22 -13.92 11.77 -4.74
C ASP A 22 -14.19 11.95 -3.26
N ARG A 23 -13.94 10.92 -2.52
CA ARG A 23 -14.19 10.92 -1.09
C ARG A 23 -12.88 10.83 -0.36
N GLY A 24 -11.86 11.43 -0.92
CA GLY A 24 -10.57 11.40 -0.31
C GLY A 24 -9.79 10.21 -0.80
N LEU A 25 -10.35 9.05 -0.61
CA LEU A 25 -9.76 7.84 -1.08
C LEU A 25 -10.72 7.20 -2.06
N SER A 26 -10.44 7.38 -3.31
CA SER A 26 -11.23 6.91 -4.38
C SER A 26 -10.32 6.07 -5.24
N ARG A 27 -10.30 4.78 -4.94
CA ARG A 27 -9.44 3.81 -5.56
C ARG A 27 -7.96 4.12 -5.33
N MET A 28 -7.71 4.77 -4.19
CA MET A 28 -6.36 5.10 -3.78
C MET A 28 -5.58 3.90 -3.39
N CYS A 29 -4.37 3.93 -3.73
CA CYS A 29 -3.46 2.96 -3.36
C CYS A 29 -2.64 3.52 -2.26
N CYS A 30 -2.56 2.78 -1.18
CA CYS A 30 -1.81 3.18 -0.05
C CYS A 30 -0.35 2.79 -0.32
N VAL A 31 0.49 3.77 -0.47
CA VAL A 31 1.87 3.55 -0.81
C VAL A 31 2.74 3.75 0.42
N TYR A 32 3.44 2.69 0.79
CA TYR A 32 4.29 2.65 1.94
C TYR A 32 5.73 2.39 1.54
N LYS A 33 6.61 2.59 2.47
CA LYS A 33 7.99 2.30 2.33
C LYS A 33 8.34 1.33 3.45
N ILE A 34 8.89 0.20 3.08
CA ILE A 34 9.18 -0.84 4.04
C ILE A 34 10.63 -0.79 4.46
N HIS A 35 10.83 -0.73 5.74
CA HIS A 35 12.15 -0.80 6.33
C HIS A 35 12.21 -2.06 7.16
N PRO A 36 13.37 -2.77 7.20
CA PRO A 36 14.61 -2.39 6.53
C PRO A 36 14.54 -2.59 5.02
N GLY A 37 15.51 -2.05 4.36
CA GLY A 37 15.57 -2.13 2.93
C GLY A 37 15.24 -0.80 2.29
N GLY A 38 14.13 -0.25 2.70
CA GLY A 38 13.69 1.01 2.16
C GLY A 38 13.03 0.80 0.82
N ASN A 39 12.18 -0.21 0.78
CA ASN A 39 11.53 -0.60 -0.45
C ASN A 39 10.14 -0.01 -0.54
N ILE A 40 9.78 0.50 -1.67
CA ILE A 40 8.50 1.12 -1.88
C ILE A 40 7.48 0.04 -2.24
N TRP A 41 6.51 -0.11 -1.39
CA TRP A 41 5.52 -1.13 -1.55
C TRP A 41 4.14 -0.49 -1.51
N SER A 42 3.34 -0.76 -2.49
CA SER A 42 2.04 -0.15 -2.59
C SER A 42 0.96 -1.23 -2.57
N THR A 43 -0.12 -0.96 -1.89
CA THR A 43 -1.25 -1.85 -1.87
C THR A 43 -2.54 -1.02 -1.91
N LYS A 44 -3.46 -1.41 -2.76
CA LYS A 44 -4.68 -0.64 -2.93
C LYS A 44 -5.74 -1.01 -1.90
N LYS A 45 -6.39 0.02 -1.40
CA LYS A 45 -7.46 -0.11 -0.43
C LYS A 45 -8.53 -1.09 -0.91
N GLY A 46 -8.75 -2.13 -0.15
CA GLY A 46 -9.78 -3.06 -0.47
C GLY A 46 -9.27 -4.34 -1.09
N GLU A 47 -7.99 -4.40 -1.44
CA GLU A 47 -7.51 -5.62 -2.04
C GLU A 47 -6.66 -6.41 -1.05
N GLN A 48 -6.61 -7.71 -1.25
CA GLN A 48 -5.74 -8.53 -0.49
C GLN A 48 -4.45 -8.63 -1.26
N ALA A 49 -3.38 -8.31 -0.63
CA ALA A 49 -2.11 -8.26 -1.27
C ALA A 49 -1.16 -9.24 -0.63
N TRP A 50 -0.05 -9.41 -1.25
CA TRP A 50 0.98 -10.25 -0.77
C TRP A 50 2.27 -9.51 -0.82
N PHE A 51 2.87 -9.39 0.32
CA PHE A 51 4.14 -8.75 0.44
C PHE A 51 5.20 -9.76 0.09
N ARG A 52 5.73 -9.61 -1.10
CA ARG A 52 6.72 -10.52 -1.63
C ARG A 52 8.07 -10.15 -1.06
N ARG A 53 8.63 -11.03 -0.29
CA ARG A 53 9.93 -10.79 0.25
C ARG A 53 10.83 -11.91 -0.24
N ARG A 54 12.13 -11.67 -0.21
CA ARG A 54 13.16 -12.63 -0.66
C ARG A 54 12.90 -14.10 -0.26
N PHE A 55 12.60 -14.36 0.99
CA PHE A 55 12.42 -15.75 1.43
C PHE A 55 11.02 -16.02 1.98
N SER A 56 10.07 -15.16 1.68
CA SER A 56 8.70 -15.32 2.20
C SER A 56 7.70 -14.47 1.44
N LYS A 57 6.45 -14.85 1.50
CA LYS A 57 5.38 -14.03 0.98
C LYS A 57 4.39 -13.85 2.10
N TYR A 58 3.88 -12.68 2.24
CA TYR A 58 3.02 -12.41 3.34
C TYR A 58 1.66 -11.93 2.87
N GLU A 59 0.65 -12.72 3.13
CA GLU A 59 -0.73 -12.34 2.85
C GLU A 59 -1.14 -11.20 3.78
N VAL A 60 -1.59 -10.13 3.21
CA VAL A 60 -2.02 -8.99 3.96
C VAL A 60 -3.11 -8.24 3.19
N MET A 61 -4.14 -7.86 3.88
CA MET A 61 -5.20 -7.13 3.22
C MET A 61 -5.11 -5.66 3.60
N ALA A 62 -5.24 -4.81 2.61
CA ALA A 62 -5.17 -3.39 2.82
C ALA A 62 -6.55 -2.86 3.09
N TYR A 63 -6.68 -2.23 4.22
CA TYR A 63 -7.92 -1.66 4.65
C TYR A 63 -8.29 -0.40 3.88
N ASP A 64 -9.55 -0.08 3.96
CA ASP A 64 -10.18 1.09 3.33
C ASP A 64 -9.55 2.40 3.77
N ARG A 65 -9.08 2.43 4.99
CA ARG A 65 -8.53 3.66 5.57
C ARG A 65 -7.00 3.64 5.55
N CYS A 66 -6.43 2.78 4.71
CA CYS A 66 -4.98 2.58 4.62
C CYS A 66 -4.39 2.11 5.94
N ASN A 67 -4.55 0.84 6.17
CA ASN A 67 -4.09 0.14 7.33
C ASN A 67 -3.99 -1.29 6.88
N LEU A 68 -3.18 -2.09 7.50
CA LEU A 68 -3.01 -3.42 7.00
C LEU A 68 -3.33 -4.49 8.00
N GLU A 69 -3.81 -5.58 7.49
CA GLU A 69 -4.14 -6.74 8.29
C GLU A 69 -3.42 -7.94 7.73
N TRP A 70 -2.41 -8.34 8.42
CA TRP A 70 -1.58 -9.43 8.03
C TRP A 70 -2.21 -10.73 8.44
N GLY A 71 -2.44 -11.56 7.47
CA GLY A 71 -3.04 -12.86 7.67
C GLY A 71 -2.14 -13.83 8.40
N PHE A 72 -2.27 -15.10 8.05
CA PHE A 72 -1.54 -16.20 8.70
C PHE A 72 -0.05 -16.16 8.34
N SER A 73 0.29 -15.24 7.49
CA SER A 73 1.64 -14.97 7.04
C SER A 73 2.60 -14.80 8.22
N GLY A 74 2.15 -14.10 9.26
CA GLY A 74 2.95 -13.96 10.44
C GLY A 74 4.12 -13.04 10.24
N LYS A 75 3.91 -11.91 9.56
CA LYS A 75 5.00 -10.99 9.24
C LYS A 75 5.79 -10.58 10.50
N PRO A 76 7.12 -10.54 10.36
CA PRO A 76 8.04 -10.23 11.45
C PRO A 76 7.85 -8.86 12.10
N ARG A 77 8.17 -8.80 13.37
CA ARG A 77 8.23 -7.56 14.11
C ARG A 77 9.58 -6.92 13.80
N GLY A 78 9.69 -5.63 13.96
CA GLY A 78 10.96 -4.97 13.71
C GLY A 78 10.98 -4.27 12.38
N LEU A 79 9.88 -4.39 11.66
CA LEU A 79 9.76 -3.73 10.39
C LEU A 79 9.11 -2.39 10.61
N THR A 80 9.42 -1.47 9.78
CA THR A 80 8.86 -0.16 9.89
C THR A 80 8.09 0.14 8.63
N PHE A 81 6.83 0.45 8.77
CA PHE A 81 5.98 0.75 7.66
C PHE A 81 5.75 2.24 7.63
N GLU A 82 6.42 2.89 6.73
CA GLU A 82 6.34 4.31 6.60
C GLU A 82 5.37 4.64 5.49
N PHE A 83 4.35 5.39 5.81
CA PHE A 83 3.36 5.75 4.84
C PHE A 83 3.87 6.88 3.98
N LEU A 84 4.10 6.58 2.73
CA LEU A 84 4.60 7.56 1.81
C LEU A 84 3.48 8.44 1.37
N TRP A 85 2.50 7.87 0.72
CA TRP A 85 1.41 8.65 0.18
C TRP A 85 0.27 7.78 -0.27
N ASP A 86 -0.82 8.41 -0.56
CA ASP A 86 -1.94 7.75 -1.17
C ASP A 86 -2.06 8.29 -2.56
N LYS A 87 -2.21 7.43 -3.50
CA LYS A 87 -2.34 7.86 -4.88
C LYS A 87 -3.29 6.95 -5.57
N GLU A 88 -4.10 7.49 -6.45
CA GLU A 88 -5.06 6.68 -7.19
C GLU A 88 -4.34 5.68 -8.08
N ALA A 89 -4.93 4.54 -8.24
CA ALA A 89 -4.34 3.51 -9.08
C ALA A 89 -4.68 3.79 -10.52
N ALA A 90 -4.09 3.04 -11.41
CA ALA A 90 -4.34 3.16 -12.81
C ALA A 90 -5.72 2.59 -13.15
N ALA A 91 -6.13 2.71 -14.41
CA ALA A 91 -7.44 2.22 -14.86
C ALA A 91 -7.56 0.71 -14.70
N ASP A 92 -6.44 0.04 -14.76
CA ASP A 92 -6.37 -1.41 -14.58
C ASP A 92 -6.39 -1.80 -13.10
N GLY A 93 -6.23 -0.82 -12.22
CA GLY A 93 -6.29 -1.07 -10.81
C GLY A 93 -4.94 -1.31 -10.16
N THR A 94 -3.86 -1.09 -10.88
CA THR A 94 -2.55 -1.31 -10.33
C THR A 94 -1.97 -0.02 -9.81
N CYS A 95 -1.18 -0.12 -8.79
CA CYS A 95 -0.54 1.01 -8.17
C CYS A 95 0.70 1.39 -8.96
N ASN A 5 17.18 10.81 20.76
CA ASN A 5 18.18 9.76 20.90
C ASN A 5 17.76 8.57 20.08
N ASN A 6 18.46 8.33 19.01
CA ASN A 6 18.19 7.21 18.14
C ASN A 6 19.40 6.33 18.07
N VAL A 7 19.17 5.05 18.00
CA VAL A 7 20.23 4.06 17.91
C VAL A 7 20.53 3.76 16.46
N MET A 8 19.58 4.09 15.68
CA MET A 8 19.61 3.86 14.26
C MET A 8 19.43 5.17 13.55
N ALA A 9 19.71 5.20 12.27
CA ALA A 9 19.47 6.38 11.49
C ALA A 9 18.00 6.47 11.18
N SER A 10 17.30 7.20 11.98
CA SER A 10 15.89 7.35 11.82
C SER A 10 15.63 8.24 10.62
N SER A 11 15.24 7.63 9.54
CA SER A 11 15.02 8.33 8.33
C SER A 11 13.64 8.98 8.35
N SER A 12 13.62 10.20 8.81
CA SER A 12 12.43 10.98 8.83
C SER A 12 12.15 11.46 7.43
N SER A 13 11.07 11.01 6.88
CA SER A 13 10.64 11.40 5.56
C SER A 13 10.33 12.89 5.57
N ASP A 14 10.98 13.63 4.68
CA ASP A 14 10.83 15.10 4.62
C ASP A 14 9.54 15.50 3.88
N THR A 15 8.56 14.68 4.03
CA THR A 15 7.29 14.81 3.43
C THR A 15 6.28 14.33 4.43
N ASP A 16 5.57 15.21 5.01
CA ASP A 16 4.55 14.83 5.95
C ASP A 16 3.30 14.54 5.21
N SER A 17 2.98 13.31 5.22
CA SER A 17 1.87 12.74 4.51
C SER A 17 0.55 13.29 5.02
N ASP A 18 -0.04 14.16 4.25
CA ASP A 18 -1.31 14.73 4.61
C ASP A 18 -2.10 15.12 3.40
N SER A 19 -2.89 14.22 2.96
CA SER A 19 -3.78 14.45 1.86
C SER A 19 -5.17 14.63 2.47
N SER A 20 -6.16 14.69 1.67
CA SER A 20 -7.49 14.87 2.17
C SER A 20 -8.24 13.55 2.06
N PRO A 21 -8.95 13.12 3.14
CA PRO A 21 -9.85 11.98 3.07
C PRO A 21 -10.83 12.15 1.90
N ASP A 22 -11.33 13.38 1.74
CA ASP A 22 -12.18 13.75 0.63
C ASP A 22 -11.30 14.09 -0.56
N ARG A 23 -10.74 13.08 -1.15
CA ARG A 23 -9.86 13.22 -2.29
C ARG A 23 -10.60 12.77 -3.55
N GLY A 24 -11.77 12.18 -3.35
CA GLY A 24 -12.60 11.73 -4.46
C GLY A 24 -12.16 10.38 -4.95
N LEU A 25 -11.01 10.34 -5.55
CA LEU A 25 -10.45 9.13 -6.09
C LEU A 25 -9.65 8.41 -5.01
N SER A 26 -10.23 8.34 -3.82
CA SER A 26 -9.62 7.74 -2.64
C SER A 26 -9.61 6.19 -2.70
N ARG A 27 -9.64 5.64 -3.89
CA ARG A 27 -9.57 4.19 -4.11
C ARG A 27 -8.15 3.81 -4.50
N MET A 28 -7.24 4.68 -4.17
CA MET A 28 -5.84 4.52 -4.50
C MET A 28 -5.17 3.53 -3.57
N CYS A 29 -4.12 2.91 -4.03
CA CYS A 29 -3.43 1.97 -3.21
C CYS A 29 -2.46 2.66 -2.29
N CYS A 30 -2.44 2.20 -1.07
CA CYS A 30 -1.66 2.77 -0.02
C CYS A 30 -0.21 2.39 -0.21
N VAL A 31 0.60 3.38 -0.50
CA VAL A 31 2.00 3.22 -0.77
C VAL A 31 2.79 3.47 0.49
N TYR A 32 3.47 2.44 0.92
CA TYR A 32 4.29 2.44 2.11
C TYR A 32 5.75 2.23 1.74
N LYS A 33 6.61 2.66 2.60
CA LYS A 33 8.01 2.44 2.47
C LYS A 33 8.40 1.50 3.59
N ILE A 34 8.98 0.40 3.22
CA ILE A 34 9.33 -0.63 4.17
C ILE A 34 10.79 -0.58 4.51
N HIS A 35 11.05 -0.44 5.79
CA HIS A 35 12.41 -0.48 6.31
C HIS A 35 12.55 -1.72 7.18
N PRO A 36 13.72 -2.38 7.19
CA PRO A 36 14.86 -1.97 6.38
C PRO A 36 14.77 -2.48 4.94
N GLY A 37 15.53 -1.84 4.12
CA GLY A 37 15.55 -2.16 2.73
C GLY A 37 15.25 -0.94 1.91
N GLY A 38 14.22 -0.23 2.31
CA GLY A 38 13.80 0.93 1.59
C GLY A 38 12.95 0.51 0.42
N ASN A 39 12.10 -0.47 0.67
CA ASN A 39 11.28 -1.02 -0.36
C ASN A 39 9.98 -0.26 -0.44
N ILE A 40 9.56 0.07 -1.62
CA ILE A 40 8.33 0.78 -1.81
C ILE A 40 7.27 -0.23 -2.12
N TRP A 41 6.36 -0.39 -1.23
CA TRP A 41 5.36 -1.40 -1.36
C TRP A 41 3.98 -0.78 -1.22
N SER A 42 3.12 -1.11 -2.12
CA SER A 42 1.81 -0.57 -2.13
C SER A 42 0.75 -1.66 -2.05
N THR A 43 -0.23 -1.42 -1.23
CA THR A 43 -1.32 -2.35 -1.03
C THR A 43 -2.63 -1.64 -1.40
N LYS A 44 -3.50 -2.29 -2.14
CA LYS A 44 -4.70 -1.62 -2.56
C LYS A 44 -5.81 -1.87 -1.55
N LYS A 45 -6.22 -0.81 -0.91
CA LYS A 45 -7.27 -0.88 0.06
C LYS A 45 -8.57 -1.36 -0.58
N GLY A 46 -9.16 -2.34 0.06
CA GLY A 46 -10.33 -2.97 -0.45
C GLY A 46 -10.04 -4.36 -0.98
N GLU A 47 -8.78 -4.66 -1.26
CA GLU A 47 -8.43 -5.99 -1.73
C GLU A 47 -7.29 -6.58 -0.90
N GLN A 48 -7.03 -7.85 -1.11
CA GLN A 48 -5.98 -8.54 -0.41
C GLN A 48 -4.70 -8.44 -1.22
N ALA A 49 -3.63 -8.18 -0.57
CA ALA A 49 -2.36 -8.04 -1.22
C ALA A 49 -1.35 -8.91 -0.53
N TRP A 50 -0.21 -9.05 -1.14
CA TRP A 50 0.85 -9.81 -0.57
C TRP A 50 2.08 -8.98 -0.44
N PHE A 51 2.67 -9.02 0.71
CA PHE A 51 3.89 -8.32 0.94
C PHE A 51 5.01 -9.16 0.42
N ARG A 52 5.75 -8.60 -0.47
CA ARG A 52 6.80 -9.28 -1.13
C ARG A 52 8.11 -8.97 -0.43
N ARG A 53 8.64 -9.94 0.25
CA ARG A 53 9.89 -9.78 0.93
C ARG A 53 10.94 -10.61 0.17
N ARG A 54 12.20 -10.45 0.52
CA ARG A 54 13.34 -11.15 -0.11
C ARG A 54 13.08 -12.62 -0.51
N PHE A 55 12.63 -13.44 0.43
CA PHE A 55 12.39 -14.85 0.14
C PHE A 55 11.03 -15.30 0.63
N SER A 56 10.13 -14.36 0.81
CA SER A 56 8.84 -14.68 1.37
C SER A 56 7.75 -13.75 0.83
N LYS A 57 6.52 -14.18 0.95
CA LYS A 57 5.38 -13.37 0.60
C LYS A 57 4.34 -13.48 1.71
N TYR A 58 3.80 -12.38 2.12
CA TYR A 58 2.90 -12.37 3.24
C TYR A 58 1.51 -11.85 2.87
N GLU A 59 0.51 -12.68 3.09
CA GLU A 59 -0.90 -12.32 2.85
C GLU A 59 -1.38 -11.22 3.81
N VAL A 60 -1.82 -10.13 3.26
CA VAL A 60 -2.31 -9.03 4.04
C VAL A 60 -3.35 -8.22 3.26
N MET A 61 -4.42 -7.85 3.91
CA MET A 61 -5.42 -7.05 3.26
C MET A 61 -5.48 -5.67 3.86
N ALA A 62 -5.55 -4.67 3.02
CA ALA A 62 -5.61 -3.30 3.46
C ALA A 62 -7.05 -2.83 3.49
N TYR A 63 -7.46 -2.26 4.59
CA TYR A 63 -8.79 -1.74 4.74
C TYR A 63 -8.87 -0.29 4.24
N ASP A 64 -10.08 0.23 4.21
CA ASP A 64 -10.38 1.58 3.66
C ASP A 64 -9.51 2.72 4.23
N ARG A 65 -9.11 2.64 5.48
CA ARG A 65 -8.29 3.71 6.08
C ARG A 65 -6.77 3.34 5.91
N CYS A 66 -6.48 2.42 5.00
CA CYS A 66 -5.10 1.96 4.69
C CYS A 66 -4.50 1.10 5.80
N ASN A 67 -5.33 0.74 6.77
CA ASN A 67 -4.89 -0.14 7.85
C ASN A 67 -4.80 -1.55 7.32
N LEU A 68 -3.71 -2.20 7.58
CA LEU A 68 -3.53 -3.53 7.08
C LEU A 68 -3.88 -4.56 8.11
N GLU A 69 -4.24 -5.71 7.63
CA GLU A 69 -4.56 -6.83 8.45
C GLU A 69 -3.86 -8.03 7.87
N TRP A 70 -2.88 -8.49 8.57
CA TRP A 70 -2.07 -9.58 8.14
C TRP A 70 -2.74 -10.88 8.47
N GLY A 71 -2.87 -11.70 7.47
CA GLY A 71 -3.45 -13.02 7.59
C GLY A 71 -2.56 -13.97 8.35
N PHE A 72 -2.60 -15.23 7.95
CA PHE A 72 -1.82 -16.28 8.59
C PHE A 72 -0.32 -16.09 8.31
N SER A 73 -0.04 -15.10 7.49
CA SER A 73 1.29 -14.68 7.17
C SER A 73 2.10 -14.41 8.42
N GLY A 74 1.49 -13.67 9.38
CA GLY A 74 2.16 -13.41 10.65
C GLY A 74 3.52 -12.76 10.50
N LYS A 75 3.64 -11.78 9.58
CA LYS A 75 4.92 -11.21 9.19
C LYS A 75 5.76 -10.72 10.41
N PRO A 76 7.09 -10.79 10.28
CA PRO A 76 8.03 -10.42 11.34
C PRO A 76 7.87 -8.99 11.89
N ARG A 77 8.12 -8.87 13.17
CA ARG A 77 8.19 -7.57 13.83
C ARG A 77 9.56 -6.98 13.60
N GLY A 78 9.67 -5.69 13.69
CA GLY A 78 10.95 -5.06 13.47
C GLY A 78 10.99 -4.38 12.14
N LEU A 79 9.96 -4.57 11.37
CA LEU A 79 9.86 -3.92 10.10
C LEU A 79 9.12 -2.64 10.31
N THR A 80 9.50 -1.66 9.60
CA THR A 80 8.94 -0.36 9.78
C THR A 80 8.13 -0.01 8.56
N PHE A 81 6.87 0.28 8.77
CA PHE A 81 5.96 0.58 7.69
C PHE A 81 5.68 2.05 7.69
N GLU A 82 6.28 2.74 6.79
CA GLU A 82 6.11 4.16 6.69
C GLU A 82 5.10 4.45 5.61
N PHE A 83 4.00 5.08 5.96
CA PHE A 83 3.01 5.40 4.97
C PHE A 83 3.47 6.60 4.20
N LEU A 84 3.75 6.38 2.95
CA LEU A 84 4.21 7.45 2.11
C LEU A 84 3.02 8.26 1.64
N TRP A 85 2.12 7.60 0.96
CA TRP A 85 0.94 8.23 0.36
C TRP A 85 0.10 7.17 -0.27
N ASP A 86 -0.97 7.53 -0.89
CA ASP A 86 -1.72 6.58 -1.66
C ASP A 86 -1.85 7.09 -3.09
N LYS A 87 -1.68 6.19 -4.04
CA LYS A 87 -1.64 6.53 -5.46
C LYS A 87 -2.33 5.37 -6.21
N GLU A 88 -2.94 5.64 -7.36
CA GLU A 88 -3.71 4.62 -8.08
C GLU A 88 -2.84 3.51 -8.66
N ALA A 89 -3.47 2.39 -8.90
CA ALA A 89 -2.85 1.28 -9.56
C ALA A 89 -2.63 1.63 -11.02
N ALA A 90 -1.85 0.85 -11.71
CA ALA A 90 -1.60 1.10 -13.11
C ALA A 90 -2.81 0.67 -13.93
N ALA A 91 -2.75 0.85 -15.22
CA ALA A 91 -3.85 0.49 -16.11
C ALA A 91 -4.07 -1.03 -16.14
N ASP A 92 -3.08 -1.78 -15.69
CA ASP A 92 -3.18 -3.22 -15.59
C ASP A 92 -3.91 -3.63 -14.31
N GLY A 93 -4.10 -2.66 -13.44
CA GLY A 93 -4.83 -2.88 -12.21
C GLY A 93 -3.94 -3.25 -11.06
N THR A 94 -2.63 -3.23 -11.26
CA THR A 94 -1.72 -3.61 -10.22
C THR A 94 -0.89 -2.40 -9.78
N CYS A 95 -0.44 -2.41 -8.56
CA CYS A 95 0.36 -1.35 -8.02
C CYS A 95 1.81 -1.75 -8.03
N ASN A 5 30.40 11.33 -30.00
CA ASN A 5 31.13 12.10 -29.00
C ASN A 5 30.16 12.79 -28.05
N ASN A 6 29.50 13.83 -28.51
CA ASN A 6 28.62 14.63 -27.65
C ASN A 6 27.17 14.26 -27.91
N VAL A 7 26.54 13.64 -26.94
CA VAL A 7 25.15 13.27 -27.07
C VAL A 7 24.36 13.93 -25.95
N MET A 8 24.00 15.17 -26.15
CA MET A 8 23.18 15.87 -25.19
C MET A 8 21.77 15.77 -25.62
N ALA A 9 21.07 14.93 -24.98
CA ALA A 9 19.70 14.68 -25.31
C ALA A 9 18.82 15.29 -24.25
N SER A 10 17.54 15.32 -24.49
CA SER A 10 16.64 15.86 -23.54
C SER A 10 16.36 14.80 -22.47
N SER A 11 17.16 14.78 -21.44
CA SER A 11 17.05 13.83 -20.38
C SER A 11 16.09 14.33 -19.32
N SER A 12 15.80 15.62 -19.37
CA SER A 12 14.95 16.29 -18.42
C SER A 12 13.44 16.05 -18.72
N SER A 13 13.16 14.95 -19.38
CA SER A 13 11.83 14.56 -19.70
C SER A 13 11.13 14.06 -18.43
N ASP A 14 10.18 14.83 -17.96
CA ASP A 14 9.43 14.49 -16.78
C ASP A 14 8.30 13.53 -17.12
N THR A 15 7.52 13.18 -16.15
CA THR A 15 6.48 12.21 -16.28
C THR A 15 5.18 12.95 -16.31
N ASP A 16 4.12 12.30 -16.63
CA ASP A 16 2.89 13.01 -16.79
C ASP A 16 1.67 12.18 -16.48
N SER A 17 0.71 12.83 -15.88
CA SER A 17 -0.57 12.29 -15.53
C SER A 17 -1.55 13.45 -15.49
N ASP A 18 -2.81 13.17 -15.58
CA ASP A 18 -3.82 14.19 -15.54
C ASP A 18 -4.71 13.96 -14.34
N SER A 19 -5.21 15.02 -13.75
CA SER A 19 -5.98 14.92 -12.52
C SER A 19 -7.39 14.35 -12.71
N SER A 20 -7.80 14.22 -13.96
CA SER A 20 -9.11 13.65 -14.33
C SER A 20 -10.31 14.52 -13.86
N PRO A 21 -11.48 14.42 -14.56
CA PRO A 21 -12.69 15.12 -14.13
C PRO A 21 -13.23 14.53 -12.81
N ASP A 22 -13.00 13.24 -12.60
CA ASP A 22 -13.39 12.54 -11.39
C ASP A 22 -12.19 11.86 -10.79
N ARG A 23 -11.84 12.26 -9.60
CA ARG A 23 -10.69 11.71 -8.92
C ARG A 23 -11.01 11.59 -7.43
N GLY A 24 -11.83 10.63 -7.12
CA GLY A 24 -12.20 10.39 -5.74
C GLY A 24 -11.79 9.00 -5.32
N LEU A 25 -12.11 8.04 -6.16
CA LEU A 25 -11.72 6.68 -5.93
C LEU A 25 -10.45 6.40 -6.72
N SER A 26 -10.60 6.25 -8.05
CA SER A 26 -9.47 6.10 -8.99
C SER A 26 -8.58 4.87 -8.68
N ARG A 27 -9.17 3.86 -8.02
CA ARG A 27 -8.47 2.66 -7.59
C ARG A 27 -7.25 3.06 -6.76
N MET A 28 -7.55 3.61 -5.62
CA MET A 28 -6.60 4.23 -4.74
C MET A 28 -5.89 3.21 -3.84
N CYS A 29 -4.60 3.35 -3.73
CA CYS A 29 -3.79 2.43 -2.98
C CYS A 29 -2.97 3.19 -1.94
N CYS A 30 -2.47 2.46 -0.98
CA CYS A 30 -1.58 2.98 0.02
C CYS A 30 -0.16 2.58 -0.33
N VAL A 31 0.71 3.56 -0.51
CA VAL A 31 2.10 3.30 -0.85
C VAL A 31 2.98 3.46 0.37
N TYR A 32 3.60 2.36 0.76
CA TYR A 32 4.47 2.28 1.92
C TYR A 32 5.90 2.02 1.51
N LYS A 33 6.80 2.25 2.43
CA LYS A 33 8.19 1.96 2.25
C LYS A 33 8.66 1.16 3.45
N ILE A 34 9.27 0.07 3.18
CA ILE A 34 9.70 -0.85 4.20
C ILE A 34 11.13 -0.61 4.57
N HIS A 35 11.33 -0.34 5.82
CA HIS A 35 12.66 -0.19 6.38
C HIS A 35 12.91 -1.32 7.38
N PRO A 36 14.13 -1.90 7.40
CA PRO A 36 15.23 -1.48 6.53
C PRO A 36 15.12 -2.09 5.13
N GLY A 37 15.90 -1.60 4.23
CA GLY A 37 15.87 -2.08 2.88
C GLY A 37 15.46 -0.99 1.94
N GLY A 38 14.46 -0.24 2.35
CA GLY A 38 13.97 0.86 1.54
C GLY A 38 13.10 0.34 0.43
N ASN A 39 12.33 -0.68 0.73
CA ASN A 39 11.49 -1.34 -0.26
C ASN A 39 10.17 -0.65 -0.38
N ILE A 40 9.85 -0.16 -1.55
CA ILE A 40 8.58 0.48 -1.76
C ILE A 40 7.54 -0.60 -2.07
N TRP A 41 6.51 -0.64 -1.27
CA TRP A 41 5.49 -1.61 -1.39
C TRP A 41 4.14 -0.93 -1.30
N SER A 42 3.37 -1.05 -2.33
CA SER A 42 2.08 -0.43 -2.37
C SER A 42 0.97 -1.48 -2.34
N THR A 43 -0.09 -1.20 -1.63
CA THR A 43 -1.19 -2.11 -1.54
C THR A 43 -2.48 -1.37 -1.88
N LYS A 44 -3.30 -1.96 -2.73
CA LYS A 44 -4.52 -1.32 -3.11
C LYS A 44 -5.63 -1.68 -2.16
N LYS A 45 -6.06 -0.69 -1.38
CA LYS A 45 -7.07 -0.90 -0.39
C LYS A 45 -8.36 -1.43 -0.96
N GLY A 46 -8.91 -2.38 -0.30
CA GLY A 46 -10.08 -3.03 -0.76
C GLY A 46 -9.76 -4.39 -1.32
N GLU A 47 -8.48 -4.61 -1.63
CA GLU A 47 -8.07 -5.92 -2.10
C GLU A 47 -7.17 -6.57 -1.08
N GLN A 48 -6.95 -7.84 -1.25
CA GLN A 48 -5.97 -8.51 -0.47
C GLN A 48 -4.68 -8.48 -1.25
N ALA A 49 -3.62 -8.17 -0.59
CA ALA A 49 -2.33 -8.08 -1.21
C ALA A 49 -1.36 -8.95 -0.46
N TRP A 50 -0.21 -9.11 -1.01
CA TRP A 50 0.79 -9.91 -0.40
C TRP A 50 2.06 -9.11 -0.31
N PHE A 51 2.67 -9.14 0.83
CA PHE A 51 3.91 -8.49 1.00
C PHE A 51 5.01 -9.38 0.50
N ARG A 52 5.70 -8.89 -0.48
CA ARG A 52 6.79 -9.62 -1.08
C ARG A 52 8.06 -9.28 -0.36
N ARG A 53 8.55 -10.22 0.36
CA ARG A 53 9.82 -10.09 1.03
C ARG A 53 10.82 -10.82 0.15
N ARG A 54 12.10 -10.55 0.33
CA ARG A 54 13.19 -11.16 -0.47
C ARG A 54 13.00 -12.67 -0.76
N PHE A 55 12.66 -13.45 0.25
CA PHE A 55 12.45 -14.88 0.07
C PHE A 55 11.16 -15.34 0.74
N SER A 56 10.20 -14.43 0.90
CA SER A 56 8.99 -14.75 1.63
C SER A 56 7.80 -13.95 1.10
N LYS A 57 6.59 -14.37 1.48
CA LYS A 57 5.39 -13.66 1.09
C LYS A 57 4.46 -13.61 2.28
N TYR A 58 3.80 -12.50 2.47
CA TYR A 58 2.90 -12.35 3.61
C TYR A 58 1.53 -11.84 3.16
N GLU A 59 0.49 -12.61 3.44
CA GLU A 59 -0.87 -12.24 3.06
C GLU A 59 -1.40 -11.11 3.93
N VAL A 60 -1.85 -10.06 3.31
CA VAL A 60 -2.37 -8.94 4.04
C VAL A 60 -3.49 -8.23 3.28
N MET A 61 -4.53 -7.90 3.94
CA MET A 61 -5.61 -7.21 3.32
C MET A 61 -5.63 -5.77 3.81
N ALA A 62 -5.56 -4.85 2.89
CA ALA A 62 -5.60 -3.45 3.22
C ALA A 62 -7.02 -2.98 3.20
N TYR A 63 -7.52 -2.54 4.33
CA TYR A 63 -8.87 -2.04 4.43
C TYR A 63 -8.92 -0.67 3.79
N ASP A 64 -10.11 -0.22 3.43
CA ASP A 64 -10.30 1.08 2.77
C ASP A 64 -9.76 2.24 3.60
N ARG A 65 -9.72 2.05 4.93
CA ARG A 65 -9.21 3.05 5.88
C ARG A 65 -7.66 3.15 5.79
N CYS A 66 -7.07 2.32 4.93
CA CYS A 66 -5.62 2.28 4.68
C CYS A 66 -4.91 1.55 5.84
N ASN A 67 -5.69 0.82 6.60
CA ASN A 67 -5.22 0.00 7.71
C ASN A 67 -5.04 -1.41 7.19
N LEU A 68 -4.00 -2.09 7.59
CA LEU A 68 -3.75 -3.41 7.08
C LEU A 68 -4.07 -4.49 8.09
N GLU A 69 -4.35 -5.65 7.57
CA GLU A 69 -4.63 -6.81 8.38
C GLU A 69 -3.87 -7.99 7.82
N TRP A 70 -2.89 -8.40 8.54
CA TRP A 70 -2.03 -9.47 8.16
C TRP A 70 -2.66 -10.80 8.52
N GLY A 71 -2.73 -11.66 7.54
CA GLY A 71 -3.31 -12.95 7.71
C GLY A 71 -2.42 -13.94 8.44
N PHE A 72 -2.53 -15.20 8.07
CA PHE A 72 -1.85 -16.31 8.73
C PHE A 72 -0.34 -16.16 8.71
N SER A 73 0.14 -15.40 7.76
CA SER A 73 1.53 -15.12 7.60
C SER A 73 2.18 -14.60 8.89
N GLY A 74 1.46 -13.76 9.67
CA GLY A 74 2.04 -13.33 10.94
C GLY A 74 3.32 -12.52 10.78
N LYS A 75 3.33 -11.56 9.82
CA LYS A 75 4.56 -10.91 9.38
C LYS A 75 5.42 -10.34 10.54
N PRO A 76 6.73 -10.32 10.36
CA PRO A 76 7.67 -9.87 11.37
C PRO A 76 7.48 -8.44 11.86
N ARG A 77 7.57 -8.29 13.15
CA ARG A 77 7.69 -7.00 13.77
C ARG A 77 9.16 -6.61 13.67
N GLY A 78 9.44 -5.33 13.71
CA GLY A 78 10.81 -4.90 13.62
C GLY A 78 11.04 -4.19 12.33
N LEU A 79 10.13 -4.38 11.43
CA LEU A 79 10.16 -3.70 10.19
C LEU A 79 9.31 -2.49 10.33
N THR A 80 9.65 -1.49 9.62
CA THR A 80 8.95 -0.28 9.71
C THR A 80 8.27 0.00 8.40
N PHE A 81 6.97 0.05 8.47
CA PHE A 81 6.16 0.35 7.34
C PHE A 81 5.92 1.82 7.36
N GLU A 82 6.61 2.53 6.51
CA GLU A 82 6.48 3.94 6.44
C GLU A 82 5.47 4.27 5.40
N PHE A 83 4.53 5.08 5.73
CA PHE A 83 3.55 5.46 4.78
C PHE A 83 4.10 6.58 3.94
N LEU A 84 4.34 6.30 2.69
CA LEU A 84 4.87 7.30 1.81
C LEU A 84 3.75 8.18 1.35
N TRP A 85 2.82 7.60 0.65
CA TRP A 85 1.75 8.39 0.07
C TRP A 85 0.57 7.56 -0.34
N ASP A 86 -0.49 8.25 -0.64
CA ASP A 86 -1.72 7.67 -1.11
C ASP A 86 -1.73 7.91 -2.61
N LYS A 87 -1.97 6.90 -3.40
CA LYS A 87 -1.80 7.03 -4.85
C LYS A 87 -2.92 6.32 -5.58
N GLU A 88 -3.20 6.73 -6.80
CA GLU A 88 -4.18 6.04 -7.60
C GLU A 88 -3.50 5.04 -8.54
N ALA A 89 -4.20 4.00 -8.91
CA ALA A 89 -3.64 2.95 -9.76
C ALA A 89 -3.49 3.40 -11.19
N ALA A 90 -2.71 2.63 -11.91
CA ALA A 90 -2.50 2.87 -13.31
C ALA A 90 -3.67 2.29 -14.10
N ALA A 91 -3.63 2.45 -15.41
CA ALA A 91 -4.68 1.97 -16.30
C ALA A 91 -4.77 0.45 -16.28
N ASP A 92 -3.69 -0.17 -15.89
CA ASP A 92 -3.59 -1.62 -15.80
C ASP A 92 -4.20 -2.14 -14.50
N GLY A 93 -4.53 -1.24 -13.60
CA GLY A 93 -5.20 -1.61 -12.38
C GLY A 93 -4.26 -1.87 -11.24
N THR A 94 -2.99 -1.64 -11.43
CA THR A 94 -2.04 -1.87 -10.39
C THR A 94 -1.58 -0.54 -9.85
N CYS A 95 -1.20 -0.50 -8.63
CA CYS A 95 -0.80 0.71 -8.02
C CYS A 95 0.50 0.47 -7.33
N ASN A 5 36.06 2.06 1.15
CA ASN A 5 37.04 2.42 2.17
C ASN A 5 36.43 3.37 3.21
N ASN A 6 35.16 3.70 3.05
CA ASN A 6 34.52 4.63 3.95
C ASN A 6 33.09 4.15 4.19
N VAL A 7 32.36 4.81 5.06
CA VAL A 7 31.01 4.39 5.40
C VAL A 7 30.02 4.77 4.31
N MET A 8 29.59 3.79 3.57
CA MET A 8 28.60 3.97 2.54
C MET A 8 27.35 3.26 3.00
N ALA A 9 26.21 3.83 2.73
CA ALA A 9 24.95 3.26 3.14
C ALA A 9 23.81 3.87 2.36
N SER A 10 22.80 3.09 2.11
CA SER A 10 21.61 3.56 1.43
C SER A 10 20.65 4.10 2.49
N SER A 11 20.66 5.38 2.65
CA SER A 11 19.84 6.03 3.64
C SER A 11 18.39 6.11 3.17
N SER A 12 17.51 6.20 4.11
CA SER A 12 16.12 6.32 3.85
C SER A 12 15.78 7.79 3.59
N SER A 13 14.90 8.03 2.60
CA SER A 13 14.49 9.38 2.22
C SER A 13 13.99 10.15 3.44
N ASP A 14 12.84 9.74 3.94
CA ASP A 14 12.21 10.26 5.12
C ASP A 14 11.12 9.33 5.46
N THR A 15 10.57 9.47 6.61
CA THR A 15 9.44 8.70 7.03
C THR A 15 8.21 9.60 7.01
N ASP A 16 8.26 10.61 6.13
CA ASP A 16 7.19 11.59 5.95
C ASP A 16 5.96 10.92 5.37
N SER A 17 4.82 11.27 5.87
CA SER A 17 3.60 10.60 5.50
C SER A 17 2.48 11.55 5.16
N ASP A 18 1.52 11.02 4.44
CA ASP A 18 0.24 11.65 4.19
C ASP A 18 -0.78 10.56 4.39
N SER A 19 -1.26 10.47 5.60
CA SER A 19 -2.07 9.35 6.01
C SER A 19 -3.55 9.54 5.70
N SER A 20 -4.12 8.53 5.02
CA SER A 20 -5.54 8.39 4.69
C SER A 20 -6.20 9.72 4.20
N PRO A 21 -6.12 10.00 2.88
CA PRO A 21 -6.63 11.26 2.30
C PRO A 21 -8.15 11.43 2.40
N ASP A 22 -8.87 10.34 2.25
CA ASP A 22 -10.33 10.33 2.36
C ASP A 22 -10.81 8.91 2.48
N ARG A 23 -12.04 8.77 2.79
CA ARG A 23 -12.71 7.54 3.02
C ARG A 23 -13.13 6.90 1.71
N GLY A 24 -14.00 7.57 0.99
CA GLY A 24 -14.55 6.98 -0.21
C GLY A 24 -13.92 7.42 -1.49
N LEU A 25 -13.65 8.71 -1.64
CA LEU A 25 -13.11 9.22 -2.90
C LEU A 25 -11.66 8.83 -3.10
N SER A 26 -10.97 8.58 -2.02
CA SER A 26 -9.61 8.16 -2.09
C SER A 26 -9.55 6.65 -2.13
N ARG A 27 -9.78 6.14 -3.31
CA ARG A 27 -9.66 4.72 -3.60
C ARG A 27 -8.30 4.44 -4.18
N MET A 28 -7.47 5.44 -4.09
CA MET A 28 -6.08 5.41 -4.52
C MET A 28 -5.30 4.39 -3.71
N CYS A 29 -4.26 3.92 -4.29
CA CYS A 29 -3.43 2.93 -3.69
C CYS A 29 -2.55 3.59 -2.63
N CYS A 30 -2.56 3.04 -1.44
CA CYS A 30 -1.72 3.56 -0.40
C CYS A 30 -0.30 2.99 -0.56
N VAL A 31 0.62 3.89 -0.82
CA VAL A 31 2.00 3.54 -1.09
C VAL A 31 2.82 3.73 0.17
N TYR A 32 3.49 2.66 0.56
CA TYR A 32 4.30 2.59 1.76
C TYR A 32 5.77 2.35 1.40
N LYS A 33 6.64 2.72 2.31
CA LYS A 33 8.03 2.42 2.19
C LYS A 33 8.35 1.37 3.22
N ILE A 34 9.10 0.40 2.84
CA ILE A 34 9.48 -0.66 3.71
C ILE A 34 10.81 -0.32 4.30
N HIS A 35 10.81 -0.18 5.57
CA HIS A 35 12.00 0.07 6.32
C HIS A 35 12.29 -1.19 7.13
N PRO A 36 13.55 -1.54 7.34
CA PRO A 36 14.70 -0.80 6.84
C PRO A 36 15.03 -1.14 5.39
N GLY A 37 15.88 -0.36 4.81
CA GLY A 37 16.27 -0.58 3.44
C GLY A 37 15.70 0.49 2.56
N GLY A 38 14.39 0.57 2.51
CA GLY A 38 13.74 1.59 1.74
C GLY A 38 13.13 1.03 0.48
N ASN A 39 12.32 0.01 0.60
CA ASN A 39 11.66 -0.57 -0.57
C ASN A 39 10.28 0.06 -0.75
N ILE A 40 9.86 0.30 -1.96
CA ILE A 40 8.54 0.88 -2.16
C ILE A 40 7.51 -0.23 -2.40
N TRP A 41 6.53 -0.33 -1.52
CA TRP A 41 5.50 -1.35 -1.62
C TRP A 41 4.15 -0.67 -1.53
N SER A 42 3.34 -0.91 -2.51
CA SER A 42 2.05 -0.31 -2.61
C SER A 42 0.94 -1.34 -2.40
N THR A 43 -0.19 -0.88 -1.92
CA THR A 43 -1.36 -1.70 -1.79
C THR A 43 -2.58 -0.81 -1.93
N LYS A 44 -3.64 -1.32 -2.46
CA LYS A 44 -4.81 -0.53 -2.69
C LYS A 44 -5.84 -0.95 -1.69
N LYS A 45 -6.42 -0.01 -0.99
CA LYS A 45 -7.40 -0.37 -0.01
C LYS A 45 -8.56 -1.15 -0.63
N GLY A 46 -8.87 -2.26 -0.05
CA GLY A 46 -9.91 -3.09 -0.58
C GLY A 46 -9.35 -4.33 -1.27
N GLU A 47 -8.06 -4.35 -1.57
CA GLU A 47 -7.46 -5.53 -2.15
C GLU A 47 -6.47 -6.18 -1.23
N GLN A 48 -6.42 -7.49 -1.30
CA GLN A 48 -5.54 -8.27 -0.51
C GLN A 48 -4.25 -8.48 -1.26
N ALA A 49 -3.17 -8.32 -0.59
CA ALA A 49 -1.89 -8.38 -1.19
C ALA A 49 -0.99 -9.31 -0.43
N TRP A 50 0.12 -9.60 -1.00
CA TRP A 50 1.11 -10.39 -0.38
C TRP A 50 2.38 -9.60 -0.33
N PHE A 51 2.94 -9.52 0.83
CA PHE A 51 4.16 -8.82 1.01
C PHE A 51 5.26 -9.72 0.60
N ARG A 52 5.97 -9.30 -0.39
CA ARG A 52 6.98 -10.10 -0.99
C ARG A 52 8.31 -9.80 -0.35
N ARG A 53 8.74 -10.67 0.48
CA ARG A 53 10.00 -10.53 1.12
C ARG A 53 10.99 -11.33 0.26
N ARG A 54 12.27 -11.14 0.48
CA ARG A 54 13.35 -11.83 -0.24
C ARG A 54 13.07 -13.31 -0.55
N PHE A 55 12.66 -14.08 0.43
CA PHE A 55 12.37 -15.50 0.20
C PHE A 55 11.05 -15.93 0.84
N SER A 56 10.20 -14.96 1.12
CA SER A 56 8.94 -15.24 1.82
C SER A 56 7.83 -14.33 1.28
N LYS A 57 6.58 -14.72 1.49
CA LYS A 57 5.45 -13.92 1.11
C LYS A 57 4.42 -13.92 2.22
N TYR A 58 3.83 -12.78 2.48
CA TYR A 58 2.90 -12.67 3.60
C TYR A 58 1.57 -12.06 3.17
N GLU A 59 0.51 -12.81 3.38
CA GLU A 59 -0.84 -12.37 3.05
C GLU A 59 -1.32 -11.27 4.00
N VAL A 60 -1.71 -10.16 3.42
CA VAL A 60 -2.17 -9.02 4.14
C VAL A 60 -3.20 -8.27 3.30
N MET A 61 -4.12 -7.62 3.93
CA MET A 61 -5.07 -6.81 3.17
C MET A 61 -5.14 -5.42 3.75
N ALA A 62 -5.21 -4.44 2.86
CA ALA A 62 -5.35 -3.06 3.26
C ALA A 62 -6.83 -2.76 3.39
N TYR A 63 -7.30 -2.49 4.60
CA TYR A 63 -8.70 -2.13 4.82
C TYR A 63 -8.97 -0.74 4.26
N ASP A 64 -10.22 -0.30 4.35
CA ASP A 64 -10.66 0.95 3.68
C ASP A 64 -9.87 2.21 4.08
N ARG A 65 -9.35 2.24 5.30
CA ARG A 65 -8.54 3.39 5.76
C ARG A 65 -7.04 3.14 5.48
N CYS A 66 -6.75 2.00 4.85
CA CYS A 66 -5.38 1.54 4.49
C CYS A 66 -4.61 0.95 5.66
N ASN A 67 -5.30 0.66 6.74
CA ASN A 67 -4.68 -0.04 7.86
C ASN A 67 -4.59 -1.51 7.45
N LEU A 68 -3.41 -2.08 7.56
CA LEU A 68 -3.21 -3.42 7.08
C LEU A 68 -3.48 -4.48 8.11
N GLU A 69 -4.02 -5.56 7.62
CA GLU A 69 -4.35 -6.69 8.45
C GLU A 69 -3.62 -7.89 7.90
N TRP A 70 -2.67 -8.35 8.63
CA TRP A 70 -1.89 -9.50 8.24
C TRP A 70 -2.60 -10.74 8.67
N GLY A 71 -2.61 -11.71 7.80
CA GLY A 71 -3.19 -12.98 8.11
C GLY A 71 -2.30 -13.79 9.05
N PHE A 72 -2.46 -15.09 9.01
CA PHE A 72 -1.73 -16.01 9.86
C PHE A 72 -0.30 -16.21 9.34
N SER A 73 -0.04 -15.60 8.21
CA SER A 73 1.23 -15.65 7.49
C SER A 73 2.46 -15.55 8.40
N GLY A 74 2.40 -14.68 9.38
CA GLY A 74 3.49 -14.61 10.33
C GLY A 74 4.50 -13.55 9.99
N LYS A 75 4.02 -12.40 9.56
CA LYS A 75 4.88 -11.31 9.16
C LYS A 75 5.87 -10.88 10.25
N PRO A 76 7.14 -10.71 9.88
CA PRO A 76 8.18 -10.34 10.80
C PRO A 76 7.96 -9.02 11.49
N ARG A 77 8.10 -9.04 12.79
CA ARG A 77 8.09 -7.85 13.58
C ARG A 77 9.48 -7.25 13.48
N GLY A 78 9.58 -5.96 13.46
CA GLY A 78 10.87 -5.34 13.34
C GLY A 78 11.02 -4.61 12.03
N LEU A 79 10.02 -4.75 11.20
CA LEU A 79 9.95 -4.01 9.96
C LEU A 79 9.11 -2.80 10.22
N THR A 80 9.19 -1.87 9.37
CA THR A 80 8.39 -0.71 9.50
C THR A 80 7.81 -0.37 8.14
N PHE A 81 6.51 -0.33 8.09
CA PHE A 81 5.82 0.03 6.89
C PHE A 81 5.40 1.45 7.05
N GLU A 82 6.09 2.32 6.39
CA GLU A 82 5.84 3.72 6.56
C GLU A 82 4.97 4.21 5.44
N PHE A 83 3.83 4.73 5.79
CA PHE A 83 2.87 5.24 4.84
C PHE A 83 3.49 6.45 4.17
N LEU A 84 3.69 6.39 2.89
CA LEU A 84 4.27 7.49 2.20
C LEU A 84 3.20 8.39 1.63
N TRP A 85 2.43 7.85 0.69
CA TRP A 85 1.46 8.67 -0.04
C TRP A 85 0.39 7.82 -0.69
N ASP A 86 -0.56 8.48 -1.29
CA ASP A 86 -1.61 7.83 -2.04
C ASP A 86 -1.34 8.13 -3.49
N LYS A 87 -1.58 7.17 -4.33
CA LYS A 87 -1.39 7.35 -5.74
C LYS A 87 -2.33 6.42 -6.45
N GLU A 88 -2.83 6.82 -7.59
CA GLU A 88 -3.82 6.02 -8.27
C GLU A 88 -3.20 4.85 -8.99
N ALA A 89 -4.02 3.88 -9.32
CA ALA A 89 -3.56 2.70 -10.00
C ALA A 89 -3.43 3.00 -11.48
N ALA A 90 -2.85 2.07 -12.19
CA ALA A 90 -2.71 2.15 -13.61
C ALA A 90 -4.06 1.89 -14.27
N ALA A 91 -4.10 2.00 -15.58
CA ALA A 91 -5.35 1.85 -16.34
C ALA A 91 -5.86 0.41 -16.33
N ASP A 92 -5.04 -0.50 -15.86
CA ASP A 92 -5.40 -1.89 -15.73
C ASP A 92 -5.83 -2.21 -14.31
N GLY A 93 -5.60 -1.26 -13.41
CA GLY A 93 -5.99 -1.42 -12.04
C GLY A 93 -4.87 -1.89 -11.14
N THR A 94 -3.63 -1.84 -11.62
CA THR A 94 -2.51 -2.25 -10.81
C THR A 94 -1.84 -1.04 -10.17
N CYS A 95 -1.40 -1.17 -8.96
CA CYS A 95 -0.75 -0.11 -8.27
C CYS A 95 0.76 -0.34 -8.32
N ASN A 5 -3.17 9.02 -37.22
CA ASN A 5 -4.22 8.75 -38.20
C ASN A 5 -5.29 9.79 -38.09
N ASN A 6 -6.23 9.77 -38.99
CA ASN A 6 -7.32 10.72 -39.00
C ASN A 6 -8.46 10.15 -38.21
N VAL A 7 -9.20 11.02 -37.53
CA VAL A 7 -10.37 10.65 -36.72
C VAL A 7 -9.93 9.93 -35.45
N MET A 8 -9.90 10.66 -34.37
CA MET A 8 -9.47 10.11 -33.11
C MET A 8 -10.32 10.66 -31.99
N ALA A 9 -10.61 9.84 -31.01
CA ALA A 9 -11.38 10.26 -29.87
C ALA A 9 -10.48 10.98 -28.88
N SER A 10 -10.26 12.24 -29.14
CA SER A 10 -9.50 13.10 -28.28
C SER A 10 -10.10 14.48 -28.33
N SER A 11 -11.01 14.71 -27.42
CA SER A 11 -11.70 15.95 -27.33
C SER A 11 -10.95 16.85 -26.35
N SER A 12 -10.88 18.12 -26.65
CA SER A 12 -10.27 19.06 -25.75
C SER A 12 -11.29 19.47 -24.71
N SER A 13 -11.35 18.72 -23.65
CA SER A 13 -12.24 19.00 -22.59
C SER A 13 -11.57 18.63 -21.28
N ASP A 14 -10.86 19.58 -20.73
CA ASP A 14 -10.19 19.37 -19.47
C ASP A 14 -11.20 19.53 -18.38
N THR A 15 -11.14 18.69 -17.40
CA THR A 15 -12.14 18.68 -16.41
C THR A 15 -11.76 19.47 -15.19
N ASP A 16 -12.03 20.74 -15.25
CA ASP A 16 -11.83 21.61 -14.15
C ASP A 16 -13.14 22.27 -13.89
N SER A 17 -13.36 22.67 -12.65
CA SER A 17 -14.61 23.31 -12.21
C SER A 17 -15.80 22.33 -12.32
N ASP A 18 -15.47 21.06 -12.48
CA ASP A 18 -16.44 20.01 -12.64
C ASP A 18 -15.91 18.81 -11.86
N SER A 19 -16.79 18.08 -11.24
CA SER A 19 -16.42 16.95 -10.43
C SER A 19 -16.22 15.68 -11.29
N SER A 20 -15.86 14.59 -10.65
CA SER A 20 -15.70 13.34 -11.33
C SER A 20 -17.10 12.79 -11.71
N PRO A 21 -17.26 12.16 -12.91
CA PRO A 21 -18.55 11.57 -13.32
C PRO A 21 -18.93 10.42 -12.39
N ASP A 22 -17.92 9.76 -11.90
CA ASP A 22 -18.06 8.75 -10.90
C ASP A 22 -17.91 9.46 -9.57
N ARG A 23 -18.62 9.03 -8.56
CA ARG A 23 -18.64 9.79 -7.31
C ARG A 23 -17.35 9.61 -6.50
N GLY A 24 -16.49 8.73 -6.93
CA GLY A 24 -15.23 8.56 -6.27
C GLY A 24 -15.06 7.16 -5.76
N LEU A 25 -15.41 6.21 -6.56
CA LEU A 25 -15.24 4.84 -6.25
C LEU A 25 -14.01 4.38 -6.98
N SER A 26 -12.96 4.35 -6.26
CA SER A 26 -11.68 4.06 -6.76
C SER A 26 -10.85 3.58 -5.60
N ARG A 27 -10.46 2.38 -5.65
CA ARG A 27 -9.61 1.83 -4.61
C ARG A 27 -8.17 2.22 -4.88
N MET A 28 -7.84 3.45 -4.54
CA MET A 28 -6.50 3.96 -4.71
C MET A 28 -5.59 3.31 -3.70
N CYS A 29 -4.44 2.91 -4.12
CA CYS A 29 -3.56 2.12 -3.31
C CYS A 29 -2.69 2.94 -2.41
N CYS A 30 -2.42 2.39 -1.27
CA CYS A 30 -1.58 2.98 -0.28
C CYS A 30 -0.14 2.60 -0.54
N VAL A 31 0.67 3.58 -0.79
CA VAL A 31 2.06 3.42 -1.10
C VAL A 31 2.88 3.64 0.17
N TYR A 32 3.54 2.60 0.59
CA TYR A 32 4.37 2.58 1.77
C TYR A 32 5.81 2.34 1.40
N LYS A 33 6.68 2.68 2.30
CA LYS A 33 8.07 2.42 2.16
C LYS A 33 8.48 1.53 3.31
N ILE A 34 9.01 0.39 2.97
CA ILE A 34 9.35 -0.62 3.92
C ILE A 34 10.78 -0.47 4.37
N HIS A 35 10.94 -0.22 5.61
CA HIS A 35 12.24 -0.11 6.24
C HIS A 35 12.38 -1.24 7.23
N PRO A 36 13.61 -1.72 7.51
CA PRO A 36 14.85 -1.24 6.89
C PRO A 36 14.97 -1.60 5.41
N GLY A 37 15.86 -0.95 4.76
CA GLY A 37 16.05 -1.13 3.34
C GLY A 37 15.53 0.07 2.61
N GLY A 38 14.25 0.29 2.71
CA GLY A 38 13.64 1.40 2.05
C GLY A 38 13.06 1.03 0.72
N ASN A 39 12.30 -0.05 0.71
CA ASN A 39 11.70 -0.54 -0.52
C ASN A 39 10.26 -0.05 -0.60
N ILE A 40 9.84 0.39 -1.75
CA ILE A 40 8.48 0.87 -1.91
C ILE A 40 7.54 -0.30 -2.19
N TRP A 41 6.45 -0.32 -1.50
CA TRP A 41 5.46 -1.35 -1.65
C TRP A 41 4.08 -0.70 -1.55
N SER A 42 3.25 -0.98 -2.50
CA SER A 42 1.94 -0.41 -2.52
C SER A 42 0.87 -1.50 -2.37
N THR A 43 -0.12 -1.22 -1.58
CA THR A 43 -1.21 -2.14 -1.35
C THR A 43 -2.53 -1.44 -1.64
N LYS A 44 -3.41 -2.11 -2.31
CA LYS A 44 -4.65 -1.53 -2.75
C LYS A 44 -5.75 -1.70 -1.71
N LYS A 45 -6.26 -0.56 -1.22
CA LYS A 45 -7.36 -0.53 -0.21
C LYS A 45 -8.51 -1.43 -0.64
N GLY A 46 -8.80 -2.41 0.16
CA GLY A 46 -9.93 -3.24 -0.08
C GLY A 46 -9.58 -4.57 -0.66
N GLU A 47 -8.43 -4.68 -1.27
CA GLU A 47 -8.00 -5.91 -1.83
C GLU A 47 -6.89 -6.50 -1.01
N GLN A 48 -6.73 -7.79 -1.10
CA GLN A 48 -5.70 -8.46 -0.38
C GLN A 48 -4.42 -8.46 -1.20
N ALA A 49 -3.35 -8.17 -0.55
CA ALA A 49 -2.08 -8.11 -1.18
C ALA A 49 -1.17 -9.08 -0.50
N TRP A 50 -0.07 -9.32 -1.10
CA TRP A 50 0.91 -10.18 -0.54
C TRP A 50 2.19 -9.44 -0.44
N PHE A 51 2.76 -9.42 0.71
CA PHE A 51 4.01 -8.78 0.88
C PHE A 51 5.08 -9.76 0.54
N ARG A 52 5.72 -9.54 -0.57
CA ARG A 52 6.79 -10.38 -0.98
C ARG A 52 8.06 -9.88 -0.36
N ARG A 53 8.53 -10.59 0.61
CA ARG A 53 9.80 -10.29 1.17
C ARG A 53 10.79 -11.04 0.31
N ARG A 54 12.07 -10.68 0.38
CA ARG A 54 13.17 -11.26 -0.43
C ARG A 54 12.95 -12.71 -0.90
N PHE A 55 12.63 -13.62 0.01
CA PHE A 55 12.38 -15.00 -0.38
C PHE A 55 11.12 -15.55 0.30
N SER A 56 10.19 -14.67 0.64
CA SER A 56 8.97 -15.08 1.34
C SER A 56 7.76 -14.26 0.85
N LYS A 57 6.57 -14.65 1.25
CA LYS A 57 5.37 -13.92 0.95
C LYS A 57 4.42 -13.96 2.14
N TYR A 58 3.78 -12.87 2.40
CA TYR A 58 2.89 -12.75 3.54
C TYR A 58 1.57 -12.14 3.09
N GLU A 59 0.47 -12.85 3.32
CA GLU A 59 -0.84 -12.34 2.93
C GLU A 59 -1.27 -11.21 3.86
N VAL A 60 -1.70 -10.13 3.27
CA VAL A 60 -2.14 -9.01 4.03
C VAL A 60 -3.19 -8.22 3.26
N MET A 61 -4.27 -7.90 3.88
CA MET A 61 -5.30 -7.12 3.23
C MET A 61 -5.34 -5.71 3.79
N ALA A 62 -5.25 -4.75 2.92
CA ALA A 62 -5.29 -3.37 3.30
C ALA A 62 -6.70 -2.85 3.19
N TYR A 63 -7.05 -1.97 4.06
CA TYR A 63 -8.35 -1.37 4.03
C TYR A 63 -8.21 0.11 3.78
N ASP A 64 -9.34 0.81 3.73
CA ASP A 64 -9.31 2.25 3.61
C ASP A 64 -8.70 2.82 4.88
N ARG A 65 -8.06 3.99 4.76
CA ARG A 65 -7.21 4.61 5.81
C ARG A 65 -5.85 3.93 5.83
N CYS A 66 -5.71 2.96 4.93
CA CYS A 66 -4.46 2.27 4.66
C CYS A 66 -4.02 1.35 5.80
N ASN A 67 -4.93 1.00 6.67
CA ASN A 67 -4.63 0.06 7.75
C ASN A 67 -4.64 -1.35 7.19
N LEU A 68 -3.60 -2.11 7.48
CA LEU A 68 -3.47 -3.45 6.95
C LEU A 68 -3.82 -4.50 7.97
N GLU A 69 -4.15 -5.66 7.47
CA GLU A 69 -4.48 -6.78 8.29
C GLU A 69 -3.77 -8.01 7.77
N TRP A 70 -2.80 -8.45 8.50
CA TRP A 70 -1.98 -9.58 8.11
C TRP A 70 -2.65 -10.86 8.54
N GLY A 71 -2.70 -11.82 7.64
CA GLY A 71 -3.29 -13.11 7.94
C GLY A 71 -2.41 -13.99 8.83
N PHE A 72 -2.50 -15.29 8.60
CA PHE A 72 -1.75 -16.33 9.35
C PHE A 72 -0.25 -16.24 9.06
N SER A 73 0.08 -15.35 8.15
CA SER A 73 1.41 -15.06 7.65
C SER A 73 2.47 -15.04 8.75
N GLY A 74 2.18 -14.41 9.89
CA GLY A 74 3.18 -14.33 10.94
C GLY A 74 4.36 -13.48 10.55
N LYS A 75 4.08 -12.36 9.88
CA LYS A 75 5.12 -11.50 9.33
C LYS A 75 6.12 -11.03 10.41
N PRO A 76 7.38 -10.84 10.02
CA PRO A 76 8.43 -10.41 10.92
C PRO A 76 8.16 -9.08 11.65
N ARG A 77 8.50 -9.08 12.91
CA ARG A 77 8.50 -7.90 13.75
C ARG A 77 9.80 -7.16 13.47
N GLY A 78 9.85 -5.89 13.74
CA GLY A 78 11.06 -5.15 13.52
C GLY A 78 11.11 -4.49 12.17
N LEU A 79 9.97 -4.40 11.53
CA LEU A 79 9.86 -3.72 10.28
C LEU A 79 9.20 -2.40 10.50
N THR A 80 9.39 -1.50 9.60
CA THR A 80 8.80 -0.21 9.71
C THR A 80 8.11 0.15 8.41
N PHE A 81 6.82 0.32 8.48
CA PHE A 81 6.02 0.63 7.33
C PHE A 81 5.72 2.10 7.34
N GLU A 82 6.39 2.86 6.51
CA GLU A 82 6.16 4.27 6.49
C GLU A 82 5.21 4.58 5.37
N PHE A 83 4.17 5.29 5.66
CA PHE A 83 3.21 5.63 4.67
C PHE A 83 3.74 6.80 3.85
N LEU A 84 3.97 6.55 2.59
CA LEU A 84 4.46 7.58 1.71
C LEU A 84 3.30 8.41 1.25
N TRP A 85 2.36 7.77 0.61
CA TRP A 85 1.19 8.44 0.05
C TRP A 85 0.26 7.41 -0.48
N ASP A 86 -0.88 7.81 -0.94
CA ASP A 86 -1.77 6.90 -1.58
C ASP A 86 -2.09 7.43 -2.94
N LYS A 87 -2.08 6.57 -3.91
CA LYS A 87 -2.14 6.96 -5.30
C LYS A 87 -3.11 6.07 -6.04
N GLU A 88 -3.76 6.62 -7.04
CA GLU A 88 -4.69 5.85 -7.85
C GLU A 88 -3.95 4.85 -8.72
N ALA A 89 -4.65 3.84 -9.10
CA ALA A 89 -4.13 2.80 -9.94
C ALA A 89 -4.15 3.24 -11.40
N ALA A 90 -3.58 2.44 -12.27
CA ALA A 90 -3.54 2.72 -13.70
C ALA A 90 -4.92 2.50 -14.33
N ALA A 91 -5.03 2.64 -15.66
CA ALA A 91 -6.31 2.49 -16.36
C ALA A 91 -6.85 1.05 -16.26
N ASP A 92 -5.94 0.15 -15.98
CA ASP A 92 -6.26 -1.25 -15.81
C ASP A 92 -6.80 -1.55 -14.41
N GLY A 93 -6.54 -0.66 -13.47
CA GLY A 93 -7.02 -0.83 -12.12
C GLY A 93 -5.98 -1.47 -11.20
N THR A 94 -4.74 -1.57 -11.66
CA THR A 94 -3.68 -2.13 -10.86
C THR A 94 -2.64 -1.06 -10.53
N CYS A 95 -2.01 -1.19 -9.40
CA CYS A 95 -0.95 -0.31 -8.99
C CYS A 95 0.40 -0.94 -9.27
N ASN A 5 -3.79 -23.81 20.95
CA ASN A 5 -5.23 -23.71 20.71
C ASN A 5 -5.56 -22.51 19.85
N ASN A 6 -5.35 -21.33 20.36
CA ASN A 6 -5.61 -20.12 19.62
C ASN A 6 -4.30 -19.61 19.07
N VAL A 7 -4.29 -19.24 17.82
CA VAL A 7 -3.12 -18.73 17.20
C VAL A 7 -3.21 -17.22 17.16
N MET A 8 -2.64 -16.60 18.13
CA MET A 8 -2.62 -15.17 18.21
C MET A 8 -1.22 -14.71 18.50
N ALA A 9 -0.82 -13.66 17.87
CA ALA A 9 0.49 -13.10 18.09
C ALA A 9 0.33 -11.70 18.59
N SER A 10 1.04 -11.39 19.66
CA SER A 10 1.00 -10.08 20.22
C SER A 10 1.80 -9.15 19.35
N SER A 11 1.13 -8.36 18.57
CA SER A 11 1.76 -7.48 17.65
C SER A 11 2.40 -6.32 18.36
N SER A 12 3.70 -6.36 18.51
CA SER A 12 4.44 -5.27 19.06
C SER A 12 4.72 -4.27 17.95
N SER A 13 3.65 -3.74 17.44
CA SER A 13 3.64 -2.82 16.38
C SER A 13 2.53 -1.83 16.68
N ASP A 14 2.91 -0.65 17.13
CA ASP A 14 1.95 0.38 17.49
C ASP A 14 1.14 0.81 16.30
N THR A 15 -0.15 0.62 16.38
CA THR A 15 -1.03 1.00 15.30
C THR A 15 -1.56 2.41 15.52
N ASP A 16 -0.95 3.14 16.43
CA ASP A 16 -1.31 4.51 16.66
C ASP A 16 -0.75 5.36 15.57
N SER A 17 -1.64 5.79 14.78
CA SER A 17 -1.36 6.55 13.61
C SER A 17 -2.64 7.21 13.13
N ASP A 18 -2.51 8.28 12.35
CA ASP A 18 -3.69 8.94 11.81
C ASP A 18 -4.22 8.14 10.65
N SER A 19 -3.29 7.43 10.06
CA SER A 19 -3.52 6.53 8.95
C SER A 19 -4.21 7.18 7.76
N SER A 20 -3.39 7.85 6.94
CA SER A 20 -3.79 8.47 5.68
C SER A 20 -4.58 9.78 5.89
N PRO A 21 -4.29 10.83 5.07
CA PRO A 21 -5.02 12.10 5.15
C PRO A 21 -6.51 11.85 4.97
N ASP A 22 -6.86 11.24 3.86
CA ASP A 22 -8.23 10.87 3.63
C ASP A 22 -8.36 9.39 3.84
N ARG A 23 -9.03 9.02 4.90
CA ARG A 23 -9.13 7.64 5.31
C ARG A 23 -9.83 6.72 4.30
N GLY A 24 -11.01 7.10 3.89
CA GLY A 24 -11.73 6.30 2.94
C GLY A 24 -12.51 7.14 1.97
N LEU A 25 -11.90 8.23 1.55
CA LEU A 25 -12.53 9.14 0.60
C LEU A 25 -11.95 8.93 -0.78
N SER A 26 -11.15 7.89 -0.90
CA SER A 26 -10.46 7.54 -2.10
C SER A 26 -10.00 6.10 -1.98
N ARG A 27 -10.55 5.22 -2.78
CA ARG A 27 -10.19 3.77 -2.83
C ARG A 27 -8.83 3.56 -3.54
N MET A 28 -8.03 4.57 -3.51
CA MET A 28 -6.75 4.61 -4.17
C MET A 28 -5.70 3.89 -3.33
N CYS A 29 -4.66 3.43 -3.95
CA CYS A 29 -3.69 2.62 -3.29
C CYS A 29 -2.83 3.37 -2.32
N CYS A 30 -2.55 2.70 -1.26
CA CYS A 30 -1.74 3.19 -0.22
C CYS A 30 -0.30 2.84 -0.54
N VAL A 31 0.49 3.83 -0.81
CA VAL A 31 1.87 3.65 -1.12
C VAL A 31 2.67 3.84 0.13
N TYR A 32 3.30 2.77 0.56
CA TYR A 32 4.12 2.71 1.74
C TYR A 32 5.56 2.49 1.40
N LYS A 33 6.40 2.87 2.30
CA LYS A 33 7.80 2.62 2.20
C LYS A 33 8.16 1.69 3.33
N ILE A 34 8.68 0.56 2.98
CA ILE A 34 9.00 -0.50 3.89
C ILE A 34 10.40 -0.34 4.41
N HIS A 35 10.48 -0.16 5.69
CA HIS A 35 11.73 -0.07 6.38
C HIS A 35 11.85 -1.25 7.32
N PRO A 36 13.06 -1.79 7.54
CA PRO A 36 14.27 -1.31 6.88
C PRO A 36 14.36 -1.75 5.43
N GLY A 37 15.25 -1.16 4.72
CA GLY A 37 15.43 -1.45 3.34
C GLY A 37 15.06 -0.29 2.46
N GLY A 38 14.03 0.44 2.86
CA GLY A 38 13.57 1.60 2.12
C GLY A 38 12.95 1.20 0.81
N ASN A 39 12.18 0.14 0.85
CA ASN A 39 11.57 -0.43 -0.33
C ASN A 39 10.16 0.13 -0.53
N ILE A 40 9.78 0.42 -1.73
CA ILE A 40 8.45 0.97 -2.00
C ILE A 40 7.46 -0.17 -2.24
N TRP A 41 6.37 -0.15 -1.51
CA TRP A 41 5.35 -1.18 -1.65
C TRP A 41 3.98 -0.52 -1.62
N SER A 42 3.21 -0.71 -2.66
CA SER A 42 1.91 -0.10 -2.76
C SER A 42 0.82 -1.16 -2.75
N THR A 43 -0.18 -0.96 -1.96
CA THR A 43 -1.30 -1.87 -1.88
C THR A 43 -2.60 -1.08 -1.95
N LYS A 44 -3.52 -1.53 -2.72
CA LYS A 44 -4.76 -0.84 -2.88
C LYS A 44 -5.70 -1.16 -1.75
N LYS A 45 -6.24 -0.12 -1.12
CA LYS A 45 -7.19 -0.34 -0.06
C LYS A 45 -8.42 -1.05 -0.63
N GLY A 46 -8.69 -2.21 -0.10
CA GLY A 46 -9.75 -3.02 -0.61
C GLY A 46 -9.23 -4.22 -1.38
N GLU A 47 -7.92 -4.33 -1.57
CA GLU A 47 -7.39 -5.52 -2.23
C GLU A 47 -6.61 -6.35 -1.23
N GLN A 48 -6.58 -7.64 -1.44
CA GLN A 48 -5.72 -8.49 -0.68
C GLN A 48 -4.42 -8.60 -1.45
N ALA A 49 -3.34 -8.48 -0.77
CA ALA A 49 -2.05 -8.46 -1.40
C ALA A 49 -1.10 -9.38 -0.67
N TRP A 50 0.02 -9.60 -1.27
CA TRP A 50 1.03 -10.43 -0.69
C TRP A 50 2.31 -9.67 -0.64
N PHE A 51 2.85 -9.55 0.53
CA PHE A 51 4.09 -8.88 0.72
C PHE A 51 5.19 -9.84 0.38
N ARG A 52 5.96 -9.53 -0.61
CA ARG A 52 7.03 -10.36 -1.04
C ARG A 52 8.28 -9.98 -0.31
N ARG A 53 8.77 -10.90 0.43
CA ARG A 53 10.00 -10.73 1.11
C ARG A 53 11.04 -11.51 0.30
N ARG A 54 12.30 -11.31 0.58
CA ARG A 54 13.41 -11.96 -0.13
C ARG A 54 13.25 -13.49 -0.29
N PHE A 55 12.76 -14.16 0.74
CA PHE A 55 12.55 -15.61 0.70
C PHE A 55 11.23 -15.98 1.39
N SER A 56 10.26 -15.09 1.35
CA SER A 56 8.99 -15.34 2.01
C SER A 56 7.89 -14.49 1.35
N LYS A 57 6.65 -14.86 1.57
CA LYS A 57 5.53 -14.07 1.11
C LYS A 57 4.49 -14.04 2.20
N TYR A 58 3.86 -12.90 2.38
CA TYR A 58 2.91 -12.76 3.48
C TYR A 58 1.58 -12.20 3.01
N GLU A 59 0.53 -12.96 3.26
CA GLU A 59 -0.85 -12.57 2.95
C GLU A 59 -1.30 -11.40 3.84
N VAL A 60 -1.72 -10.33 3.23
CA VAL A 60 -2.18 -9.16 3.93
C VAL A 60 -3.23 -8.42 3.10
N MET A 61 -4.20 -7.83 3.75
CA MET A 61 -5.20 -7.05 3.04
C MET A 61 -5.23 -5.65 3.59
N ALA A 62 -5.33 -4.70 2.73
CA ALA A 62 -5.37 -3.30 3.13
C ALA A 62 -6.82 -2.86 3.25
N TYR A 63 -7.17 -2.30 4.38
CA TYR A 63 -8.50 -1.74 4.57
C TYR A 63 -8.43 -0.24 4.36
N ASP A 64 -9.57 0.45 4.50
CA ASP A 64 -9.55 1.90 4.44
C ASP A 64 -8.78 2.41 5.64
N ARG A 65 -8.27 3.62 5.52
CA ARG A 65 -7.28 4.24 6.45
C ARG A 65 -5.89 3.73 6.08
N CYS A 66 -5.86 2.69 5.24
CA CYS A 66 -4.64 2.03 4.78
C CYS A 66 -4.03 1.15 5.85
N ASN A 67 -4.85 0.79 6.82
CA ASN A 67 -4.46 -0.11 7.89
C ASN A 67 -4.41 -1.51 7.31
N LEU A 68 -3.32 -2.20 7.49
CA LEU A 68 -3.20 -3.51 6.94
C LEU A 68 -3.54 -4.59 7.91
N GLU A 69 -4.12 -5.62 7.37
CA GLU A 69 -4.53 -6.77 8.12
C GLU A 69 -3.75 -7.97 7.63
N TRP A 70 -2.81 -8.38 8.41
CA TRP A 70 -2.00 -9.52 8.09
C TRP A 70 -2.73 -10.75 8.53
N GLY A 71 -2.82 -11.68 7.62
CA GLY A 71 -3.48 -12.92 7.89
C GLY A 71 -2.68 -13.83 8.79
N PHE A 72 -2.82 -15.11 8.54
CA PHE A 72 -2.14 -16.16 9.30
C PHE A 72 -0.62 -16.14 9.02
N SER A 73 -0.25 -15.28 8.09
CA SER A 73 1.11 -15.03 7.70
C SER A 73 2.01 -14.72 8.90
N GLY A 74 1.53 -13.86 9.78
CA GLY A 74 2.29 -13.55 10.99
C GLY A 74 3.64 -12.90 10.70
N LYS A 75 3.67 -11.94 9.75
CA LYS A 75 4.92 -11.35 9.25
C LYS A 75 5.86 -10.82 10.40
N PRO A 76 7.18 -10.84 10.14
CA PRO A 76 8.20 -10.43 11.11
C PRO A 76 8.04 -9.01 11.68
N ARG A 77 8.35 -8.90 12.95
CA ARG A 77 8.40 -7.63 13.63
C ARG A 77 9.73 -6.99 13.37
N GLY A 78 9.79 -5.70 13.52
CA GLY A 78 11.02 -4.99 13.29
C GLY A 78 10.94 -4.17 12.04
N LEU A 79 9.82 -4.25 11.40
CA LEU A 79 9.56 -3.52 10.21
C LEU A 79 8.88 -2.22 10.57
N THR A 80 8.90 -1.33 9.66
CA THR A 80 8.28 -0.06 9.81
C THR A 80 7.63 0.29 8.48
N PHE A 81 6.35 0.57 8.54
CA PHE A 81 5.60 0.85 7.35
C PHE A 81 5.30 2.33 7.33
N GLU A 82 5.98 3.06 6.51
CA GLU A 82 5.72 4.47 6.43
C GLU A 82 4.81 4.75 5.29
N PHE A 83 3.72 5.41 5.56
CA PHE A 83 2.81 5.78 4.53
C PHE A 83 3.40 6.95 3.76
N LEU A 84 3.63 6.73 2.50
CA LEU A 84 4.16 7.76 1.65
C LEU A 84 3.04 8.59 1.12
N TRP A 85 2.14 7.94 0.38
CA TRP A 85 1.04 8.68 -0.23
C TRP A 85 -0.05 7.76 -0.74
N ASP A 86 -1.13 8.36 -1.13
CA ASP A 86 -2.26 7.67 -1.72
C ASP A 86 -2.20 7.93 -3.22
N LYS A 87 -2.27 6.89 -4.01
CA LYS A 87 -2.03 6.99 -5.45
C LYS A 87 -3.04 6.16 -6.25
N GLU A 88 -3.28 6.53 -7.49
CA GLU A 88 -4.13 5.72 -8.34
C GLU A 88 -3.32 4.64 -9.02
N ALA A 89 -3.98 3.57 -9.37
CA ALA A 89 -3.34 2.44 -9.99
C ALA A 89 -3.39 2.56 -11.50
N ALA A 90 -2.69 1.68 -12.18
CA ALA A 90 -2.67 1.67 -13.63
C ALA A 90 -4.00 1.13 -14.14
N ALA A 91 -4.16 1.06 -15.44
CA ALA A 91 -5.41 0.60 -16.05
C ALA A 91 -5.67 -0.86 -15.72
N ASP A 92 -4.61 -1.59 -15.39
CA ASP A 92 -4.71 -2.99 -15.00
C ASP A 92 -5.12 -3.14 -13.53
N GLY A 93 -5.04 -2.06 -12.79
CA GLY A 93 -5.44 -2.08 -11.40
C GLY A 93 -4.28 -2.23 -10.43
N THR A 94 -3.07 -2.26 -10.94
CA THR A 94 -1.92 -2.42 -10.07
C THR A 94 -1.17 -1.12 -9.88
N CYS A 95 -0.63 -0.93 -8.70
CA CYS A 95 0.21 0.19 -8.43
C CYS A 95 1.64 -0.29 -8.42
N ASN A 5 17.75 14.36 26.93
CA ASN A 5 18.81 14.35 27.95
C ASN A 5 18.66 15.57 28.86
N ASN A 6 18.30 16.71 28.27
CA ASN A 6 18.21 17.99 29.00
C ASN A 6 17.12 17.95 30.06
N VAL A 7 16.04 17.23 29.78
CA VAL A 7 14.91 17.08 30.69
C VAL A 7 14.16 18.41 30.88
N MET A 8 13.30 18.68 29.94
CA MET A 8 12.41 19.82 29.97
C MET A 8 11.05 19.33 29.59
N ALA A 9 10.96 18.91 28.34
CA ALA A 9 9.76 18.37 27.74
C ALA A 9 10.12 17.82 26.37
N SER A 10 9.84 16.57 26.14
CA SER A 10 10.09 15.99 24.85
C SER A 10 8.99 16.45 23.89
N SER A 11 9.39 17.17 22.84
CA SER A 11 8.46 17.73 21.86
C SER A 11 7.54 16.67 21.30
N SER A 12 6.29 16.79 21.62
CA SER A 12 5.32 15.81 21.26
C SER A 12 4.64 16.15 19.94
N SER A 13 5.11 15.54 18.88
CA SER A 13 4.49 15.69 17.60
C SER A 13 3.88 14.35 17.22
N ASP A 14 2.58 14.27 17.27
CA ASP A 14 1.92 13.02 16.97
C ASP A 14 1.08 13.18 15.71
N THR A 15 0.94 12.11 15.00
CA THR A 15 0.25 12.11 13.76
C THR A 15 -0.83 11.03 13.77
N ASP A 16 -2.04 11.45 14.01
CA ASP A 16 -3.17 10.54 14.08
C ASP A 16 -4.00 10.72 12.84
N SER A 17 -4.84 9.76 12.55
CA SER A 17 -5.65 9.87 11.39
C SER A 17 -7.11 9.98 11.77
N ASP A 18 -7.59 11.19 11.88
CA ASP A 18 -9.01 11.40 12.05
C ASP A 18 -9.62 11.43 10.69
N SER A 19 -10.20 10.35 10.30
CA SER A 19 -10.77 10.22 9.00
C SER A 19 -11.88 9.22 9.05
N SER A 20 -12.69 9.20 8.05
CA SER A 20 -13.71 8.22 7.94
C SER A 20 -13.03 6.89 7.64
N PRO A 21 -13.52 5.78 8.20
CA PRO A 21 -12.94 4.47 7.92
C PRO A 21 -13.03 4.15 6.44
N ASP A 22 -14.24 3.96 5.94
CA ASP A 22 -14.41 3.66 4.54
C ASP A 22 -14.30 4.90 3.71
N ARG A 23 -13.11 5.22 3.40
CA ARG A 23 -12.85 6.28 2.46
C ARG A 23 -12.94 5.65 1.10
N GLY A 24 -12.33 4.47 1.00
CA GLY A 24 -12.29 3.71 -0.23
C GLY A 24 -11.38 4.34 -1.25
N LEU A 25 -11.85 5.45 -1.76
CA LEU A 25 -11.21 6.28 -2.73
C LEU A 25 -10.81 5.54 -3.98
N SER A 26 -11.81 5.18 -4.76
CA SER A 26 -11.67 4.56 -6.09
C SER A 26 -10.75 3.32 -6.11
N ARG A 27 -10.66 2.61 -4.97
CA ARG A 27 -9.80 1.44 -4.83
C ARG A 27 -8.31 1.78 -5.09
N MET A 28 -7.93 3.01 -4.73
CA MET A 28 -6.55 3.52 -4.80
C MET A 28 -5.59 2.70 -3.94
N CYS A 29 -4.34 2.77 -4.26
CA CYS A 29 -3.34 1.99 -3.63
C CYS A 29 -2.49 2.81 -2.64
N CYS A 30 -2.47 2.37 -1.38
CA CYS A 30 -1.63 2.99 -0.38
C CYS A 30 -0.20 2.49 -0.46
N VAL A 31 0.69 3.42 -0.71
CA VAL A 31 2.08 3.18 -0.91
C VAL A 31 2.85 3.46 0.37
N TYR A 32 3.52 2.44 0.85
CA TYR A 32 4.31 2.47 2.06
C TYR A 32 5.77 2.20 1.75
N LYS A 33 6.61 2.52 2.68
CA LYS A 33 8.01 2.26 2.56
C LYS A 33 8.41 1.30 3.66
N ILE A 34 9.08 0.26 3.27
CA ILE A 34 9.48 -0.80 4.16
C ILE A 34 10.91 -0.62 4.59
N HIS A 35 11.09 -0.53 5.87
CA HIS A 35 12.41 -0.48 6.45
C HIS A 35 12.63 -1.80 7.17
N PRO A 36 13.82 -2.39 7.12
CA PRO A 36 14.97 -1.85 6.40
C PRO A 36 14.96 -2.19 4.91
N GLY A 37 15.80 -1.54 4.17
CA GLY A 37 15.90 -1.75 2.77
C GLY A 37 15.40 -0.56 2.01
N GLY A 38 14.35 0.04 2.54
CA GLY A 38 13.76 1.20 1.91
C GLY A 38 12.96 0.78 0.72
N ASN A 39 12.31 -0.34 0.85
CA ASN A 39 11.58 -0.93 -0.24
C ASN A 39 10.21 -0.32 -0.30
N ILE A 40 9.86 0.24 -1.43
CA ILE A 40 8.57 0.86 -1.59
C ILE A 40 7.54 -0.20 -1.98
N TRP A 41 6.68 -0.51 -1.06
CA TRP A 41 5.67 -1.52 -1.25
C TRP A 41 4.30 -0.88 -1.15
N SER A 42 3.46 -1.20 -2.07
CA SER A 42 2.18 -0.61 -2.11
C SER A 42 1.07 -1.68 -2.08
N THR A 43 -0.05 -1.35 -1.47
CA THR A 43 -1.17 -2.24 -1.37
C THR A 43 -2.49 -1.52 -1.72
N LYS A 44 -3.35 -2.20 -2.44
CA LYS A 44 -4.60 -1.64 -2.92
C LYS A 44 -5.67 -1.68 -1.82
N LYS A 45 -6.21 -0.50 -1.49
CA LYS A 45 -7.24 -0.36 -0.44
C LYS A 45 -8.45 -1.22 -0.79
N GLY A 46 -8.75 -2.17 0.04
CA GLY A 46 -9.90 -2.97 -0.18
C GLY A 46 -9.57 -4.35 -0.70
N GLU A 47 -8.33 -4.57 -1.07
CA GLU A 47 -7.94 -5.87 -1.52
C GLU A 47 -6.88 -6.49 -0.66
N GLN A 48 -6.84 -7.79 -0.72
CA GLN A 48 -5.83 -8.53 -0.10
C GLN A 48 -4.61 -8.53 -1.00
N ALA A 49 -3.50 -8.23 -0.44
CA ALA A 49 -2.29 -8.14 -1.14
C ALA A 49 -1.29 -9.04 -0.48
N TRP A 50 -0.20 -9.23 -1.11
CA TRP A 50 0.82 -10.01 -0.57
C TRP A 50 2.06 -9.20 -0.45
N PHE A 51 2.62 -9.21 0.71
CA PHE A 51 3.81 -8.52 0.94
C PHE A 51 4.96 -9.37 0.49
N ARG A 52 5.44 -9.06 -0.68
CA ARG A 52 6.59 -9.69 -1.20
C ARG A 52 7.82 -9.06 -0.59
N ARG A 53 8.37 -9.75 0.36
CA ARG A 53 9.56 -9.33 1.03
C ARG A 53 10.73 -9.85 0.20
N ARG A 54 11.95 -9.46 0.56
CA ARG A 54 13.21 -9.88 -0.10
C ARG A 54 13.16 -11.29 -0.72
N PHE A 55 12.77 -12.29 0.07
CA PHE A 55 12.66 -13.66 -0.40
C PHE A 55 11.47 -14.33 0.28
N SER A 56 10.45 -13.54 0.60
CA SER A 56 9.29 -14.06 1.32
C SER A 56 8.02 -13.44 0.73
N LYS A 57 6.87 -13.95 1.11
CA LYS A 57 5.58 -13.37 0.71
C LYS A 57 4.56 -13.60 1.82
N TYR A 58 3.83 -12.56 2.17
CA TYR A 58 2.89 -12.63 3.30
C TYR A 58 1.53 -12.09 2.90
N GLU A 59 0.49 -12.85 3.19
CA GLU A 59 -0.88 -12.39 2.97
C GLU A 59 -1.25 -11.27 3.95
N VAL A 60 -1.72 -10.18 3.41
CA VAL A 60 -2.16 -9.07 4.19
C VAL A 60 -3.25 -8.31 3.43
N MET A 61 -4.28 -7.93 4.10
CA MET A 61 -5.32 -7.18 3.44
C MET A 61 -5.31 -5.74 3.91
N ALA A 62 -5.36 -4.84 2.96
CA ALA A 62 -5.36 -3.43 3.26
C ALA A 62 -6.78 -2.94 3.27
N TYR A 63 -7.18 -2.38 4.36
CA TYR A 63 -8.50 -1.83 4.51
C TYR A 63 -8.62 -0.50 3.77
N ASP A 64 -9.82 0.00 3.77
CA ASP A 64 -10.21 1.30 3.21
C ASP A 64 -9.32 2.47 3.69
N ARG A 65 -9.13 2.58 4.99
CA ARG A 65 -8.25 3.61 5.58
C ARG A 65 -6.75 3.16 5.48
N CYS A 66 -6.51 2.10 4.73
CA CYS A 66 -5.17 1.55 4.46
C CYS A 66 -4.55 0.82 5.64
N ASN A 67 -5.38 0.57 6.63
CA ASN A 67 -5.01 -0.26 7.77
C ASN A 67 -4.76 -1.67 7.28
N LEU A 68 -3.64 -2.22 7.58
CA LEU A 68 -3.35 -3.54 7.12
C LEU A 68 -3.67 -4.58 8.15
N GLU A 69 -4.00 -5.73 7.68
CA GLU A 69 -4.33 -6.84 8.52
C GLU A 69 -3.61 -8.06 7.98
N TRP A 70 -2.64 -8.50 8.71
CA TRP A 70 -1.81 -9.61 8.30
C TRP A 70 -2.44 -10.90 8.67
N GLY A 71 -2.58 -11.74 7.69
CA GLY A 71 -3.20 -13.02 7.87
C GLY A 71 -2.29 -14.03 8.53
N PHE A 72 -2.46 -15.26 8.14
CA PHE A 72 -1.79 -16.40 8.69
C PHE A 72 -0.33 -16.50 8.28
N SER A 73 0.05 -15.58 7.44
CA SER A 73 1.38 -15.42 6.92
C SER A 73 2.44 -15.38 8.02
N GLY A 74 2.13 -14.68 9.10
CA GLY A 74 3.04 -14.65 10.23
C GLY A 74 4.18 -13.69 10.01
N LYS A 75 3.88 -12.53 9.43
CA LYS A 75 4.90 -11.53 9.13
C LYS A 75 5.73 -11.10 10.37
N PRO A 76 7.04 -10.95 10.18
CA PRO A 76 7.98 -10.62 11.26
C PRO A 76 7.88 -9.18 11.79
N ARG A 77 8.16 -9.03 13.07
CA ARG A 77 8.31 -7.74 13.71
C ARG A 77 9.69 -7.21 13.40
N GLY A 78 9.87 -5.93 13.47
CA GLY A 78 11.18 -5.37 13.23
C GLY A 78 11.25 -4.70 11.89
N LEU A 79 10.13 -4.64 11.24
CA LEU A 79 10.02 -3.94 10.00
C LEU A 79 9.26 -2.68 10.25
N THR A 80 9.54 -1.70 9.49
CA THR A 80 8.87 -0.45 9.66
C THR A 80 8.07 -0.15 8.44
N PHE A 81 6.80 0.10 8.64
CA PHE A 81 5.93 0.47 7.57
C PHE A 81 5.65 1.95 7.68
N GLU A 82 6.27 2.70 6.82
CA GLU A 82 6.13 4.13 6.81
C GLU A 82 5.20 4.49 5.66
N PHE A 83 4.12 5.16 5.94
CA PHE A 83 3.19 5.53 4.91
C PHE A 83 3.78 6.65 4.05
N LEU A 84 3.90 6.40 2.78
CA LEU A 84 4.42 7.41 1.90
C LEU A 84 3.29 8.25 1.36
N TRP A 85 2.38 7.61 0.65
CA TRP A 85 1.27 8.28 0.00
C TRP A 85 0.35 7.25 -0.58
N ASP A 86 -0.73 7.67 -1.16
CA ASP A 86 -1.58 6.75 -1.86
C ASP A 86 -1.72 7.17 -3.30
N LYS A 87 -1.49 6.25 -4.16
CA LYS A 87 -1.44 6.46 -5.58
C LYS A 87 -2.59 5.67 -6.20
N GLU A 88 -2.96 6.00 -7.41
CA GLU A 88 -3.99 5.24 -8.06
C GLU A 88 -3.38 4.01 -8.73
N ALA A 89 -4.21 3.06 -9.02
CA ALA A 89 -3.78 1.83 -9.67
C ALA A 89 -3.59 2.10 -11.17
N ALA A 90 -3.11 1.12 -11.89
CA ALA A 90 -2.91 1.27 -13.32
C ALA A 90 -4.24 1.15 -14.03
N ALA A 91 -4.25 1.21 -15.36
CA ALA A 91 -5.49 1.13 -16.13
C ALA A 91 -6.11 -0.26 -16.00
N ASP A 92 -5.27 -1.22 -15.66
CA ASP A 92 -5.68 -2.59 -15.41
C ASP A 92 -6.32 -2.73 -14.03
N GLY A 93 -6.14 -1.71 -13.20
CA GLY A 93 -6.76 -1.70 -11.89
C GLY A 93 -5.87 -2.26 -10.79
N THR A 94 -4.68 -2.71 -11.12
CA THR A 94 -3.82 -3.32 -10.13
C THR A 94 -2.76 -2.31 -9.71
N CYS A 95 -2.20 -2.52 -8.56
CA CYS A 95 -1.16 -1.66 -8.07
C CYS A 95 0.18 -2.37 -8.23
#